data_4AH6
#
_entry.id   4AH6
#
_cell.length_a   142.400
_cell.length_b   82.600
_cell.length_c   146.300
_cell.angle_alpha   90.00
_cell.angle_beta   100.40
_cell.angle_gamma   90.00
#
_symmetry.space_group_name_H-M   'P 1 2 1'
#
_entity_poly.entity_id   1
_entity_poly.type   'polypeptide(L)'
_entity_poly.pdbx_seq_one_letter_code
;MIPEFSSFVVRTNTCGELRSSHLGQEVTLCGWIQYRRQNTFLVLRDFDGLVQVIIPQDESAASVKKILCEAPVESVVQVS
GTVISRPAGQENPKMPTGEIEIKVKTAELLNACKKLPFEIKNFVKKTEALRLQYRYLDLRSFQMQYNLRLRSQMVMKMRE
YLCNLHGFVDIETPTLFKRTPGGAKEFLVPSREPGKFYSLPQSPQQFKQLLMVGGLDRYFQVARCYRDEGSRPDRQPEFT
QIDIEMSFVDQTGIQSLIEGLLQYSWPNDKDPVVVPFPTMTFAEVLATYGTDKPDTRFGMKIIDISDVFRNTEIGFLQDA
LSKPHGTVKAICIPEGAKYLKRKDIESIRNFAADHFNQEILPVFLNANRNWNSPVANFIMESQRLELIRLMETQEEDVVL
LTAGEHNKACSLLGKLRLECADLLETRGVVLRDPTLFSFLWVVDFPLFLPKEENPRELESAHHPFTAPHPSDIHLLYTEP
KKARSQHYDLVLNGNEIGGGSIRIHNAELQRYILATLLKEDVKMLSHLLQALDYGAPPHGGIALGLDRLICLVTGSPSIR
DVIAFPKSFRGHDLMSNTPDSVPPEELKPYHIRVSKPTDSKAERAHVMYLEHHHHHH
;
_entity_poly.pdbx_strand_id   A,B,C,D
#
# COMPACT_ATOMS: atom_id res chain seq x y z
N PRO A 3 -17.02 -32.77 -24.13
CA PRO A 3 -17.54 -31.85 -23.11
C PRO A 3 -18.41 -30.78 -23.73
N GLU A 4 -19.71 -30.84 -23.47
CA GLU A 4 -20.68 -29.89 -24.02
C GLU A 4 -20.40 -28.50 -23.48
N PHE A 5 -19.91 -28.45 -22.25
CA PHE A 5 -19.75 -27.21 -21.50
C PHE A 5 -21.01 -26.38 -21.45
N SER A 6 -20.96 -25.13 -21.92
CA SER A 6 -22.13 -24.28 -21.77
C SER A 6 -23.23 -24.84 -22.66
N SER A 7 -24.33 -25.22 -22.00
CA SER A 7 -25.43 -25.98 -22.58
C SER A 7 -26.42 -26.18 -21.45
N PHE A 8 -27.67 -26.50 -21.82
CA PHE A 8 -28.79 -26.54 -20.88
C PHE A 8 -29.02 -25.17 -20.25
N VAL A 9 -28.53 -24.12 -20.89
CA VAL A 9 -28.65 -22.78 -20.33
C VAL A 9 -28.95 -21.82 -21.46
N VAL A 10 -29.35 -20.60 -21.11
CA VAL A 10 -29.50 -19.62 -22.15
C VAL A 10 -28.13 -18.96 -22.22
N ARG A 11 -27.40 -19.39 -23.26
CA ARG A 11 -26.08 -18.91 -23.59
C ARG A 11 -25.64 -19.84 -24.69
N THR A 12 -24.67 -19.43 -25.47
CA THR A 12 -23.95 -20.33 -26.34
C THR A 12 -22.51 -19.91 -26.23
N ASN A 13 -21.58 -20.85 -26.27
CA ASN A 13 -20.18 -20.47 -26.35
C ASN A 13 -19.64 -19.66 -25.16
N THR A 14 -19.27 -20.36 -24.10
CA THR A 14 -18.64 -19.73 -22.94
C THR A 14 -17.54 -18.77 -23.37
N CYS A 15 -17.43 -17.66 -22.66
CA CYS A 15 -16.66 -16.49 -23.11
C CYS A 15 -15.30 -16.80 -23.72
N GLY A 16 -14.53 -17.66 -23.08
CA GLY A 16 -13.16 -17.92 -23.50
C GLY A 16 -12.95 -18.86 -24.67
N GLU A 17 -14.01 -19.52 -25.11
CA GLU A 17 -13.85 -20.52 -26.16
C GLU A 17 -13.83 -19.91 -27.57
N LEU A 18 -14.25 -18.66 -27.70
CA LEU A 18 -14.38 -18.03 -29.01
C LEU A 18 -13.03 -17.85 -29.70
N ARG A 19 -12.94 -18.31 -30.94
CA ARG A 19 -11.72 -18.17 -31.74
C ARG A 19 -12.10 -17.76 -33.16
N SER A 20 -11.12 -17.74 -34.06
CA SER A 20 -11.37 -17.32 -35.44
C SER A 20 -12.38 -18.22 -36.14
N SER A 21 -12.43 -19.48 -35.72
CA SER A 21 -13.41 -20.45 -36.24
C SER A 21 -14.84 -19.93 -36.10
N HIS A 22 -15.04 -19.09 -35.09
CA HIS A 22 -16.36 -18.57 -34.75
C HIS A 22 -16.69 -17.25 -35.45
N LEU A 23 -15.81 -16.82 -36.34
CA LEU A 23 -16.05 -15.59 -37.10
C LEU A 23 -17.41 -15.63 -37.80
N GLY A 24 -18.19 -14.57 -37.59
CA GLY A 24 -19.47 -14.42 -38.26
C GLY A 24 -20.62 -15.10 -37.57
N GLN A 25 -20.31 -16.06 -36.70
CA GLN A 25 -21.33 -16.81 -35.99
C GLN A 25 -22.09 -15.89 -35.04
N GLU A 26 -23.41 -15.96 -35.08
CA GLU A 26 -24.21 -15.25 -34.10
C GLU A 26 -24.05 -15.94 -32.76
N VAL A 27 -23.82 -15.17 -31.70
CA VAL A 27 -23.67 -15.75 -30.37
C VAL A 27 -24.22 -14.83 -29.31
N THR A 28 -24.81 -15.41 -28.28
CA THR A 28 -25.17 -14.65 -27.09
C THR A 28 -24.48 -15.27 -25.88
N LEU A 29 -23.54 -14.53 -25.31
CA LEU A 29 -22.76 -15.02 -24.18
C LEU A 29 -22.96 -14.13 -22.96
N CYS A 30 -22.88 -14.73 -21.77
CA CYS A 30 -23.02 -13.97 -20.54
C CYS A 30 -21.86 -14.24 -19.60
N GLY A 31 -21.50 -13.25 -18.79
CA GLY A 31 -20.33 -13.35 -17.95
C GLY A 31 -20.15 -12.17 -17.02
N TRP A 32 -18.92 -12.00 -16.53
CA TRP A 32 -18.60 -10.93 -15.58
C TRP A 32 -17.83 -9.80 -16.26
N ILE A 33 -17.99 -8.58 -15.78
CA ILE A 33 -17.25 -7.46 -16.33
C ILE A 33 -15.92 -7.27 -15.59
N GLN A 34 -14.83 -7.50 -16.31
CA GLN A 34 -13.51 -7.42 -15.71
C GLN A 34 -13.07 -5.96 -15.66
N TYR A 35 -12.90 -5.36 -16.84
CA TYR A 35 -12.56 -3.95 -16.94
C TYR A 35 -12.96 -3.37 -18.30
N ARG A 36 -12.95 -2.04 -18.41
CA ARG A 36 -13.29 -1.40 -19.67
C ARG A 36 -12.51 -0.09 -19.80
N ARG A 37 -12.31 0.38 -21.03
CA ARG A 37 -11.69 1.68 -21.24
C ARG A 37 -12.74 2.69 -21.70
N GLN A 38 -13.14 3.58 -20.79
CA GLN A 38 -14.08 4.66 -21.08
C GLN A 38 -15.29 4.25 -21.92
N ASN A 39 -15.51 4.92 -23.05
CA ASN A 39 -16.64 4.61 -23.90
C ASN A 39 -16.37 3.50 -24.93
N THR A 40 -15.10 3.15 -25.12
CA THR A 40 -14.72 2.24 -26.20
C THR A 40 -14.85 0.72 -25.96
N PHE A 41 -14.42 0.25 -24.80
CA PHE A 41 -14.15 -1.19 -24.62
C PHE A 41 -14.96 -1.89 -23.54
N LEU A 42 -15.01 -3.22 -23.64
CA LEU A 42 -15.50 -4.07 -22.56
C LEU A 42 -14.84 -5.44 -22.64
N VAL A 43 -14.52 -6.03 -21.49
CA VAL A 43 -14.04 -7.41 -21.49
C VAL A 43 -14.87 -8.30 -20.56
N LEU A 44 -15.56 -9.27 -21.17
CA LEU A 44 -16.34 -10.22 -20.43
C LEU A 44 -15.48 -11.40 -20.04
N ARG A 45 -15.71 -11.93 -18.85
CA ARG A 45 -14.95 -13.06 -18.36
C ARG A 45 -15.88 -14.14 -17.83
N ASP A 46 -15.76 -15.32 -18.40
CA ASP A 46 -16.40 -16.52 -17.88
C ASP A 46 -15.38 -17.20 -17.00
N PHE A 47 -15.73 -18.35 -16.44
CA PHE A 47 -14.79 -19.16 -15.69
C PHE A 47 -13.67 -19.60 -16.61
N ASP A 48 -13.96 -19.69 -17.89
CA ASP A 48 -13.07 -20.35 -18.83
C ASP A 48 -11.96 -19.41 -19.28
N GLY A 49 -12.28 -18.56 -20.26
CA GLY A 49 -11.41 -17.49 -20.69
C GLY A 49 -12.01 -16.12 -20.45
N LEU A 50 -11.57 -15.16 -21.26
CA LEU A 50 -12.28 -13.89 -21.37
C LEU A 50 -12.21 -13.33 -22.81
N VAL A 51 -13.26 -12.63 -23.21
CA VAL A 51 -13.38 -12.11 -24.58
C VAL A 51 -13.66 -10.60 -24.55
N GLN A 52 -13.40 -9.93 -25.67
CA GLN A 52 -13.47 -8.47 -25.76
C GLN A 52 -14.73 -8.00 -26.48
N VAL A 53 -15.57 -7.25 -25.76
CA VAL A 53 -16.83 -6.76 -26.30
C VAL A 53 -16.74 -5.28 -26.65
N ILE A 54 -17.04 -4.93 -27.90
CA ILE A 54 -16.94 -3.53 -28.30
C ILE A 54 -18.24 -2.75 -28.07
N ILE A 55 -18.16 -1.74 -27.22
CA ILE A 55 -19.34 -0.96 -26.86
C ILE A 55 -19.85 -0.26 -28.10
N PRO A 56 -21.06 -0.64 -28.55
CA PRO A 56 -21.59 -0.02 -29.76
C PRO A 56 -21.93 1.44 -29.50
N GLN A 57 -21.47 2.32 -30.40
CA GLN A 57 -21.81 3.73 -30.29
C GLN A 57 -22.62 4.16 -31.50
N ASP A 58 -23.91 4.41 -31.28
CA ASP A 58 -24.85 4.68 -32.37
C ASP A 58 -26.15 5.23 -31.79
N GLU A 59 -27.08 5.57 -32.68
CA GLU A 59 -28.39 6.06 -32.27
C GLU A 59 -29.31 4.91 -31.86
N SER A 60 -29.23 3.81 -32.60
CA SER A 60 -30.07 2.65 -32.33
C SER A 60 -29.54 1.83 -31.15
N ALA A 61 -28.23 1.83 -30.97
CA ALA A 61 -27.58 1.04 -29.93
C ALA A 61 -27.31 1.82 -28.64
N ALA A 62 -27.77 3.06 -28.57
CA ALA A 62 -27.50 3.94 -27.44
C ALA A 62 -28.11 3.43 -26.13
N SER A 63 -29.27 2.79 -26.22
CA SER A 63 -29.94 2.22 -25.04
C SER A 63 -29.15 1.03 -24.51
N VAL A 64 -28.40 0.38 -25.39
CA VAL A 64 -27.50 -0.72 -25.03
C VAL A 64 -26.21 -0.19 -24.40
N LYS A 65 -25.61 0.80 -25.07
CA LYS A 65 -24.41 1.45 -24.57
C LYS A 65 -24.65 2.03 -23.18
N LYS A 66 -25.88 2.45 -22.95
CA LYS A 66 -26.28 2.98 -21.64
C LYS A 66 -25.95 2.01 -20.53
N ILE A 67 -26.58 0.84 -20.55
CA ILE A 67 -26.39 -0.16 -19.49
C ILE A 67 -24.99 -0.78 -19.53
N LEU A 68 -24.46 -0.96 -20.73
CA LEU A 68 -23.13 -1.55 -20.92
C LEU A 68 -22.05 -0.67 -20.32
N CYS A 69 -22.28 0.64 -20.30
CA CYS A 69 -21.38 1.56 -19.61
C CYS A 69 -21.87 1.92 -18.18
N GLU A 70 -23.06 1.48 -17.82
CA GLU A 70 -23.60 1.75 -16.49
C GLU A 70 -23.29 0.63 -15.51
N ALA A 71 -22.83 -0.49 -16.04
CA ALA A 71 -22.46 -1.64 -15.21
C ALA A 71 -21.25 -1.32 -14.33
N PRO A 72 -21.38 -1.54 -13.02
CA PRO A 72 -20.32 -1.33 -12.02
C PRO A 72 -19.11 -2.25 -12.23
N VAL A 73 -18.16 -2.20 -11.29
CA VAL A 73 -16.82 -2.75 -11.47
C VAL A 73 -16.84 -4.15 -12.07
N GLU A 74 -17.20 -5.13 -11.25
CA GLU A 74 -17.38 -6.47 -11.77
C GLU A 74 -18.80 -6.91 -11.48
N SER A 75 -19.61 -6.95 -12.54
CA SER A 75 -21.00 -7.32 -12.37
C SER A 75 -21.33 -8.33 -13.44
N VAL A 76 -22.54 -8.86 -13.38
CA VAL A 76 -22.90 -9.94 -14.29
C VAL A 76 -23.78 -9.43 -15.39
N VAL A 77 -23.31 -9.56 -16.61
CA VAL A 77 -24.04 -9.02 -17.75
C VAL A 77 -24.18 -10.10 -18.80
N GLN A 78 -25.31 -10.08 -19.50
CA GLN A 78 -25.47 -10.91 -20.67
C GLN A 78 -25.39 -9.99 -21.89
N VAL A 79 -24.62 -10.41 -22.88
CA VAL A 79 -24.43 -9.61 -24.08
C VAL A 79 -24.62 -10.48 -25.32
N SER A 80 -25.41 -10.00 -26.27
CA SER A 80 -25.62 -10.74 -27.51
C SER A 80 -25.09 -9.95 -28.70
N GLY A 81 -24.53 -10.65 -29.68
CA GLY A 81 -23.97 -9.99 -30.85
C GLY A 81 -23.32 -10.93 -31.85
N THR A 82 -22.49 -10.37 -32.73
CA THR A 82 -21.85 -11.16 -33.78
C THR A 82 -20.34 -11.13 -33.64
N VAL A 83 -19.72 -12.28 -33.89
CA VAL A 83 -18.27 -12.43 -33.74
C VAL A 83 -17.53 -11.85 -34.95
N ILE A 84 -16.67 -10.86 -34.69
CA ILE A 84 -15.90 -10.24 -35.76
C ILE A 84 -14.42 -10.27 -35.42
N SER A 85 -13.58 -10.14 -36.43
CA SER A 85 -12.13 -10.15 -36.23
C SER A 85 -11.64 -8.76 -35.87
N ARG A 86 -10.64 -8.70 -34.98
CA ARG A 86 -10.08 -7.43 -34.55
C ARG A 86 -9.44 -6.70 -35.72
N PRO A 87 -9.69 -5.39 -35.84
CA PRO A 87 -9.21 -4.61 -36.98
C PRO A 87 -7.69 -4.61 -37.09
N ALA A 88 -7.18 -4.94 -38.28
CA ALA A 88 -5.75 -4.91 -38.56
C ALA A 88 -4.89 -5.69 -37.56
N GLY A 89 -3.95 -5.00 -36.94
CA GLY A 89 -3.00 -5.62 -36.03
C GLY A 89 -3.35 -5.42 -34.57
N GLN A 90 -4.63 -5.15 -34.30
CA GLN A 90 -5.13 -4.99 -32.94
C GLN A 90 -5.05 -6.27 -32.13
N GLU A 91 -4.72 -7.37 -32.81
CA GLU A 91 -4.72 -8.71 -32.23
C GLU A 91 -3.84 -8.81 -30.99
N ASN A 92 -4.29 -9.64 -30.05
CA ASN A 92 -3.56 -9.85 -28.80
C ASN A 92 -3.24 -11.33 -28.64
N PRO A 93 -2.07 -11.76 -29.13
CA PRO A 93 -1.63 -13.15 -29.05
C PRO A 93 -1.50 -13.67 -27.61
N LYS A 94 -1.46 -12.77 -26.63
CA LYS A 94 -1.37 -13.18 -25.24
C LYS A 94 -2.65 -13.85 -24.71
N MET A 95 -3.79 -13.50 -25.29
CA MET A 95 -5.06 -14.11 -24.88
C MET A 95 -5.69 -14.90 -26.02
N PRO A 96 -6.39 -16.01 -25.68
CA PRO A 96 -6.85 -16.98 -26.70
C PRO A 96 -7.90 -16.40 -27.63
N THR A 97 -8.70 -15.48 -27.10
CA THR A 97 -9.78 -14.86 -27.85
C THR A 97 -9.26 -13.63 -28.56
N GLY A 98 -7.95 -13.41 -28.43
CA GLY A 98 -7.31 -12.18 -28.86
C GLY A 98 -7.37 -11.81 -30.34
N GLU A 99 -7.65 -12.78 -31.20
CA GLU A 99 -7.75 -12.49 -32.62
C GLU A 99 -9.14 -11.98 -32.99
N ILE A 100 -10.08 -12.12 -32.05
CA ILE A 100 -11.46 -11.68 -32.31
C ILE A 100 -12.07 -10.85 -31.20
N GLU A 101 -13.06 -10.04 -31.59
CA GLU A 101 -13.87 -9.26 -30.67
C GLU A 101 -15.33 -9.47 -31.01
N ILE A 102 -16.20 -9.07 -30.09
CA ILE A 102 -17.63 -9.31 -30.25
C ILE A 102 -18.43 -8.00 -30.31
N LYS A 103 -19.20 -7.86 -31.39
CA LYS A 103 -19.96 -6.66 -31.68
C LYS A 103 -21.38 -6.77 -31.14
N VAL A 104 -21.71 -5.91 -30.18
CA VAL A 104 -22.99 -5.97 -29.49
C VAL A 104 -24.20 -5.70 -30.40
N LYS A 105 -25.23 -6.51 -30.21
CA LYS A 105 -26.52 -6.30 -30.84
C LYS A 105 -27.44 -5.79 -29.75
N THR A 106 -27.64 -6.63 -28.73
CA THR A 106 -28.42 -6.26 -27.57
C THR A 106 -27.69 -6.62 -26.28
N ALA A 107 -28.19 -6.13 -25.15
CA ALA A 107 -27.61 -6.44 -23.85
C ALA A 107 -28.66 -6.38 -22.73
N GLU A 108 -28.21 -6.56 -21.49
CA GLU A 108 -29.06 -6.50 -20.32
C GLU A 108 -28.18 -6.69 -19.08
N LEU A 109 -28.66 -6.21 -17.94
CA LEU A 109 -27.86 -6.25 -16.72
C LEU A 109 -28.43 -7.31 -15.79
N LEU A 110 -27.71 -8.41 -15.63
CA LEU A 110 -28.19 -9.53 -14.82
C LEU A 110 -28.09 -9.23 -13.33
N ASN A 111 -26.92 -8.78 -12.88
CA ASN A 111 -26.79 -8.27 -11.52
C ASN A 111 -25.65 -7.26 -11.41
N ALA A 112 -25.81 -6.28 -10.53
CA ALA A 112 -24.75 -5.30 -10.28
C ALA A 112 -23.98 -5.66 -9.01
N CYS A 113 -22.97 -4.86 -8.68
CA CYS A 113 -22.17 -5.12 -7.49
C CYS A 113 -21.56 -3.83 -6.93
N LYS A 114 -21.12 -3.88 -5.68
CA LYS A 114 -20.48 -2.73 -5.06
C LYS A 114 -18.96 -2.82 -5.18
N LYS A 115 -18.24 -1.90 -4.56
CA LYS A 115 -16.79 -1.96 -4.60
C LYS A 115 -16.35 -3.23 -3.87
N LEU A 116 -15.63 -4.08 -4.57
CA LEU A 116 -15.14 -5.33 -3.97
C LEU A 116 -13.66 -5.18 -3.63
N PRO A 117 -13.29 -5.53 -2.39
CA PRO A 117 -11.92 -5.26 -1.93
C PRO A 117 -10.89 -6.27 -2.46
N PHE A 118 -10.90 -6.52 -3.75
CA PHE A 118 -10.08 -7.57 -4.35
C PHE A 118 -9.66 -7.23 -5.77
N GLU A 119 -8.47 -7.66 -6.16
CA GLU A 119 -8.05 -7.55 -7.55
C GLU A 119 -8.20 -8.92 -8.19
N ILE A 120 -9.20 -9.06 -9.05
CA ILE A 120 -9.50 -10.36 -9.64
C ILE A 120 -8.61 -10.67 -10.84
N LYS A 121 -8.03 -9.61 -11.43
CA LYS A 121 -7.24 -9.74 -12.64
C LYS A 121 -5.92 -10.49 -12.40
N ASN A 122 -5.23 -10.14 -11.31
CA ASN A 122 -3.90 -10.66 -11.03
C ASN A 122 -3.89 -11.95 -10.22
N PHE A 123 -5.08 -12.53 -10.03
CA PHE A 123 -5.29 -13.66 -9.13
C PHE A 123 -4.98 -13.17 -7.72
N VAL A 124 -5.55 -12.01 -7.41
CA VAL A 124 -5.41 -11.30 -6.14
C VAL A 124 -3.96 -10.99 -5.74
N LYS A 125 -3.69 -11.15 -4.45
CA LYS A 125 -2.44 -10.79 -3.82
C LYS A 125 -2.45 -11.66 -2.59
N LYS A 126 -1.31 -11.88 -1.94
CA LYS A 126 -1.35 -12.88 -0.90
C LYS A 126 -1.68 -12.25 0.44
N THR A 127 -2.94 -12.46 0.85
CA THR A 127 -3.39 -12.26 2.21
C THR A 127 -4.33 -13.42 2.52
N GLU A 128 -3.95 -14.27 3.46
CA GLU A 128 -4.73 -15.47 3.72
C GLU A 128 -6.06 -15.06 4.34
N ALA A 129 -5.97 -14.16 5.31
CA ALA A 129 -7.14 -13.69 6.05
C ALA A 129 -8.21 -13.13 5.11
N LEU A 130 -7.79 -12.29 4.18
CA LEU A 130 -8.74 -11.64 3.28
C LEU A 130 -9.24 -12.59 2.20
N ARG A 131 -8.31 -13.28 1.54
CA ARG A 131 -8.67 -14.24 0.51
C ARG A 131 -9.69 -15.25 1.03
N LEU A 132 -9.55 -15.64 2.29
CA LEU A 132 -10.46 -16.58 2.90
C LEU A 132 -11.77 -15.95 3.37
N GLN A 133 -11.68 -14.78 4.01
CA GLN A 133 -12.87 -14.08 4.49
C GLN A 133 -13.85 -13.84 3.33
N TYR A 134 -13.29 -13.47 2.19
CA TYR A 134 -14.07 -13.21 0.99
C TYR A 134 -14.19 -14.36 -0.02
N ARG A 135 -13.86 -15.57 0.42
CA ARG A 135 -13.56 -16.71 -0.45
C ARG A 135 -14.47 -16.87 -1.67
N TYR A 136 -15.76 -16.63 -1.50
CA TYR A 136 -16.70 -16.68 -2.64
C TYR A 136 -16.31 -15.72 -3.77
N LEU A 137 -15.57 -14.68 -3.42
CA LEU A 137 -14.96 -13.77 -4.39
C LEU A 137 -13.71 -14.41 -4.98
N ASP A 138 -12.77 -14.73 -4.10
CA ASP A 138 -11.48 -15.31 -4.46
C ASP A 138 -11.59 -16.49 -5.44
N LEU A 139 -12.68 -17.24 -5.34
CA LEU A 139 -12.91 -18.39 -6.22
C LEU A 139 -12.99 -18.01 -7.70
N ARG A 140 -13.32 -16.74 -7.96
CA ARG A 140 -13.37 -16.23 -9.34
C ARG A 140 -11.98 -16.21 -9.97
N SER A 141 -10.95 -16.07 -9.12
CA SER A 141 -9.58 -16.00 -9.60
C SER A 141 -9.18 -17.24 -10.38
N PHE A 142 -8.39 -17.03 -11.43
CA PHE A 142 -7.98 -18.11 -12.31
C PHE A 142 -7.19 -19.19 -11.59
N GLN A 143 -6.66 -18.84 -10.42
CA GLN A 143 -5.89 -19.78 -9.62
C GLN A 143 -6.82 -20.80 -9.00
N MET A 144 -7.72 -20.33 -8.14
CA MET A 144 -8.73 -21.19 -7.53
C MET A 144 -9.52 -21.96 -8.58
N GLN A 145 -9.80 -21.29 -9.69
CA GLN A 145 -10.48 -21.95 -10.81
C GLN A 145 -9.69 -23.15 -11.32
N TYR A 146 -8.43 -22.92 -11.69
CA TYR A 146 -7.54 -23.98 -12.17
C TYR A 146 -7.39 -25.13 -11.17
N ASN A 147 -7.17 -24.78 -9.91
CA ASN A 147 -7.03 -25.76 -8.84
C ASN A 147 -8.26 -26.66 -8.67
N LEU A 148 -9.41 -26.04 -8.40
CA LEU A 148 -10.61 -26.81 -8.14
C LEU A 148 -11.04 -27.63 -9.36
N ARG A 149 -10.87 -27.04 -10.54
CA ARG A 149 -11.24 -27.74 -11.77
C ARG A 149 -10.29 -28.93 -12.01
N LEU A 150 -9.00 -28.74 -11.70
CA LEU A 150 -8.04 -29.83 -11.82
C LEU A 150 -8.43 -30.96 -10.87
N ARG A 151 -8.67 -30.61 -9.61
CA ARG A 151 -9.05 -31.61 -8.61
C ARG A 151 -10.24 -32.43 -9.09
N SER A 152 -11.32 -31.74 -9.44
CA SER A 152 -12.53 -32.41 -9.94
C SER A 152 -12.19 -33.37 -11.08
N GLN A 153 -11.55 -32.83 -12.11
CA GLN A 153 -11.15 -33.61 -13.28
C GLN A 153 -10.38 -34.88 -12.92
N MET A 154 -9.22 -34.69 -12.30
CA MET A 154 -8.31 -35.79 -11.98
C MET A 154 -8.98 -36.85 -11.10
N VAL A 155 -9.66 -36.40 -10.05
CA VAL A 155 -10.37 -37.32 -9.17
C VAL A 155 -11.38 -38.15 -9.95
N MET A 156 -12.12 -37.51 -10.84
CA MET A 156 -13.11 -38.21 -11.65
C MET A 156 -12.44 -39.22 -12.60
N LYS A 157 -11.23 -38.92 -13.04
CA LYS A 157 -10.47 -39.88 -13.88
C LYS A 157 -9.99 -41.09 -13.07
N MET A 158 -9.67 -40.85 -11.80
CA MET A 158 -9.35 -41.96 -10.89
C MET A 158 -10.58 -42.84 -10.70
N ARG A 159 -11.72 -42.17 -10.52
CA ARG A 159 -13.01 -42.82 -10.38
C ARG A 159 -13.25 -43.72 -11.59
N GLU A 160 -12.88 -43.23 -12.77
CA GLU A 160 -12.95 -44.03 -13.98
C GLU A 160 -12.02 -45.24 -13.92
N TYR A 161 -10.75 -45.00 -13.59
CA TYR A 161 -9.74 -46.07 -13.59
C TYR A 161 -10.13 -47.22 -12.65
N LEU A 162 -10.66 -46.88 -11.49
CA LEU A 162 -11.09 -47.89 -10.54
C LEU A 162 -12.42 -48.54 -10.93
N CYS A 163 -13.48 -47.73 -10.94
CA CYS A 163 -14.83 -48.25 -11.10
C CYS A 163 -15.16 -48.73 -12.52
N ASN A 164 -14.80 -47.94 -13.51
CA ASN A 164 -15.03 -48.31 -14.91
C ASN A 164 -14.06 -49.36 -15.38
N LEU A 165 -12.77 -49.03 -15.29
CA LEU A 165 -11.71 -49.83 -15.88
C LEU A 165 -11.46 -51.14 -15.13
N HIS A 166 -11.06 -51.04 -13.87
CA HIS A 166 -10.69 -52.23 -13.09
C HIS A 166 -11.76 -52.84 -12.19
N GLY A 167 -12.97 -52.29 -12.25
CA GLY A 167 -14.13 -52.91 -11.64
C GLY A 167 -14.17 -52.89 -10.12
N PHE A 168 -13.89 -51.74 -9.52
CA PHE A 168 -14.08 -51.56 -8.09
C PHE A 168 -15.53 -51.18 -7.83
N VAL A 169 -15.90 -51.04 -6.56
CA VAL A 169 -17.22 -50.52 -6.22
C VAL A 169 -17.11 -49.35 -5.27
N ASP A 170 -17.92 -48.32 -5.53
CA ASP A 170 -17.90 -47.11 -4.75
C ASP A 170 -18.83 -47.35 -3.58
N ILE A 171 -18.25 -47.38 -2.38
CA ILE A 171 -18.99 -47.81 -1.21
C ILE A 171 -18.86 -46.80 -0.08
N GLU A 172 -20.00 -46.27 0.35
CA GLU A 172 -19.98 -45.25 1.39
C GLU A 172 -20.11 -45.90 2.75
N THR A 173 -19.06 -45.78 3.54
CA THR A 173 -19.10 -46.22 4.93
C THR A 173 -19.59 -45.06 5.78
N PRO A 174 -20.33 -45.36 6.86
CA PRO A 174 -20.95 -44.32 7.69
C PRO A 174 -19.92 -43.43 8.37
N THR A 175 -20.26 -42.16 8.57
CA THR A 175 -19.38 -41.22 9.25
C THR A 175 -19.56 -41.30 10.76
N LEU A 176 -20.73 -40.93 11.27
CA LEU A 176 -20.97 -41.04 12.71
C LEU A 176 -20.96 -42.51 13.18
N PHE A 177 -20.12 -42.79 14.18
CA PHE A 177 -19.78 -44.17 14.55
C PHE A 177 -19.17 -44.25 15.94
N LYS A 178 -18.60 -45.41 16.28
CA LYS A 178 -17.93 -45.57 17.58
C LYS A 178 -16.41 -45.33 17.49
N ARG A 179 -15.87 -44.78 18.57
CA ARG A 179 -14.44 -44.44 18.66
C ARG A 179 -13.53 -45.65 18.84
N THR A 180 -12.51 -45.77 18.00
CA THR A 180 -11.53 -46.83 18.13
C THR A 180 -10.15 -46.23 18.33
N PRO A 181 -9.78 -45.98 19.60
CA PRO A 181 -8.63 -45.12 19.91
C PRO A 181 -7.27 -45.76 19.65
N GLY A 182 -7.08 -46.35 18.48
CA GLY A 182 -5.76 -46.85 18.12
C GLY A 182 -4.72 -45.79 17.81
N GLY A 183 -4.98 -44.99 16.77
CA GLY A 183 -4.07 -43.94 16.36
C GLY A 183 -4.12 -42.63 17.13
N ALA A 184 -5.34 -42.09 17.27
CA ALA A 184 -5.55 -40.79 17.89
C ALA A 184 -6.99 -40.64 18.36
N LYS A 185 -7.23 -39.68 19.24
CA LYS A 185 -8.58 -39.40 19.72
C LYS A 185 -9.41 -38.75 18.62
N GLU A 186 -10.74 -38.92 18.72
CA GLU A 186 -11.63 -38.44 17.66
C GLU A 186 -12.70 -37.45 18.14
N PHE A 187 -13.22 -36.67 17.20
CA PHE A 187 -14.31 -35.74 17.44
C PHE A 187 -15.54 -36.48 17.97
N LEU A 188 -16.26 -35.84 18.89
CA LEU A 188 -17.47 -36.45 19.43
C LEU A 188 -18.71 -35.70 18.95
N VAL A 189 -19.79 -36.44 18.72
CA VAL A 189 -21.07 -35.87 18.29
C VAL A 189 -22.27 -36.34 19.12
N PRO A 190 -22.70 -35.49 20.07
CA PRO A 190 -23.82 -35.72 20.99
C PRO A 190 -25.07 -36.21 20.28
N SER A 191 -25.68 -37.25 20.85
CA SER A 191 -26.87 -37.87 20.29
C SER A 191 -28.08 -37.51 21.13
N ARG A 192 -29.24 -37.42 20.48
CA ARG A 192 -30.49 -37.03 21.12
C ARG A 192 -30.75 -37.85 22.37
N GLU A 193 -30.41 -39.14 22.31
CA GLU A 193 -30.44 -40.00 23.48
C GLU A 193 -29.27 -39.69 24.41
N PRO A 194 -29.58 -39.21 25.62
CA PRO A 194 -28.58 -38.72 26.58
C PRO A 194 -27.58 -39.76 27.06
N GLY A 195 -26.33 -39.33 27.22
CA GLY A 195 -25.27 -40.16 27.79
C GLY A 195 -24.45 -40.92 26.76
N LYS A 196 -25.04 -41.15 25.60
CA LYS A 196 -24.37 -41.91 24.55
C LYS A 196 -24.32 -41.08 23.27
N PHE A 197 -23.14 -41.04 22.64
CA PHE A 197 -22.99 -40.26 21.41
C PHE A 197 -21.94 -40.79 20.43
N TYR A 198 -22.05 -40.37 19.17
CA TYR A 198 -21.18 -40.92 18.14
C TYR A 198 -19.82 -40.24 18.16
N SER A 199 -18.93 -40.70 17.28
CA SER A 199 -17.66 -40.04 17.04
C SER A 199 -17.25 -40.16 15.57
N LEU A 200 -16.81 -39.04 14.99
CA LEU A 200 -16.38 -39.03 13.60
C LEU A 200 -15.16 -39.93 13.38
N PRO A 201 -15.12 -40.64 12.24
CA PRO A 201 -14.05 -41.61 12.01
C PRO A 201 -12.75 -40.92 11.59
N GLN A 202 -11.62 -41.53 11.91
CA GLN A 202 -10.33 -41.00 11.48
C GLN A 202 -10.07 -41.38 10.03
N SER A 203 -10.68 -42.48 9.61
CA SER A 203 -10.54 -43.02 8.26
C SER A 203 -11.41 -44.25 8.21
N PRO A 204 -11.92 -44.61 7.02
CA PRO A 204 -12.75 -45.82 6.96
C PRO A 204 -11.93 -47.10 7.00
N GLN A 205 -11.01 -47.21 7.96
CA GLN A 205 -10.18 -48.40 8.10
C GLN A 205 -10.90 -49.48 8.91
N GLN A 206 -11.94 -49.08 9.63
CA GLN A 206 -12.75 -50.02 10.38
C GLN A 206 -13.45 -50.93 9.39
N PHE A 207 -14.20 -50.32 8.48
CA PHE A 207 -15.02 -51.04 7.52
C PHE A 207 -14.18 -51.68 6.43
N LYS A 208 -12.87 -51.39 6.44
CA LYS A 208 -11.94 -51.98 5.49
C LYS A 208 -11.96 -53.51 5.54
N GLN A 209 -11.93 -54.06 6.76
CA GLN A 209 -11.95 -55.52 6.95
C GLN A 209 -13.31 -56.09 6.60
N LEU A 210 -14.35 -55.52 7.21
CA LEU A 210 -15.72 -55.98 7.04
C LEU A 210 -16.15 -56.06 5.58
N LEU A 211 -15.92 -54.97 4.85
CA LEU A 211 -16.30 -54.94 3.43
C LEU A 211 -15.57 -55.99 2.59
N MET A 212 -14.39 -56.38 3.04
CA MET A 212 -13.62 -57.42 2.36
C MET A 212 -14.15 -58.81 2.71
N VAL A 213 -14.61 -58.95 3.95
CA VAL A 213 -15.29 -60.17 4.41
C VAL A 213 -16.57 -60.38 3.63
N GLY A 214 -17.24 -59.29 3.29
CA GLY A 214 -18.55 -59.33 2.70
C GLY A 214 -18.58 -59.47 1.19
N GLY A 215 -17.53 -60.03 0.60
CA GLY A 215 -17.45 -60.09 -0.84
C GLY A 215 -16.86 -58.77 -1.30
N LEU A 216 -17.36 -58.24 -2.42
CA LEU A 216 -16.89 -56.96 -2.96
C LEU A 216 -15.38 -57.04 -3.16
N ASP A 217 -14.96 -57.83 -4.13
CA ASP A 217 -13.54 -58.12 -4.33
C ASP A 217 -12.67 -56.86 -4.43
N ARG A 218 -13.29 -55.78 -4.90
CA ARG A 218 -12.60 -54.50 -5.02
C ARG A 218 -13.44 -53.36 -4.49
N TYR A 219 -12.96 -52.72 -3.42
CA TYR A 219 -13.66 -51.59 -2.83
C TYR A 219 -12.88 -50.32 -3.00
N PHE A 220 -13.58 -49.22 -3.25
CA PHE A 220 -12.94 -47.90 -3.19
C PHE A 220 -13.90 -46.82 -2.73
N GLN A 221 -13.37 -45.79 -2.09
CA GLN A 221 -14.19 -44.69 -1.60
C GLN A 221 -13.36 -43.40 -1.51
N VAL A 222 -13.99 -42.27 -1.80
CA VAL A 222 -13.37 -41.00 -1.42
C VAL A 222 -14.09 -40.51 -0.17
N ALA A 223 -13.41 -40.63 0.96
CA ALA A 223 -14.09 -40.45 2.24
C ALA A 223 -13.58 -39.24 2.97
N ARG A 224 -14.48 -38.57 3.67
CA ARG A 224 -14.12 -37.37 4.41
C ARG A 224 -13.65 -37.81 5.78
N CYS A 225 -12.37 -37.57 6.07
CA CYS A 225 -11.79 -38.03 7.33
C CYS A 225 -11.54 -36.82 8.20
N TYR A 226 -11.68 -37.02 9.50
CA TYR A 226 -11.65 -35.92 10.45
C TYR A 226 -10.49 -36.06 11.42
N ARG A 227 -9.87 -34.93 11.78
CA ARG A 227 -8.75 -34.97 12.72
C ARG A 227 -8.88 -33.89 13.78
N ASP A 228 -8.97 -34.30 15.04
CA ASP A 228 -8.87 -33.37 16.14
C ASP A 228 -7.42 -33.37 16.58
N GLU A 229 -6.73 -32.27 16.34
CA GLU A 229 -5.30 -32.23 16.60
C GLU A 229 -4.98 -31.26 17.72
N GLY A 230 -4.55 -31.81 18.87
CA GLY A 230 -4.09 -30.98 19.96
C GLY A 230 -2.74 -30.38 19.61
N SER A 231 -1.90 -31.17 18.95
CA SER A 231 -0.54 -30.76 18.63
C SER A 231 -0.44 -29.61 17.63
N ARG A 232 -0.98 -29.79 16.43
CA ARG A 232 -0.85 -28.78 15.38
C ARG A 232 -2.19 -28.18 15.00
N PRO A 233 -2.42 -26.92 15.41
CA PRO A 233 -3.61 -26.15 15.01
C PRO A 233 -3.58 -25.82 13.52
N ASP A 234 -2.44 -26.00 12.89
CA ASP A 234 -2.25 -25.62 11.50
C ASP A 234 -3.08 -26.41 10.49
N ARG A 235 -2.97 -27.74 10.51
CA ARG A 235 -3.59 -28.57 9.47
C ARG A 235 -5.12 -28.57 9.54
N GLN A 236 -5.74 -28.95 8.42
CA GLN A 236 -7.21 -28.94 8.27
C GLN A 236 -7.95 -29.80 9.28
N PRO A 237 -9.11 -29.31 9.77
CA PRO A 237 -10.00 -30.05 10.67
C PRO A 237 -10.62 -31.25 9.96
N GLU A 238 -10.74 -31.18 8.63
CA GLU A 238 -11.20 -32.31 7.86
C GLU A 238 -10.52 -32.35 6.49
N PHE A 239 -10.25 -33.56 6.01
CA PHE A 239 -9.57 -33.72 4.73
C PHE A 239 -10.18 -34.87 3.95
N THR A 240 -9.65 -35.11 2.75
CA THR A 240 -10.23 -36.13 1.89
C THR A 240 -9.19 -37.18 1.50
N GLN A 241 -9.57 -38.46 1.60
CA GLN A 241 -8.70 -39.58 1.26
C GLN A 241 -9.36 -40.53 0.26
N ILE A 242 -8.58 -41.06 -0.67
CA ILE A 242 -9.07 -42.11 -1.55
C ILE A 242 -8.70 -43.44 -0.92
N ASP A 243 -9.70 -44.16 -0.46
CA ASP A 243 -9.46 -45.38 0.30
C ASP A 243 -9.64 -46.58 -0.61
N ILE A 244 -8.58 -47.35 -0.78
CA ILE A 244 -8.65 -48.54 -1.62
C ILE A 244 -8.40 -49.82 -0.82
N GLU A 245 -9.21 -50.84 -1.07
CA GLU A 245 -9.03 -52.14 -0.44
C GLU A 245 -9.31 -53.27 -1.42
N MET A 246 -8.40 -54.23 -1.49
CA MET A 246 -8.58 -55.35 -2.39
C MET A 246 -8.54 -56.68 -1.66
N SER A 247 -9.23 -57.66 -2.24
CA SER A 247 -9.24 -59.01 -1.71
C SER A 247 -8.29 -59.85 -2.55
N PHE A 248 -7.59 -60.77 -1.90
CA PHE A 248 -6.71 -61.72 -2.58
C PHE A 248 -5.55 -61.05 -3.34
N VAL A 249 -4.91 -60.08 -2.70
CA VAL A 249 -3.84 -59.35 -3.35
C VAL A 249 -2.58 -59.25 -2.49
N ASP A 250 -1.43 -59.35 -3.15
CA ASP A 250 -0.15 -59.21 -2.49
C ASP A 250 0.20 -57.74 -2.36
N GLN A 251 1.43 -57.48 -1.92
CA GLN A 251 1.91 -56.11 -1.84
C GLN A 251 2.16 -55.56 -3.24
N THR A 252 2.91 -56.34 -4.03
CA THR A 252 3.29 -55.93 -5.39
C THR A 252 2.09 -55.57 -6.26
N GLY A 253 0.96 -56.22 -5.99
CA GLY A 253 -0.24 -55.97 -6.78
C GLY A 253 -0.78 -54.57 -6.62
N ILE A 254 -1.08 -54.16 -5.39
CA ILE A 254 -1.64 -52.83 -5.19
C ILE A 254 -0.55 -51.81 -5.43
N GLN A 255 0.69 -52.25 -5.28
CA GLN A 255 1.84 -51.44 -5.66
C GLN A 255 1.73 -51.05 -7.13
N SER A 256 1.32 -51.99 -7.98
CA SER A 256 1.06 -51.68 -9.39
C SER A 256 -0.26 -50.91 -9.57
N LEU A 257 -1.22 -51.15 -8.67
CA LEU A 257 -2.53 -50.54 -8.78
C LEU A 257 -2.43 -49.02 -8.69
N ILE A 258 -1.75 -48.54 -7.67
CA ILE A 258 -1.61 -47.09 -7.49
C ILE A 258 -0.78 -46.48 -8.61
N GLU A 259 0.15 -47.26 -9.16
CA GLU A 259 0.95 -46.80 -10.30
C GLU A 259 0.06 -46.54 -11.52
N GLY A 260 -0.74 -47.53 -11.89
CA GLY A 260 -1.66 -47.37 -13.01
C GLY A 260 -2.69 -46.28 -12.76
N LEU A 261 -3.08 -46.14 -11.50
CA LEU A 261 -4.04 -45.12 -11.08
C LEU A 261 -3.49 -43.70 -11.30
N LEU A 262 -2.30 -43.46 -10.78
CA LEU A 262 -1.67 -42.15 -10.91
C LEU A 262 -1.30 -41.86 -12.36
N GLN A 263 -0.87 -42.89 -13.09
CA GLN A 263 -0.54 -42.70 -14.51
C GLN A 263 -1.76 -42.31 -15.33
N TYR A 264 -2.86 -43.02 -15.13
CA TYR A 264 -4.09 -42.75 -15.85
C TYR A 264 -4.65 -41.40 -15.45
N SER A 265 -4.50 -41.06 -14.18
CA SER A 265 -5.13 -39.87 -13.65
C SER A 265 -4.30 -38.61 -13.86
N TRP A 266 -3.04 -38.77 -14.21
CA TRP A 266 -2.12 -37.63 -14.31
C TRP A 266 -2.65 -36.56 -15.27
N PRO A 267 -2.71 -35.31 -14.79
CA PRO A 267 -3.47 -34.19 -15.33
C PRO A 267 -3.31 -33.93 -16.83
N ASN A 268 -2.24 -34.43 -17.46
CA ASN A 268 -2.07 -34.36 -18.92
C ASN A 268 -1.71 -32.94 -19.34
N ASP A 269 -1.98 -32.00 -18.44
CA ASP A 269 -1.67 -30.60 -18.63
C ASP A 269 -0.20 -30.41 -18.35
N LYS A 270 0.26 -30.95 -17.23
CA LYS A 270 1.65 -30.79 -16.82
C LYS A 270 2.35 -32.14 -16.68
N ASP A 271 3.28 -32.40 -17.59
CA ASP A 271 4.20 -33.54 -17.51
C ASP A 271 3.50 -34.90 -17.63
N PRO A 272 4.24 -35.91 -18.08
CA PRO A 272 3.72 -37.27 -17.92
C PRO A 272 4.18 -37.78 -16.57
N VAL A 273 3.82 -39.01 -16.25
CA VAL A 273 4.31 -39.66 -15.05
C VAL A 273 5.21 -40.78 -15.57
N VAL A 274 5.77 -41.60 -14.69
CA VAL A 274 6.69 -42.62 -15.14
C VAL A 274 6.14 -44.03 -14.92
N VAL A 275 6.69 -44.98 -15.68
CA VAL A 275 6.37 -46.40 -15.59
C VAL A 275 6.77 -46.91 -14.17
N PRO A 276 6.69 -48.23 -13.86
CA PRO A 276 6.64 -48.57 -12.43
C PRO A 276 7.65 -47.88 -11.51
N PHE A 277 7.12 -47.36 -10.41
CA PHE A 277 7.87 -46.53 -9.47
C PHE A 277 8.99 -47.31 -8.83
N PRO A 278 10.17 -46.70 -8.73
CA PRO A 278 11.28 -47.37 -8.05
C PRO A 278 10.90 -47.61 -6.60
N THR A 279 11.25 -48.79 -6.09
CA THR A 279 10.96 -49.10 -4.70
C THR A 279 12.21 -49.00 -3.85
N MET A 280 12.03 -49.12 -2.54
CA MET A 280 13.13 -49.09 -1.60
C MET A 280 12.67 -49.66 -0.27
N THR A 281 13.60 -50.06 0.58
CA THR A 281 13.26 -50.59 1.90
C THR A 281 13.45 -49.49 2.94
N PHE A 282 12.65 -49.55 4.00
CA PHE A 282 12.76 -48.60 5.10
C PHE A 282 14.20 -48.46 5.56
N ALA A 283 14.87 -49.59 5.65
CA ALA A 283 16.31 -49.62 5.93
C ALA A 283 17.08 -48.79 4.91
N GLU A 284 16.87 -49.11 3.62
CA GLU A 284 17.59 -48.44 2.55
C GLU A 284 17.33 -46.94 2.41
N VAL A 285 16.09 -46.49 2.58
CA VAL A 285 15.82 -45.05 2.50
C VAL A 285 16.37 -44.35 3.73
N LEU A 286 16.19 -44.96 4.90
CA LEU A 286 16.67 -44.34 6.13
C LEU A 286 18.19 -44.19 6.06
N ALA A 287 18.85 -45.17 5.44
CA ALA A 287 20.30 -45.16 5.30
C ALA A 287 20.82 -44.23 4.21
N THR A 288 20.26 -44.34 3.01
CA THR A 288 20.83 -43.69 1.83
C THR A 288 20.20 -42.33 1.54
N TYR A 289 19.25 -41.95 2.37
CA TYR A 289 18.55 -40.67 2.24
C TYR A 289 18.55 -39.90 3.55
N GLY A 290 18.14 -40.56 4.62
CA GLY A 290 18.19 -39.97 5.95
C GLY A 290 16.81 -39.73 6.52
N THR A 291 15.81 -39.94 5.68
CA THR A 291 14.43 -39.96 6.13
C THR A 291 13.63 -40.89 5.22
N ASP A 292 12.52 -41.42 5.73
CA ASP A 292 11.70 -42.33 4.95
C ASP A 292 10.98 -41.61 3.80
N LYS A 293 11.00 -40.28 3.83
CA LYS A 293 10.38 -39.48 2.79
C LYS A 293 11.42 -38.60 2.08
N PRO A 294 12.19 -39.20 1.16
CA PRO A 294 13.25 -38.40 0.54
C PRO A 294 12.75 -37.65 -0.68
N ASP A 295 13.59 -36.78 -1.24
CA ASP A 295 13.19 -36.00 -2.41
C ASP A 295 13.39 -36.71 -3.76
N THR A 296 14.53 -37.37 -3.92
CA THR A 296 14.75 -38.36 -4.98
C THR A 296 14.93 -37.77 -6.39
N ARG A 297 14.43 -36.55 -6.60
CA ARG A 297 14.66 -35.81 -7.83
C ARG A 297 15.97 -35.07 -7.66
N PHE A 298 16.30 -34.87 -6.39
CA PHE A 298 17.53 -34.25 -5.98
C PHE A 298 18.71 -35.07 -6.47
N GLY A 299 18.86 -36.28 -5.95
CA GLY A 299 19.87 -37.20 -6.41
C GLY A 299 21.18 -37.09 -5.64
N MET A 300 21.12 -36.57 -4.42
CA MET A 300 22.33 -36.44 -3.63
C MET A 300 22.33 -37.59 -2.64
N LYS A 301 23.19 -38.57 -2.89
CA LYS A 301 23.08 -39.86 -2.21
C LYS A 301 24.06 -40.04 -1.06
N ILE A 302 23.60 -40.69 0.00
CA ILE A 302 24.49 -41.08 1.08
C ILE A 302 25.13 -42.40 0.70
N ILE A 303 26.46 -42.42 0.57
CA ILE A 303 27.14 -43.66 0.28
C ILE A 303 28.26 -43.96 1.29
N ASP A 304 28.58 -45.24 1.44
CA ASP A 304 29.46 -45.69 2.51
C ASP A 304 30.87 -45.95 1.97
N ILE A 305 31.79 -45.07 2.33
CA ILE A 305 33.18 -45.18 1.90
C ILE A 305 34.13 -45.81 2.93
N SER A 306 33.57 -46.30 4.04
CA SER A 306 34.37 -46.83 5.14
C SER A 306 35.42 -47.88 4.73
N ASP A 307 35.14 -48.59 3.64
CA ASP A 307 36.02 -49.65 3.16
C ASP A 307 37.41 -49.14 2.79
N VAL A 308 37.50 -47.91 2.32
CA VAL A 308 38.79 -47.35 1.95
C VAL A 308 39.51 -46.74 3.14
N PHE A 309 38.81 -46.68 4.27
CA PHE A 309 39.39 -46.12 5.50
C PHE A 309 39.96 -47.11 6.53
N ARG A 310 40.03 -48.39 6.19
CA ARG A 310 40.66 -49.38 7.07
C ARG A 310 42.09 -48.97 7.44
N ASN A 311 42.84 -48.56 6.41
CA ASN A 311 44.15 -47.95 6.58
C ASN A 311 43.98 -46.45 6.89
N THR A 312 45.05 -45.68 6.76
CA THR A 312 44.95 -44.24 7.00
C THR A 312 44.53 -43.91 8.42
N GLU A 313 45.49 -44.02 9.33
CA GLU A 313 45.27 -43.98 10.78
C GLU A 313 45.06 -42.56 11.30
N ILE A 314 44.74 -41.65 10.39
CA ILE A 314 44.35 -40.30 10.77
C ILE A 314 43.31 -40.32 11.92
N GLY A 315 43.59 -39.48 12.92
CA GLY A 315 42.89 -39.50 14.19
C GLY A 315 41.38 -39.48 14.12
N PHE A 316 40.84 -38.63 13.25
CA PHE A 316 39.41 -38.49 13.09
C PHE A 316 38.73 -39.83 12.77
N LEU A 317 39.08 -40.42 11.63
CA LEU A 317 38.47 -41.66 11.19
C LEU A 317 38.82 -42.85 12.10
N GLN A 318 39.98 -42.75 12.76
CA GLN A 318 40.38 -43.80 13.72
C GLN A 318 39.30 -44.19 14.71
N ASP A 319 38.90 -43.25 15.57
CA ASP A 319 37.90 -43.52 16.61
C ASP A 319 36.53 -43.84 16.01
N ALA A 320 36.33 -43.42 14.77
CA ALA A 320 35.08 -43.68 14.08
C ALA A 320 34.96 -45.16 13.75
N LEU A 321 36.04 -45.73 13.22
CA LEU A 321 36.03 -47.16 12.89
C LEU A 321 36.08 -48.05 14.14
N SER A 322 36.18 -47.42 15.31
CA SER A 322 36.36 -48.14 16.57
C SER A 322 35.12 -48.91 17.04
N LYS A 323 34.07 -48.18 17.42
CA LYS A 323 32.83 -48.81 17.87
C LYS A 323 32.34 -49.82 16.84
N PRO A 324 31.87 -50.99 17.30
CA PRO A 324 31.37 -52.03 16.39
C PRO A 324 30.22 -51.53 15.50
N HIS A 325 29.51 -50.50 15.96
CA HIS A 325 28.42 -49.94 15.19
C HIS A 325 28.83 -48.70 14.41
N GLY A 326 30.10 -48.34 14.48
CA GLY A 326 30.58 -47.11 13.84
C GLY A 326 30.93 -47.26 12.36
N THR A 327 30.87 -46.14 11.65
CA THR A 327 31.14 -46.11 10.21
C THR A 327 31.52 -44.71 9.73
N VAL A 328 32.07 -44.62 8.53
CA VAL A 328 32.32 -43.31 7.91
C VAL A 328 31.73 -43.20 6.49
N LYS A 329 30.74 -42.33 6.34
CA LYS A 329 30.02 -42.18 5.07
C LYS A 329 30.17 -40.78 4.49
N ALA A 330 29.61 -40.60 3.29
CA ALA A 330 29.71 -39.31 2.61
C ALA A 330 28.62 -39.06 1.57
N ILE A 331 28.36 -37.78 1.29
CA ILE A 331 27.50 -37.37 0.20
C ILE A 331 28.30 -36.47 -0.75
N CYS A 332 27.94 -36.50 -2.03
CA CYS A 332 28.63 -35.69 -3.03
C CYS A 332 27.72 -34.64 -3.64
N ILE A 333 27.97 -33.37 -3.34
CA ILE A 333 27.23 -32.30 -3.98
C ILE A 333 27.88 -31.89 -5.31
N PRO A 334 27.13 -32.07 -6.41
CA PRO A 334 27.52 -31.82 -7.81
C PRO A 334 27.55 -30.35 -8.15
N GLU A 335 28.55 -29.93 -8.92
CA GLU A 335 28.70 -28.56 -9.39
C GLU A 335 28.90 -27.56 -8.25
N GLY A 336 28.79 -28.05 -7.02
CA GLY A 336 28.95 -27.22 -5.85
C GLY A 336 30.35 -26.66 -5.71
N ALA A 337 31.30 -27.31 -6.39
CA ALA A 337 32.70 -26.89 -6.32
C ALA A 337 32.82 -25.42 -6.70
N LYS A 338 32.40 -25.04 -7.90
CA LYS A 338 32.05 -23.64 -8.06
C LYS A 338 30.58 -23.45 -8.40
N TYR A 339 29.79 -23.25 -7.36
CA TYR A 339 28.53 -22.53 -7.40
C TYR A 339 28.47 -21.74 -6.11
N LEU A 340 28.43 -22.49 -5.01
CA LEU A 340 28.55 -21.95 -3.67
C LEU A 340 29.88 -21.23 -3.52
N LYS A 341 29.86 -20.10 -2.82
CA LYS A 341 31.10 -19.40 -2.47
C LYS A 341 31.81 -20.19 -1.37
N ARG A 342 33.11 -19.95 -1.22
CA ARG A 342 33.89 -20.58 -0.17
C ARG A 342 33.34 -20.20 1.21
N LYS A 343 32.49 -19.18 1.21
CA LYS A 343 31.88 -18.68 2.44
C LYS A 343 30.79 -19.62 2.95
N ASP A 344 29.74 -19.83 2.15
CA ASP A 344 28.57 -20.58 2.58
C ASP A 344 28.78 -22.07 2.89
N ILE A 345 29.97 -22.61 2.60
CA ILE A 345 30.28 -23.99 3.01
C ILE A 345 30.59 -24.01 4.51
N GLU A 346 31.00 -22.86 5.04
CA GLU A 346 31.18 -22.69 6.48
C GLU A 346 29.82 -22.74 7.18
N SER A 347 28.75 -22.57 6.40
CA SER A 347 27.40 -22.73 6.92
C SER A 347 27.08 -24.22 7.02
N ILE A 348 27.58 -25.00 6.07
CA ILE A 348 27.43 -26.44 6.11
C ILE A 348 28.17 -26.98 7.32
N ARG A 349 29.39 -26.49 7.51
CA ARG A 349 30.17 -26.88 8.69
C ARG A 349 29.47 -26.44 9.97
N ASN A 350 28.90 -25.23 9.96
CA ASN A 350 28.20 -24.72 11.13
C ASN A 350 26.94 -25.50 11.44
N PHE A 351 26.39 -26.16 10.42
CA PHE A 351 25.16 -26.93 10.58
C PHE A 351 25.38 -28.14 11.48
N ALA A 352 26.65 -28.52 11.64
CA ALA A 352 27.04 -29.50 12.62
C ALA A 352 26.48 -29.09 13.98
N ALA A 353 26.80 -27.87 14.40
CA ALA A 353 26.29 -27.32 15.65
C ALA A 353 24.76 -27.40 15.75
N ASP A 354 24.07 -27.05 14.67
CA ASP A 354 22.61 -27.10 14.64
C ASP A 354 22.07 -28.49 14.91
N HIS A 355 22.46 -29.45 14.08
CA HIS A 355 21.94 -30.81 14.23
C HIS A 355 22.95 -31.73 14.88
N PHE A 356 22.71 -32.07 16.15
CA PHE A 356 23.44 -33.12 16.85
C PHE A 356 24.95 -33.10 16.59
N ASN A 357 25.65 -32.13 17.19
CA ASN A 357 26.93 -31.69 16.66
C ASN A 357 27.92 -32.79 16.36
N GLN A 358 28.38 -32.80 15.12
CA GLN A 358 29.24 -33.83 14.60
C GLN A 358 30.08 -33.22 13.48
N GLU A 359 31.35 -33.63 13.39
CA GLU A 359 32.21 -33.02 12.40
C GLU A 359 31.83 -33.45 10.98
N ILE A 360 31.63 -32.46 10.12
CA ILE A 360 31.47 -32.71 8.70
C ILE A 360 32.65 -32.11 7.94
N LEU A 361 33.23 -32.89 7.04
CA LEU A 361 34.47 -32.50 6.35
C LEU A 361 34.28 -32.27 4.85
N PRO A 362 34.40 -31.02 4.42
CA PRO A 362 34.30 -30.59 3.02
C PRO A 362 35.55 -30.93 2.20
N VAL A 363 35.63 -32.14 1.68
CA VAL A 363 36.72 -32.53 0.80
C VAL A 363 36.53 -32.01 -0.63
N PHE A 364 37.46 -31.20 -1.11
CA PHE A 364 37.48 -30.86 -2.53
C PHE A 364 38.59 -31.67 -3.17
N LEU A 365 38.21 -32.69 -3.93
CA LEU A 365 39.21 -33.58 -4.52
C LEU A 365 39.54 -33.29 -5.99
N ASN A 366 38.83 -32.34 -6.59
CA ASN A 366 39.10 -31.98 -7.98
C ASN A 366 39.22 -30.49 -8.23
N ALA A 367 38.09 -29.79 -8.10
CA ALA A 367 38.06 -28.35 -8.37
C ALA A 367 38.33 -27.58 -7.09
N ASN A 368 39.04 -26.46 -7.21
CA ASN A 368 39.52 -25.69 -6.08
C ASN A 368 40.40 -26.55 -5.17
N ARG A 369 41.05 -27.54 -5.78
CA ARG A 369 41.93 -28.47 -5.09
C ARG A 369 43.13 -27.73 -4.55
N ASN A 370 43.61 -28.14 -3.37
CA ASN A 370 44.79 -27.55 -2.72
C ASN A 370 44.58 -26.10 -2.28
N TRP A 371 43.46 -25.51 -2.70
CA TRP A 371 43.07 -24.17 -2.26
C TRP A 371 42.14 -24.33 -1.06
N ASN A 372 41.81 -25.59 -0.75
CA ASN A 372 40.89 -25.92 0.33
C ASN A 372 41.28 -27.24 1.01
N SER A 373 40.37 -27.76 1.83
CA SER A 373 40.55 -29.07 2.47
C SER A 373 41.76 -29.16 3.39
N PRO A 374 41.73 -28.46 4.53
CA PRO A 374 42.90 -28.44 5.43
C PRO A 374 43.31 -29.82 5.98
N VAL A 375 42.34 -30.55 6.55
CA VAL A 375 42.58 -31.92 7.01
C VAL A 375 42.46 -32.87 5.84
N ALA A 376 41.52 -32.55 4.97
CA ALA A 376 41.17 -33.41 3.84
C ALA A 376 42.18 -33.34 2.71
N ASN A 377 43.17 -32.48 2.80
CA ASN A 377 44.17 -32.43 1.75
C ASN A 377 44.93 -33.74 1.72
N PHE A 378 45.15 -34.33 2.90
CA PHE A 378 45.80 -35.62 2.96
C PHE A 378 44.90 -36.70 2.39
N ILE A 379 43.61 -36.65 2.72
CA ILE A 379 42.66 -37.64 2.20
C ILE A 379 42.60 -37.56 0.68
N MET A 380 42.67 -36.34 0.17
CA MET A 380 42.64 -36.09 -1.26
C MET A 380 43.90 -36.65 -1.91
N GLU A 381 45.05 -36.25 -1.41
CA GLU A 381 46.32 -36.66 -2.01
C GLU A 381 46.63 -38.15 -1.80
N SER A 382 45.90 -38.78 -0.88
CA SER A 382 46.08 -40.21 -0.62
C SER A 382 45.11 -41.02 -1.46
N GLN A 383 43.82 -40.84 -1.18
CA GLN A 383 42.75 -41.64 -1.77
C GLN A 383 42.03 -41.07 -3.01
N ARG A 384 42.54 -39.99 -3.60
CA ARG A 384 41.82 -39.24 -4.63
C ARG A 384 41.10 -40.12 -5.65
N LEU A 385 41.86 -40.86 -6.45
CA LEU A 385 41.28 -41.73 -7.49
C LEU A 385 40.21 -42.67 -6.93
N GLU A 386 40.48 -43.21 -5.74
CA GLU A 386 39.55 -44.13 -5.09
C GLU A 386 38.23 -43.47 -4.71
N LEU A 387 38.30 -42.23 -4.21
CA LEU A 387 37.10 -41.49 -3.87
C LEU A 387 36.39 -41.00 -5.13
N ILE A 388 37.14 -40.83 -6.21
CA ILE A 388 36.55 -40.53 -7.51
C ILE A 388 35.68 -41.70 -7.93
N ARG A 389 36.22 -42.91 -7.83
CA ARG A 389 35.45 -44.11 -8.17
C ARG A 389 34.23 -44.29 -7.25
N LEU A 390 34.49 -44.34 -5.95
CA LEU A 390 33.44 -44.53 -4.95
C LEU A 390 32.35 -43.46 -5.02
N MET A 391 32.70 -42.23 -4.64
CA MET A 391 31.71 -41.15 -4.62
C MET A 391 31.20 -40.82 -6.01
N GLU A 392 31.93 -41.27 -7.03
CA GLU A 392 31.58 -40.99 -8.42
C GLU A 392 31.44 -39.49 -8.62
N THR A 393 32.55 -38.76 -8.55
CA THR A 393 32.52 -37.32 -8.64
C THR A 393 32.79 -36.83 -10.04
N GLN A 394 32.70 -35.50 -10.22
CA GLN A 394 32.86 -34.89 -11.53
C GLN A 394 33.94 -33.82 -11.47
N GLU A 395 34.12 -33.12 -12.58
CA GLU A 395 35.11 -32.04 -12.68
C GLU A 395 35.01 -31.06 -11.52
N GLU A 396 33.89 -30.35 -11.43
CA GLU A 396 33.64 -29.52 -10.27
C GLU A 396 32.63 -30.21 -9.38
N ASP A 397 33.10 -30.74 -8.25
CA ASP A 397 32.25 -31.45 -7.31
C ASP A 397 32.82 -31.25 -5.92
N VAL A 398 32.00 -31.43 -4.89
CA VAL A 398 32.54 -31.43 -3.54
C VAL A 398 31.88 -32.49 -2.66
N VAL A 399 32.68 -33.30 -1.96
CA VAL A 399 32.13 -34.37 -1.14
C VAL A 399 32.13 -34.05 0.36
N LEU A 400 30.94 -34.04 0.96
CA LEU A 400 30.82 -33.90 2.40
C LEU A 400 31.05 -35.23 3.09
N LEU A 401 32.01 -35.27 4.01
CA LEU A 401 32.50 -36.51 4.58
C LEU A 401 32.30 -36.54 6.10
N THR A 402 31.48 -37.46 6.59
CA THR A 402 31.26 -37.57 8.02
C THR A 402 31.50 -38.97 8.56
N ALA A 403 31.72 -39.04 9.87
CA ALA A 403 32.02 -40.32 10.52
C ALA A 403 31.37 -40.37 11.90
N GLY A 404 30.97 -41.58 12.30
CA GLY A 404 30.26 -41.79 13.54
C GLY A 404 29.40 -43.04 13.50
N GLU A 405 28.36 -43.08 14.32
CA GLU A 405 27.42 -44.20 14.29
C GLU A 405 26.71 -44.22 12.95
N HIS A 406 26.28 -45.41 12.52
CA HIS A 406 25.59 -45.56 11.25
C HIS A 406 24.35 -44.67 11.18
N ASN A 407 23.45 -44.86 12.15
CA ASN A 407 22.19 -44.11 12.19
C ASN A 407 22.41 -42.61 12.33
N LYS A 408 23.30 -42.23 13.24
CA LYS A 408 23.59 -40.83 13.52
C LYS A 408 24.09 -40.11 12.28
N ALA A 409 25.11 -40.67 11.65
CA ALA A 409 25.69 -40.08 10.45
C ALA A 409 24.72 -40.10 9.28
N CYS A 410 23.89 -41.13 9.20
CA CYS A 410 22.89 -41.21 8.13
C CYS A 410 21.84 -40.10 8.27
N SER A 411 21.38 -39.89 9.50
CA SER A 411 20.44 -38.80 9.79
C SER A 411 21.09 -37.46 9.46
N LEU A 412 22.34 -37.30 9.87
CA LEU A 412 23.12 -36.09 9.60
C LEU A 412 23.17 -35.76 8.12
N LEU A 413 23.81 -36.64 7.34
CA LEU A 413 23.92 -36.40 5.89
C LEU A 413 22.55 -36.31 5.24
N GLY A 414 21.58 -36.95 5.86
CA GLY A 414 20.21 -36.90 5.40
C GLY A 414 19.60 -35.51 5.45
N LYS A 415 19.81 -34.83 6.56
CA LYS A 415 19.31 -33.46 6.70
C LYS A 415 20.24 -32.51 5.93
N LEU A 416 21.49 -32.91 5.81
CA LEU A 416 22.52 -32.06 5.26
C LEU A 416 22.42 -31.96 3.75
N ARG A 417 21.86 -32.98 3.11
CA ARG A 417 21.67 -32.89 1.67
C ARG A 417 20.54 -31.89 1.39
N LEU A 418 19.57 -31.84 2.30
CA LEU A 418 18.53 -30.82 2.23
C LEU A 418 19.15 -29.45 2.43
N GLU A 419 20.13 -29.38 3.33
CA GLU A 419 20.86 -28.15 3.54
C GLU A 419 21.56 -27.72 2.24
N CYS A 420 22.21 -28.67 1.59
CA CYS A 420 22.86 -28.43 0.30
C CYS A 420 21.86 -28.06 -0.79
N ALA A 421 20.61 -28.46 -0.60
CA ALA A 421 19.56 -28.13 -1.54
C ALA A 421 19.22 -26.66 -1.40
N ASP A 422 18.73 -26.30 -0.22
CA ASP A 422 18.33 -24.93 0.07
C ASP A 422 19.49 -23.94 -0.07
N LEU A 423 20.72 -24.44 0.01
CA LEU A 423 21.91 -23.62 -0.24
C LEU A 423 22.16 -23.47 -1.73
N LEU A 424 22.49 -24.58 -2.38
CA LEU A 424 22.83 -24.58 -3.80
C LEU A 424 21.73 -23.98 -4.69
N GLU A 425 20.48 -23.95 -4.22
CA GLU A 425 19.39 -23.37 -5.01
C GLU A 425 19.41 -21.84 -5.01
N THR A 426 19.62 -21.24 -3.83
CA THR A 426 19.87 -19.81 -3.76
C THR A 426 21.29 -19.61 -4.27
N ARG A 427 21.61 -18.40 -4.74
CA ARG A 427 22.93 -18.14 -5.29
C ARG A 427 23.34 -19.16 -6.35
N GLY A 428 22.39 -19.63 -7.15
CA GLY A 428 22.68 -20.61 -8.18
C GLY A 428 21.48 -21.35 -8.74
N VAL A 429 21.74 -22.54 -9.28
CA VAL A 429 20.70 -23.37 -9.90
C VAL A 429 19.88 -24.11 -8.85
N VAL A 430 18.60 -24.32 -9.15
CA VAL A 430 17.73 -25.09 -8.26
C VAL A 430 17.49 -26.50 -8.83
N LEU A 431 17.84 -27.51 -8.03
CA LEU A 431 17.78 -28.89 -8.50
C LEU A 431 16.41 -29.52 -8.24
N ARG A 432 15.61 -28.88 -7.39
CA ARG A 432 14.28 -29.38 -7.06
C ARG A 432 13.21 -28.42 -7.53
N ASP A 433 12.54 -28.76 -8.62
CA ASP A 433 11.50 -27.92 -9.20
C ASP A 433 10.10 -28.52 -9.08
N PRO A 434 9.14 -27.75 -8.54
CA PRO A 434 7.76 -28.21 -8.42
C PRO A 434 7.16 -28.65 -9.76
N THR A 435 7.81 -28.32 -10.89
CA THR A 435 7.36 -28.79 -12.21
C THR A 435 7.39 -30.31 -12.41
N LEU A 436 8.53 -30.94 -12.10
CA LEU A 436 8.66 -32.38 -12.30
C LEU A 436 8.28 -33.14 -11.03
N PHE A 437 8.21 -34.47 -11.12
CA PHE A 437 7.77 -35.29 -10.00
C PHE A 437 8.60 -36.55 -9.89
N SER A 438 8.83 -36.99 -8.65
CA SER A 438 9.47 -38.27 -8.41
C SER A 438 8.65 -39.06 -7.40
N PHE A 439 8.29 -40.28 -7.75
CA PHE A 439 7.60 -41.17 -6.83
C PHE A 439 8.55 -42.26 -6.37
N LEU A 440 8.42 -42.64 -5.11
CA LEU A 440 9.22 -43.72 -4.54
C LEU A 440 8.38 -44.59 -3.59
N TRP A 441 8.51 -45.90 -3.73
CA TRP A 441 7.86 -46.83 -2.81
C TRP A 441 8.75 -47.07 -1.60
N VAL A 442 8.18 -47.04 -0.41
CA VAL A 442 8.93 -47.38 0.79
C VAL A 442 8.30 -48.57 1.50
N VAL A 443 9.00 -49.69 1.50
CA VAL A 443 8.43 -50.94 1.99
C VAL A 443 9.14 -51.43 3.26
N ASP A 444 8.66 -52.54 3.80
CA ASP A 444 9.34 -53.24 4.90
C ASP A 444 9.55 -52.42 6.18
N PHE A 445 8.58 -51.58 6.52
CA PHE A 445 8.65 -50.80 7.75
C PHE A 445 8.67 -51.71 8.97
N PRO A 446 9.13 -51.19 10.12
CA PRO A 446 9.01 -51.94 11.37
C PRO A 446 7.55 -52.24 11.72
N LEU A 447 7.29 -53.37 12.39
CA LEU A 447 5.95 -53.73 12.84
C LEU A 447 5.55 -53.09 14.18
N PHE A 448 6.53 -52.90 15.06
CA PHE A 448 6.26 -52.38 16.40
C PHE A 448 7.30 -51.35 16.85
N LEU A 449 6.86 -50.37 17.63
CA LEU A 449 7.75 -49.35 18.19
C LEU A 449 7.40 -49.05 19.66
N PRO A 450 8.43 -48.82 20.51
CA PRO A 450 8.38 -48.91 21.99
C PRO A 450 7.54 -47.92 22.82
N LYS A 451 7.53 -46.64 22.48
CA LYS A 451 7.01 -45.59 23.36
C LYS A 451 5.51 -45.27 23.07
N GLU A 452 4.83 -44.33 23.77
CA GLU A 452 5.35 -43.38 24.76
C GLU A 452 5.41 -43.86 26.21
N GLU A 453 4.73 -44.96 26.52
CA GLU A 453 4.89 -45.54 27.84
C GLU A 453 6.28 -46.14 27.85
N ASN A 454 6.83 -46.36 29.04
CA ASN A 454 8.18 -46.90 29.14
C ASN A 454 8.34 -48.16 28.31
N PRO A 455 9.34 -48.19 27.43
CA PRO A 455 9.60 -49.42 26.68
C PRO A 455 9.81 -50.60 27.63
N ARG A 456 9.07 -51.68 27.39
CA ARG A 456 8.19 -51.78 26.24
C ARG A 456 6.74 -52.14 26.56
N GLU A 457 5.83 -51.19 26.34
CA GLU A 457 4.42 -51.49 26.20
C GLU A 457 4.12 -51.50 24.70
N LEU A 458 5.19 -51.27 23.95
CA LEU A 458 5.18 -51.13 22.51
C LEU A 458 4.18 -50.12 21.99
N GLU A 459 3.64 -50.44 20.82
CA GLU A 459 2.66 -49.64 20.11
C GLU A 459 2.55 -50.34 18.77
N SER A 460 1.49 -50.06 18.03
CA SER A 460 1.43 -50.53 16.66
C SER A 460 2.20 -49.54 15.80
N ALA A 461 3.07 -50.06 14.93
CA ALA A 461 3.87 -49.21 14.04
C ALA A 461 3.00 -48.17 13.36
N HIS A 462 2.07 -48.64 12.55
CA HIS A 462 1.10 -47.78 11.90
C HIS A 462 -0.31 -48.22 12.27
N HIS A 463 -0.66 -49.43 11.86
CA HIS A 463 -1.99 -49.97 12.11
C HIS A 463 -1.84 -51.22 12.98
N PRO A 464 -2.79 -51.42 13.91
CA PRO A 464 -2.79 -52.60 14.77
C PRO A 464 -2.74 -53.87 13.96
N PHE A 465 -3.53 -53.95 12.88
CA PHE A 465 -3.51 -55.15 12.06
C PHE A 465 -2.69 -54.90 10.81
N THR A 466 -1.49 -55.44 10.80
CA THR A 466 -0.59 -55.29 9.68
C THR A 466 0.17 -56.58 9.49
N ALA A 467 0.12 -57.14 8.29
CA ALA A 467 0.77 -58.40 8.01
C ALA A 467 2.28 -58.25 8.07
N PRO A 468 2.93 -58.99 8.98
CA PRO A 468 4.39 -58.99 9.04
C PRO A 468 5.00 -59.66 7.81
N HIS A 469 6.06 -59.06 7.26
CA HIS A 469 6.82 -59.66 6.17
C HIS A 469 7.14 -61.04 6.68
N PRO A 470 6.77 -62.08 5.92
CA PRO A 470 6.71 -63.40 6.57
C PRO A 470 8.00 -63.78 7.31
N SER A 471 9.15 -63.83 6.65
CA SER A 471 10.46 -63.86 7.32
C SER A 471 10.43 -64.61 8.65
N ASP A 472 10.02 -65.88 8.60
CA ASP A 472 9.84 -66.73 9.78
C ASP A 472 8.69 -66.33 10.74
N ILE A 473 8.20 -65.09 10.64
CA ILE A 473 7.00 -64.59 11.34
C ILE A 473 7.14 -64.56 12.88
N HIS A 474 8.12 -65.29 13.38
CA HIS A 474 8.19 -65.65 14.79
C HIS A 474 9.01 -64.64 15.59
N LEU A 475 9.66 -63.74 14.88
CA LEU A 475 10.44 -62.68 15.52
C LEU A 475 9.50 -61.84 16.38
N LEU A 476 8.20 -61.94 16.10
CA LEU A 476 7.15 -61.37 16.94
C LEU A 476 7.29 -61.85 18.38
N TYR A 477 7.33 -63.17 18.53
CA TYR A 477 7.42 -63.79 19.85
C TYR A 477 8.82 -63.75 20.43
N THR A 478 9.82 -64.06 19.60
CA THR A 478 11.20 -63.99 20.06
C THR A 478 11.55 -62.57 20.53
N GLU A 479 11.67 -61.66 19.56
CA GLU A 479 12.06 -60.27 19.83
C GLU A 479 11.20 -59.28 19.06
N PRO A 480 10.10 -58.81 19.66
CA PRO A 480 9.30 -57.85 18.90
C PRO A 480 10.08 -56.56 18.63
N LYS A 481 9.52 -55.68 17.81
CA LYS A 481 10.22 -54.49 17.30
C LYS A 481 11.35 -54.82 16.34
N LYS A 482 11.77 -56.09 16.32
CA LYS A 482 12.79 -56.56 15.39
C LYS A 482 12.17 -57.24 14.19
N ALA A 483 10.84 -57.36 14.21
CA ALA A 483 10.12 -57.98 13.12
C ALA A 483 9.51 -56.90 12.25
N ARG A 484 9.64 -57.05 10.93
CA ARG A 484 9.13 -56.05 10.01
C ARG A 484 7.69 -56.34 9.58
N SER A 485 7.12 -55.44 8.78
CA SER A 485 5.74 -55.59 8.32
C SER A 485 5.63 -55.45 6.81
N GLN A 486 4.42 -55.62 6.29
CA GLN A 486 4.18 -55.42 4.88
C GLN A 486 3.65 -54.03 4.60
N HIS A 487 3.60 -53.18 5.63
CA HIS A 487 3.20 -51.79 5.46
C HIS A 487 4.05 -51.07 4.41
N TYR A 488 3.40 -50.22 3.61
CA TYR A 488 4.08 -49.50 2.54
C TYR A 488 3.68 -48.04 2.56
N ASP A 489 4.56 -47.18 2.05
CA ASP A 489 4.28 -45.76 1.92
C ASP A 489 4.68 -45.28 0.54
N LEU A 490 3.81 -44.52 -0.10
CA LEU A 490 4.15 -43.88 -1.36
C LEU A 490 4.65 -42.47 -1.03
N VAL A 491 5.83 -42.12 -1.53
CA VAL A 491 6.34 -40.77 -1.35
C VAL A 491 6.50 -40.06 -2.68
N LEU A 492 6.04 -38.80 -2.71
CA LEU A 492 6.15 -37.97 -3.91
C LEU A 492 6.85 -36.66 -3.57
N ASN A 493 8.03 -36.47 -4.14
CA ASN A 493 8.82 -35.27 -3.93
C ASN A 493 8.95 -34.88 -2.44
N GLY A 494 9.32 -35.85 -1.62
CA GLY A 494 9.60 -35.59 -0.22
C GLY A 494 8.38 -35.50 0.66
N ASN A 495 7.22 -35.84 0.09
CA ASN A 495 5.98 -35.83 0.84
C ASN A 495 5.44 -37.24 0.97
N GLU A 496 4.63 -37.48 2.00
CA GLU A 496 3.94 -38.75 2.06
C GLU A 496 2.60 -38.51 1.36
N ILE A 497 2.50 -39.05 0.16
CA ILE A 497 1.33 -38.84 -0.69
C ILE A 497 0.25 -39.83 -0.27
N GLY A 498 0.66 -41.06 0.05
CA GLY A 498 -0.25 -42.08 0.52
C GLY A 498 0.45 -43.23 1.23
N GLY A 499 -0.31 -44.02 1.96
CA GLY A 499 0.22 -45.18 2.66
C GLY A 499 -0.84 -46.20 2.98
N GLY A 500 -0.41 -47.41 3.32
CA GLY A 500 -1.32 -48.47 3.70
C GLY A 500 -0.54 -49.73 4.06
N SER A 501 -1.26 -50.83 4.23
CA SER A 501 -0.62 -52.10 4.55
C SER A 501 -1.45 -53.27 4.04
N ILE A 502 -0.94 -54.48 4.23
CA ILE A 502 -1.75 -55.66 4.03
C ILE A 502 -2.34 -55.99 5.38
N ARG A 503 -3.64 -55.78 5.54
CA ARG A 503 -4.31 -56.04 6.80
C ARG A 503 -4.26 -57.56 7.00
N ILE A 504 -4.15 -58.02 8.24
CA ILE A 504 -3.96 -59.44 8.50
C ILE A 504 -5.27 -60.20 8.75
N HIS A 505 -5.40 -61.37 8.13
CA HIS A 505 -6.57 -62.23 8.30
C HIS A 505 -6.30 -63.31 9.35
N ASN A 506 -7.23 -64.24 9.51
CA ASN A 506 -7.06 -65.37 10.44
C ASN A 506 -6.83 -65.00 11.93
N ALA A 507 -7.93 -64.74 12.64
CA ALA A 507 -7.91 -64.15 13.98
C ALA A 507 -6.95 -64.80 14.95
N GLU A 508 -6.53 -66.03 14.67
CA GLU A 508 -5.50 -66.71 15.45
C GLU A 508 -4.28 -65.80 15.67
N LEU A 509 -3.80 -65.18 14.61
CA LEU A 509 -2.61 -64.33 14.65
C LEU A 509 -2.92 -63.01 15.36
N GLN A 510 -4.07 -62.44 15.03
CA GLN A 510 -4.53 -61.18 15.58
C GLN A 510 -4.63 -61.19 17.10
N ARG A 511 -5.15 -62.30 17.60
CA ARG A 511 -5.48 -62.46 19.02
C ARG A 511 -4.35 -62.06 19.93
N TYR A 512 -3.17 -62.67 19.73
CA TYR A 512 -2.07 -62.43 20.65
C TYR A 512 -1.36 -61.10 20.44
N ILE A 513 -1.44 -60.54 19.24
CA ILE A 513 -0.89 -59.22 19.02
C ILE A 513 -1.69 -58.21 19.83
N LEU A 514 -3.02 -58.33 19.75
CA LEU A 514 -3.88 -57.52 20.59
C LEU A 514 -3.71 -57.87 22.08
N ALA A 515 -3.30 -59.10 22.38
CA ALA A 515 -3.09 -59.53 23.76
C ALA A 515 -1.86 -58.87 24.41
N THR A 516 -0.74 -58.88 23.68
CA THR A 516 0.46 -58.18 24.14
C THR A 516 0.21 -56.70 24.21
N LEU A 517 -0.48 -56.16 23.20
CA LEU A 517 -0.76 -54.74 23.18
C LEU A 517 -1.60 -54.28 24.38
N LEU A 518 -2.82 -54.82 24.52
CA LEU A 518 -3.67 -54.58 25.69
C LEU A 518 -5.01 -55.31 25.58
N LYS A 519 -5.68 -55.49 26.72
CA LYS A 519 -6.91 -56.26 26.77
C LYS A 519 -8.06 -55.41 27.30
N GLU A 520 -9.28 -55.91 27.11
CA GLU A 520 -10.53 -55.16 27.27
C GLU A 520 -10.74 -54.24 26.07
N ASP A 521 -9.74 -54.23 25.19
CA ASP A 521 -9.85 -53.64 23.86
C ASP A 521 -10.71 -54.60 23.04
N VAL A 522 -10.83 -55.82 23.56
CA VAL A 522 -11.66 -56.86 23.00
C VAL A 522 -13.12 -56.40 22.97
N LYS A 523 -13.48 -55.50 23.89
CA LYS A 523 -14.81 -54.88 23.86
C LYS A 523 -15.05 -54.29 22.48
N MET A 524 -14.12 -53.44 22.06
CA MET A 524 -14.20 -52.75 20.78
C MET A 524 -14.05 -53.72 19.61
N LEU A 525 -12.97 -54.49 19.61
CA LEU A 525 -12.56 -55.23 18.41
C LEU A 525 -12.98 -56.69 18.29
N SER A 526 -13.76 -57.21 19.25
CA SER A 526 -14.25 -58.57 19.13
C SER A 526 -15.25 -58.67 17.97
N HIS A 527 -15.91 -57.56 17.66
CA HIS A 527 -16.84 -57.52 16.53
C HIS A 527 -16.07 -57.68 15.22
N LEU A 528 -14.83 -57.21 15.22
CA LEU A 528 -13.95 -57.34 14.06
C LEU A 528 -13.28 -58.72 13.97
N LEU A 529 -12.73 -59.19 15.08
CA LEU A 529 -12.06 -60.50 15.08
C LEU A 529 -13.09 -61.60 14.84
N GLN A 530 -14.35 -61.30 15.19
CA GLN A 530 -15.45 -62.19 14.86
C GLN A 530 -15.50 -62.36 13.35
N ALA A 531 -15.42 -61.24 12.63
CA ALA A 531 -15.42 -61.25 11.18
C ALA A 531 -14.16 -61.91 10.65
N LEU A 532 -13.13 -61.95 11.48
CA LEU A 532 -11.92 -62.67 11.12
C LEU A 532 -12.13 -64.19 11.19
N ASP A 533 -12.97 -64.63 12.13
CA ASP A 533 -13.26 -66.06 12.28
C ASP A 533 -14.44 -66.53 11.42
N TYR A 534 -15.02 -65.61 10.66
CA TYR A 534 -16.12 -65.92 9.73
C TYR A 534 -15.67 -66.21 8.30
N GLY A 535 -14.37 -66.41 8.12
CA GLY A 535 -13.77 -66.64 6.82
C GLY A 535 -13.46 -65.40 6.00
N ALA A 536 -12.80 -64.44 6.64
CA ALA A 536 -12.22 -63.28 5.96
C ALA A 536 -11.11 -63.74 5.01
N PRO A 537 -11.15 -63.25 3.75
CA PRO A 537 -10.11 -63.57 2.77
C PRO A 537 -8.84 -62.78 3.05
N PRO A 538 -7.71 -63.18 2.44
CA PRO A 538 -6.54 -62.31 2.53
C PRO A 538 -6.86 -61.01 1.79
N HIS A 539 -6.56 -59.88 2.43
CA HIS A 539 -6.93 -58.59 1.87
C HIS A 539 -5.94 -57.49 2.23
N GLY A 540 -5.71 -56.56 1.31
CA GLY A 540 -4.85 -55.44 1.59
C GLY A 540 -5.20 -54.23 0.75
N GLY A 541 -4.88 -53.05 1.26
CA GLY A 541 -5.21 -51.81 0.58
C GLY A 541 -4.36 -50.64 1.02
N ILE A 542 -4.66 -49.47 0.45
CA ILE A 542 -3.86 -48.28 0.68
C ILE A 542 -4.75 -47.03 0.76
N ALA A 543 -4.33 -46.06 1.55
CA ALA A 543 -4.98 -44.76 1.60
C ALA A 543 -4.16 -43.75 0.82
N LEU A 544 -4.83 -42.80 0.18
CA LEU A 544 -4.16 -41.79 -0.62
C LEU A 544 -4.63 -40.43 -0.17
N GLY A 545 -3.75 -39.63 0.41
CA GLY A 545 -4.14 -38.29 0.82
C GLY A 545 -4.45 -37.45 -0.41
N LEU A 546 -5.68 -36.98 -0.52
CA LEU A 546 -6.13 -36.32 -1.74
C LEU A 546 -5.68 -34.88 -1.81
N ASP A 547 -5.91 -34.15 -0.72
CA ASP A 547 -5.59 -32.73 -0.63
C ASP A 547 -4.08 -32.54 -0.78
N ARG A 548 -3.34 -33.54 -0.32
CA ARG A 548 -1.89 -33.49 -0.37
C ARG A 548 -1.43 -33.66 -1.80
N LEU A 549 -1.74 -34.81 -2.41
CA LEU A 549 -1.39 -35.05 -3.79
C LEU A 549 -1.82 -33.91 -4.73
N ILE A 550 -3.06 -33.43 -4.59
CA ILE A 550 -3.54 -32.36 -5.46
C ILE A 550 -2.76 -31.05 -5.23
N CYS A 551 -2.44 -30.75 -3.97
CA CYS A 551 -1.60 -29.60 -3.69
C CYS A 551 -0.23 -29.74 -4.38
N LEU A 552 0.39 -30.89 -4.18
CA LEU A 552 1.70 -31.20 -4.75
C LEU A 552 1.71 -31.07 -6.26
N VAL A 553 0.62 -31.47 -6.91
CA VAL A 553 0.57 -31.44 -8.37
C VAL A 553 0.26 -30.04 -8.90
N THR A 554 -0.56 -29.27 -8.18
CA THR A 554 -0.86 -27.90 -8.62
C THR A 554 0.24 -26.93 -8.25
N GLY A 555 1.16 -27.36 -7.40
CA GLY A 555 2.29 -26.53 -7.01
C GLY A 555 1.89 -25.41 -6.06
N SER A 556 0.75 -25.59 -5.40
CA SER A 556 0.26 -24.60 -4.45
C SER A 556 1.14 -24.51 -3.20
N PRO A 557 1.18 -23.32 -2.59
CA PRO A 557 1.91 -23.09 -1.34
C PRO A 557 1.37 -23.93 -0.20
N SER A 558 0.05 -23.96 -0.07
CA SER A 558 -0.60 -24.73 1.00
C SER A 558 -1.75 -25.55 0.46
N ILE A 559 -2.17 -26.57 1.20
CA ILE A 559 -3.26 -27.43 0.75
C ILE A 559 -4.60 -26.70 0.83
N ARG A 560 -4.58 -25.49 1.36
CA ARG A 560 -5.80 -24.70 1.46
C ARG A 560 -6.12 -24.03 0.12
N ASP A 561 -5.19 -24.11 -0.82
CA ASP A 561 -5.42 -23.54 -2.15
C ASP A 561 -6.07 -24.57 -3.08
N VAL A 562 -6.03 -25.84 -2.67
CA VAL A 562 -6.70 -26.91 -3.41
C VAL A 562 -8.06 -27.31 -2.83
N ILE A 563 -8.50 -26.58 -1.81
CA ILE A 563 -9.79 -26.83 -1.16
C ILE A 563 -10.78 -25.67 -1.40
N ALA A 564 -12.03 -26.02 -1.71
CA ALA A 564 -13.07 -25.03 -1.96
C ALA A 564 -13.22 -23.99 -0.85
N PHE A 565 -13.61 -24.43 0.34
CA PHE A 565 -13.78 -23.52 1.47
C PHE A 565 -12.99 -23.98 2.68
N PRO A 566 -11.65 -23.87 2.63
CA PRO A 566 -10.82 -24.42 3.70
C PRO A 566 -10.95 -23.65 5.01
N LYS A 567 -10.29 -24.13 6.04
CA LYS A 567 -10.34 -23.50 7.35
C LYS A 567 -8.93 -23.33 7.87
N SER A 568 -8.55 -22.07 8.11
CA SER A 568 -7.18 -21.77 8.49
C SER A 568 -7.03 -21.74 10.00
N PHE A 569 -5.95 -22.34 10.49
CA PHE A 569 -5.56 -22.18 11.88
C PHE A 569 -6.62 -22.64 12.91
N ARG A 570 -6.71 -23.95 13.11
CA ARG A 570 -7.62 -24.54 14.10
C ARG A 570 -9.08 -24.22 13.78
N GLY A 571 -9.57 -24.86 12.72
CA GLY A 571 -10.93 -24.63 12.26
C GLY A 571 -11.11 -23.18 11.90
N HIS A 572 -12.12 -22.56 12.51
CA HIS A 572 -12.39 -21.14 12.34
C HIS A 572 -12.37 -20.70 10.88
N ASP A 573 -13.40 -21.11 10.15
CA ASP A 573 -13.59 -20.61 8.79
C ASP A 573 -13.71 -19.10 8.90
N LEU A 574 -12.91 -18.38 8.14
CA LEU A 574 -12.84 -16.93 8.28
C LEU A 574 -14.00 -16.25 7.58
N MET A 575 -14.69 -17.00 6.72
CA MET A 575 -15.78 -16.45 5.93
C MET A 575 -17.08 -16.35 6.73
N SER A 576 -17.37 -17.39 7.49
CA SER A 576 -18.54 -17.41 8.36
C SER A 576 -18.08 -17.67 9.78
N ASN A 577 -18.80 -17.18 10.78
CA ASN A 577 -18.34 -17.37 12.14
C ASN A 577 -18.64 -18.79 12.59
N THR A 578 -17.57 -19.55 12.87
CA THR A 578 -17.64 -20.97 13.17
C THR A 578 -16.24 -21.47 13.42
N PRO A 579 -16.05 -22.34 14.43
CA PRO A 579 -17.04 -22.83 15.39
C PRO A 579 -17.50 -21.73 16.33
N ASP A 580 -18.79 -21.68 16.60
CA ASP A 580 -19.38 -20.62 17.38
C ASP A 580 -20.12 -21.20 18.59
N SER A 581 -20.44 -20.34 19.55
CA SER A 581 -21.24 -20.73 20.70
C SER A 581 -22.70 -20.83 20.30
N VAL A 582 -23.58 -21.01 21.29
CA VAL A 582 -24.99 -21.29 21.04
C VAL A 582 -25.76 -21.31 22.36
N PRO A 583 -26.97 -20.72 22.37
CA PRO A 583 -27.84 -20.61 23.56
C PRO A 583 -28.06 -21.96 24.26
N PRO A 584 -28.08 -21.94 25.60
CA PRO A 584 -28.07 -23.14 26.45
C PRO A 584 -29.21 -24.13 26.17
N GLU A 585 -30.37 -23.64 25.75
CA GLU A 585 -31.50 -24.51 25.48
C GLU A 585 -31.29 -25.38 24.24
N GLU A 586 -30.22 -25.10 23.50
CA GLU A 586 -29.86 -25.94 22.37
C GLU A 586 -28.96 -27.11 22.81
N LEU A 587 -28.42 -27.02 24.02
CA LEU A 587 -27.65 -28.12 24.60
C LEU A 587 -28.59 -29.10 25.31
N LYS A 588 -29.82 -28.63 25.55
CA LYS A 588 -30.81 -29.38 26.33
C LYS A 588 -31.21 -30.75 25.75
N PRO A 589 -31.45 -30.85 24.43
CA PRO A 589 -31.80 -32.17 23.89
C PRO A 589 -30.73 -33.24 24.08
N TYR A 590 -29.50 -32.84 24.39
CA TYR A 590 -28.41 -33.80 24.52
C TYR A 590 -27.92 -33.91 25.96
N HIS A 591 -27.13 -32.93 26.40
CA HIS A 591 -26.54 -32.91 27.74
C HIS A 591 -25.70 -31.65 27.92
N PRO B 3 -14.03 -53.85 -18.67
CA PRO B 3 -13.83 -54.14 -17.24
C PRO B 3 -12.90 -55.33 -17.05
N GLU B 4 -11.69 -55.06 -16.54
CA GLU B 4 -10.69 -56.09 -16.35
C GLU B 4 -11.15 -57.10 -15.30
N PHE B 5 -11.92 -56.60 -14.34
CA PHE B 5 -12.33 -57.36 -13.17
C PHE B 5 -11.16 -57.99 -12.43
N SER B 6 -11.17 -59.30 -12.27
CA SER B 6 -10.11 -59.91 -11.47
C SER B 6 -8.80 -59.76 -12.23
N SER B 7 -7.88 -59.04 -11.59
CA SER B 7 -6.64 -58.56 -12.18
C SER B 7 -5.92 -57.80 -11.07
N PHE B 8 -4.62 -57.61 -11.24
CA PHE B 8 -3.75 -57.06 -10.19
C PHE B 8 -3.75 -57.95 -8.96
N VAL B 9 -4.10 -59.21 -9.13
CA VAL B 9 -4.19 -60.13 -8.00
C VAL B 9 -3.69 -61.48 -8.44
N VAL B 10 -3.45 -62.37 -7.49
CA VAL B 10 -3.12 -63.71 -7.88
C VAL B 10 -4.46 -64.40 -7.96
N ARG B 11 -4.88 -64.57 -9.21
CA ARG B 11 -6.12 -65.23 -9.60
C ARG B 11 -6.22 -64.94 -11.08
N THR B 12 -7.01 -65.73 -11.77
CA THR B 12 -7.45 -65.38 -13.11
C THR B 12 -8.89 -65.80 -13.13
N ASN B 13 -9.74 -65.07 -13.85
CA ASN B 13 -11.09 -65.55 -14.06
C ASN B 13 -11.95 -65.74 -12.79
N THR B 14 -12.53 -64.66 -12.30
CA THR B 14 -13.46 -64.72 -11.17
C THR B 14 -14.46 -65.84 -11.37
N CYS B 15 -14.80 -66.50 -10.27
CA CYS B 15 -15.49 -67.79 -10.28
C CYS B 15 -16.65 -67.89 -11.27
N GLY B 16 -17.50 -66.87 -11.30
CA GLY B 16 -18.70 -66.95 -12.10
C GLY B 16 -18.59 -66.67 -13.59
N GLU B 17 -17.42 -66.22 -14.02
CA GLU B 17 -17.27 -65.84 -15.42
C GLU B 17 -16.99 -67.02 -16.35
N LEU B 18 -16.60 -68.16 -15.77
CA LEU B 18 -16.20 -69.32 -16.58
C LEU B 18 -17.35 -69.88 -17.39
N ARG B 19 -17.13 -70.07 -18.68
CA ARG B 19 -18.13 -70.65 -19.59
C ARG B 19 -17.43 -71.65 -20.51
N SER B 20 -18.17 -72.17 -21.50
CA SER B 20 -17.61 -73.14 -22.43
C SER B 20 -16.41 -72.60 -23.21
N SER B 21 -16.40 -71.29 -23.44
CA SER B 21 -15.28 -70.61 -24.09
C SER B 21 -13.97 -70.91 -23.38
N HIS B 22 -14.05 -71.18 -22.09
CA HIS B 22 -12.89 -71.38 -21.24
C HIS B 22 -12.47 -72.84 -21.15
N LEU B 23 -13.12 -73.71 -21.91
CA LEU B 23 -12.76 -75.11 -21.93
C LEU B 23 -11.28 -75.31 -22.23
N GLY B 24 -10.62 -76.09 -21.37
CA GLY B 24 -9.23 -76.46 -21.58
C GLY B 24 -8.24 -75.45 -21.04
N GLN B 25 -8.71 -74.22 -20.82
CA GLN B 25 -7.84 -73.16 -20.31
C GLN B 25 -7.40 -73.48 -18.89
N GLU B 26 -6.10 -73.36 -18.63
CA GLU B 26 -5.59 -73.48 -17.28
C GLU B 26 -6.03 -72.25 -16.51
N VAL B 27 -6.54 -72.44 -15.29
CA VAL B 27 -6.99 -71.34 -14.47
C VAL B 27 -6.75 -71.62 -13.00
N THR B 28 -6.40 -70.58 -12.25
CA THR B 28 -6.38 -70.69 -10.81
C THR B 28 -7.32 -69.64 -10.23
N LEU B 29 -8.42 -70.09 -9.62
CA LEU B 29 -9.40 -69.18 -9.06
C LEU B 29 -9.57 -69.38 -7.56
N CYS B 30 -9.89 -68.31 -6.85
CA CYS B 30 -10.08 -68.40 -5.41
C CYS B 30 -11.41 -67.78 -5.01
N GLY B 31 -12.01 -68.31 -3.95
CA GLY B 31 -13.34 -67.91 -3.55
C GLY B 31 -13.80 -68.54 -2.25
N TRP B 32 -15.12 -68.54 -2.04
CA TRP B 32 -15.72 -69.09 -0.83
C TRP B 32 -16.36 -70.45 -1.05
N ILE B 33 -16.38 -71.29 -0.03
CA ILE B 33 -17.03 -72.59 -0.15
C ILE B 33 -18.48 -72.49 0.25
N GLN B 34 -19.37 -72.69 -0.72
CA GLN B 34 -20.80 -72.60 -0.49
C GLN B 34 -21.31 -73.88 0.12
N TYR B 35 -21.22 -74.96 -0.65
CA TYR B 35 -21.59 -76.28 -0.15
C TYR B 35 -20.92 -77.40 -0.95
N ARG B 36 -20.96 -78.62 -0.42
CA ARG B 36 -20.38 -79.76 -1.11
C ARG B 36 -21.15 -81.03 -0.79
N ARG B 37 -21.08 -82.02 -1.69
CA ARG B 37 -21.69 -83.31 -1.40
C ARG B 37 -20.61 -84.34 -1.07
N GLN B 38 -20.50 -84.68 0.22
CA GLN B 38 -19.57 -85.71 0.69
C GLN B 38 -18.17 -85.66 0.08
N ASN B 39 -17.73 -86.74 -0.53
CA ASN B 39 -16.41 -86.78 -1.14
C ASN B 39 -16.37 -86.29 -2.58
N THR B 40 -17.54 -86.17 -3.21
CA THR B 40 -17.59 -85.90 -4.65
C THR B 40 -17.46 -84.44 -5.13
N PHE B 41 -18.12 -83.50 -4.45
CA PHE B 41 -18.36 -82.19 -5.03
C PHE B 41 -17.79 -81.00 -4.24
N LEU B 42 -17.65 -79.87 -4.93
CA LEU B 42 -17.40 -78.60 -4.29
C LEU B 42 -17.96 -77.47 -5.15
N VAL B 43 -18.50 -76.44 -4.53
CA VAL B 43 -18.89 -75.25 -5.28
C VAL B 43 -18.26 -73.97 -4.72
N LEU B 44 -17.41 -73.36 -5.53
CA LEU B 44 -16.77 -72.10 -5.15
C LEU B 44 -17.65 -70.94 -5.58
N ARG B 45 -17.69 -69.92 -4.75
CA ARG B 45 -18.47 -68.74 -5.03
C ARG B 45 -17.64 -67.47 -4.86
N ASP B 46 -17.57 -66.68 -5.94
CA ASP B 46 -17.00 -65.37 -5.90
C ASP B 46 -18.17 -64.42 -5.70
N PHE B 47 -17.90 -63.12 -5.67
CA PHE B 47 -18.95 -62.13 -5.63
C PHE B 47 -19.80 -62.23 -6.90
N ASP B 48 -19.20 -62.73 -7.97
CA ASP B 48 -19.80 -62.64 -9.28
C ASP B 48 -20.81 -63.76 -9.48
N GLY B 49 -20.31 -64.93 -9.86
CA GLY B 49 -21.11 -66.14 -9.92
C GLY B 49 -20.65 -67.20 -8.94
N LEU B 50 -20.94 -68.45 -9.28
CA LEU B 50 -20.29 -69.59 -8.63
C LEU B 50 -20.05 -70.74 -9.61
N VAL B 51 -18.95 -71.47 -9.39
CA VAL B 51 -18.55 -72.56 -10.26
C VAL B 51 -18.35 -73.86 -9.48
N GLN B 52 -18.38 -74.99 -10.20
CA GLN B 52 -18.35 -76.32 -9.57
C GLN B 52 -16.98 -76.98 -9.66
N VAL B 53 -16.37 -77.24 -8.50
CA VAL B 53 -15.04 -77.84 -8.43
C VAL B 53 -15.12 -79.32 -8.06
N ILE B 54 -14.56 -80.19 -8.90
CA ILE B 54 -14.63 -81.64 -8.60
C ILE B 54 -13.48 -82.12 -7.74
N ILE B 55 -13.81 -82.63 -6.55
CA ILE B 55 -12.80 -83.07 -5.61
C ILE B 55 -12.03 -84.24 -6.21
N PRO B 56 -10.74 -84.02 -6.48
CA PRO B 56 -9.96 -85.09 -7.12
C PRO B 56 -9.77 -86.24 -6.13
N GLN B 57 -10.04 -87.45 -6.58
CA GLN B 57 -9.81 -88.63 -5.76
C GLN B 57 -8.76 -89.51 -6.40
N ASP B 58 -7.58 -89.54 -5.80
CA ASP B 58 -6.41 -90.21 -6.38
C ASP B 58 -5.33 -90.35 -5.32
N GLU B 59 -4.23 -90.99 -5.69
CA GLU B 59 -3.08 -91.15 -4.81
C GLU B 59 -2.23 -89.90 -4.78
N SER B 60 -2.07 -89.27 -5.93
CA SER B 60 -1.27 -88.06 -6.05
C SER B 60 -2.02 -86.83 -5.54
N ALA B 61 -3.34 -86.84 -5.71
CA ALA B 61 -4.17 -85.70 -5.35
C ALA B 61 -4.79 -85.81 -3.95
N ALA B 62 -4.42 -86.86 -3.21
CA ALA B 62 -5.00 -87.10 -1.89
C ALA B 62 -4.69 -86.01 -0.87
N SER B 63 -3.50 -85.40 -0.97
CA SER B 63 -3.13 -84.31 -0.08
C SER B 63 -3.96 -83.06 -0.36
N VAL B 64 -4.43 -82.96 -1.59
CA VAL B 64 -5.33 -81.88 -2.00
C VAL B 64 -6.76 -82.14 -1.54
N LYS B 65 -7.24 -83.36 -1.78
CA LYS B 65 -8.55 -83.79 -1.34
C LYS B 65 -8.69 -83.64 0.17
N LYS B 66 -7.57 -83.83 0.87
CA LYS B 66 -7.53 -83.65 2.32
C LYS B 66 -8.06 -82.30 2.74
N ILE B 67 -7.38 -81.23 2.33
CA ILE B 67 -7.78 -79.88 2.72
C ILE B 67 -9.10 -79.44 2.07
N LEU B 68 -9.30 -79.87 0.82
CA LEU B 68 -10.51 -79.52 0.09
C LEU B 68 -11.76 -80.10 0.75
N CYS B 69 -11.61 -81.22 1.44
CA CYS B 69 -12.69 -81.78 2.24
C CYS B 69 -12.58 -81.42 3.73
N GLU B 70 -11.48 -80.77 4.12
CA GLU B 70 -11.31 -80.37 5.52
C GLU B 70 -11.80 -78.94 5.75
N ALA B 71 -12.05 -78.23 4.66
CA ALA B 71 -12.54 -76.86 4.76
C ALA B 71 -13.94 -76.82 5.37
N PRO B 72 -14.11 -76.00 6.42
CA PRO B 72 -15.39 -75.78 7.12
C PRO B 72 -16.47 -75.16 6.23
N VAL B 73 -17.62 -74.82 6.82
CA VAL B 73 -18.85 -74.50 6.09
C VAL B 73 -18.64 -73.55 4.94
N GLU B 74 -18.41 -72.28 5.25
CA GLU B 74 -18.05 -71.33 4.23
C GLU B 74 -16.72 -70.72 4.60
N SER B 75 -15.68 -71.13 3.88
CA SER B 75 -14.35 -70.64 4.18
C SER B 75 -13.71 -70.20 2.88
N VAL B 76 -12.53 -69.61 2.97
CA VAL B 76 -11.90 -69.06 1.78
C VAL B 76 -10.81 -69.98 1.30
N VAL B 77 -10.97 -70.47 0.07
CA VAL B 77 -10.03 -71.42 -0.47
C VAL B 77 -9.58 -70.95 -1.85
N GLN B 78 -8.32 -71.18 -2.17
CA GLN B 78 -7.83 -70.99 -3.51
C GLN B 78 -7.67 -72.37 -4.14
N VAL B 79 -8.15 -72.51 -5.37
CA VAL B 79 -8.10 -73.78 -6.07
C VAL B 79 -7.57 -73.57 -7.47
N SER B 80 -6.59 -74.37 -7.88
CA SER B 80 -6.05 -74.30 -9.23
C SER B 80 -6.32 -75.58 -10.01
N GLY B 81 -6.58 -75.47 -11.31
CA GLY B 81 -6.88 -76.63 -12.12
C GLY B 81 -7.22 -76.31 -13.56
N THR B 82 -7.85 -77.27 -14.25
CA THR B 82 -8.17 -77.10 -15.66
C THR B 82 -9.68 -77.16 -15.91
N VAL B 83 -10.15 -76.30 -16.80
CA VAL B 83 -11.57 -76.20 -17.08
C VAL B 83 -12.04 -77.33 -17.99
N ILE B 84 -12.98 -78.14 -17.52
CA ILE B 84 -13.51 -79.23 -18.32
C ILE B 84 -15.03 -79.15 -18.40
N SER B 85 -15.60 -79.79 -19.41
CA SER B 85 -17.05 -79.80 -19.57
C SER B 85 -17.69 -80.89 -18.73
N ARG B 86 -18.86 -80.59 -18.17
CA ARG B 86 -19.58 -81.55 -17.36
C ARG B 86 -19.95 -82.77 -18.19
N PRO B 87 -19.75 -83.98 -17.62
CA PRO B 87 -19.98 -85.24 -18.33
C PRO B 87 -21.44 -85.39 -18.79
N ALA B 88 -21.63 -85.70 -20.07
CA ALA B 88 -22.95 -85.95 -20.64
C ALA B 88 -23.97 -84.84 -20.36
N GLY B 89 -25.08 -85.21 -19.73
CA GLY B 89 -26.17 -84.31 -19.47
C GLY B 89 -26.20 -83.77 -18.04
N GLN B 90 -25.04 -83.81 -17.39
CA GLN B 90 -24.90 -83.29 -16.03
C GLN B 90 -25.09 -81.78 -15.96
N GLU B 91 -25.19 -81.15 -17.13
CA GLU B 91 -25.26 -79.70 -17.25
C GLU B 91 -26.40 -79.09 -16.46
N ASN B 92 -26.16 -77.90 -15.94
CA ASN B 92 -27.15 -77.18 -15.14
C ASN B 92 -27.43 -75.82 -15.76
N PRO B 93 -28.41 -75.76 -16.67
CA PRO B 93 -28.80 -74.51 -17.35
C PRO B 93 -29.25 -73.40 -16.40
N LYS B 94 -29.56 -73.74 -15.16
CA LYS B 94 -29.97 -72.75 -14.16
C LYS B 94 -28.82 -71.82 -13.72
N MET B 95 -27.59 -72.32 -13.80
CA MET B 95 -26.43 -71.51 -13.43
C MET B 95 -25.50 -71.29 -14.63
N PRO B 96 -24.85 -70.11 -14.69
CA PRO B 96 -24.12 -69.69 -15.89
C PRO B 96 -22.90 -70.55 -16.16
N THR B 97 -22.30 -71.06 -15.10
CA THR B 97 -21.10 -71.88 -15.20
C THR B 97 -21.50 -73.35 -15.35
N GLY B 98 -22.81 -73.57 -15.44
CA GLY B 98 -23.40 -74.90 -15.38
C GLY B 98 -23.01 -75.90 -16.46
N GLU B 99 -22.47 -75.42 -17.58
CA GLU B 99 -22.06 -76.34 -18.63
C GLU B 99 -20.65 -76.86 -18.38
N ILE B 100 -19.94 -76.25 -17.43
CA ILE B 100 -18.57 -76.66 -17.12
C ILE B 100 -18.29 -76.85 -15.63
N GLU B 101 -17.28 -77.68 -15.36
CA GLU B 101 -16.75 -77.88 -14.03
C GLU B 101 -15.23 -77.74 -14.07
N ILE B 102 -14.63 -77.62 -12.90
CA ILE B 102 -13.20 -77.38 -12.80
C ILE B 102 -12.49 -78.51 -12.06
N LYS B 103 -11.48 -79.08 -12.72
CA LYS B 103 -10.73 -80.23 -12.22
C LYS B 103 -9.48 -79.79 -11.47
N VAL B 104 -9.44 -80.09 -10.18
CA VAL B 104 -8.37 -79.62 -9.32
C VAL B 104 -7.00 -80.18 -9.69
N LYS B 105 -6.00 -79.32 -9.66
CA LYS B 105 -4.60 -79.72 -9.79
C LYS B 105 -4.00 -79.59 -8.40
N THR B 106 -4.00 -78.37 -7.88
CA THR B 106 -3.54 -78.09 -6.52
C THR B 106 -4.55 -77.22 -5.77
N ALA B 107 -4.35 -77.09 -4.46
CA ALA B 107 -5.21 -76.24 -3.64
C ALA B 107 -4.48 -75.72 -2.41
N GLU B 108 -5.21 -75.02 -1.55
CA GLU B 108 -4.68 -74.47 -0.31
C GLU B 108 -5.82 -73.81 0.45
N LEU B 109 -5.65 -73.65 1.75
CA LEU B 109 -6.71 -73.10 2.60
C LEU B 109 -6.33 -71.70 3.03
N LEU B 110 -7.01 -70.71 2.47
CA LEU B 110 -6.69 -69.32 2.74
C LEU B 110 -7.15 -68.89 4.14
N ASN B 111 -8.42 -69.16 4.46
CA ASN B 111 -8.90 -68.98 5.82
C ASN B 111 -10.09 -69.90 6.11
N ALA B 112 -10.19 -70.35 7.37
CA ALA B 112 -11.31 -71.18 7.78
C ALA B 112 -12.34 -70.33 8.51
N CYS B 113 -13.44 -70.95 8.92
CA CYS B 113 -14.49 -70.23 9.64
C CYS B 113 -15.25 -71.14 10.58
N LYS B 114 -15.92 -70.55 11.57
CA LYS B 114 -16.74 -71.34 12.48
C LYS B 114 -18.19 -71.42 11.99
N LYS B 115 -19.07 -72.01 12.79
CA LYS B 115 -20.47 -72.07 12.40
C LYS B 115 -21.00 -70.65 12.34
N LEU B 116 -21.50 -70.26 11.18
CA LEU B 116 -22.06 -68.92 10.99
C LEU B 116 -23.58 -68.99 11.03
N PRO B 117 -24.21 -68.14 11.83
CA PRO B 117 -25.66 -68.26 12.05
C PRO B 117 -26.50 -67.68 10.90
N PHE B 118 -26.16 -68.03 9.67
CA PHE B 118 -26.78 -67.43 8.49
C PHE B 118 -26.87 -68.42 7.34
N GLU B 119 -27.92 -68.29 6.53
CA GLU B 119 -28.00 -69.05 5.30
C GLU B 119 -27.65 -68.13 4.14
N ILE B 120 -26.47 -68.34 3.57
CA ILE B 120 -25.98 -67.43 2.53
C ILE B 120 -26.56 -67.76 1.16
N LYS B 121 -27.02 -69.01 1.01
CA LYS B 121 -27.52 -69.51 -0.27
C LYS B 121 -28.82 -68.83 -0.71
N ASN B 122 -29.74 -68.68 0.23
CA ASN B 122 -31.09 -68.19 -0.06
C ASN B 122 -31.21 -66.67 0.04
N PHE B 123 -30.08 -65.99 0.20
CA PHE B 123 -30.03 -64.56 0.49
C PHE B 123 -30.68 -64.36 1.85
N VAL B 124 -30.25 -65.21 2.78
CA VAL B 124 -30.71 -65.27 4.17
C VAL B 124 -32.23 -65.46 4.35
N LYS B 125 -32.78 -64.74 5.32
CA LYS B 125 -34.17 -64.86 5.73
C LYS B 125 -34.40 -63.52 6.38
N LYS B 126 -35.65 -63.11 6.58
CA LYS B 126 -35.81 -61.73 7.01
C LYS B 126 -35.82 -61.64 8.53
N THR B 127 -34.69 -61.20 9.06
CA THR B 127 -34.58 -60.71 10.42
C THR B 127 -33.69 -59.48 10.32
N GLU B 128 -34.24 -58.30 10.55
CA GLU B 128 -33.47 -57.09 10.38
C GLU B 128 -32.35 -57.09 11.40
N ALA B 129 -32.70 -57.43 12.63
CA ALA B 129 -31.77 -57.46 13.75
C ALA B 129 -30.54 -58.33 13.46
N LEU B 130 -30.78 -59.51 12.92
CA LEU B 130 -29.69 -60.44 12.69
C LEU B 130 -28.89 -60.07 11.45
N ARG B 131 -29.61 -59.81 10.35
CA ARG B 131 -28.96 -59.40 9.11
C ARG B 131 -28.04 -58.21 9.33
N LEU B 132 -28.45 -57.29 10.20
CA LEU B 132 -27.65 -56.12 10.50
C LEU B 132 -26.53 -56.38 11.51
N GLN B 133 -26.84 -57.13 12.57
CA GLN B 133 -25.82 -57.47 13.57
C GLN B 133 -24.63 -58.13 12.91
N TYR B 134 -24.92 -59.04 11.99
CA TYR B 134 -23.88 -59.76 11.24
C TYR B 134 -23.49 -59.20 9.88
N ARG B 135 -23.84 -57.94 9.63
CA ARG B 135 -23.87 -57.36 8.29
C ARG B 135 -22.69 -57.73 7.39
N TYR B 136 -21.48 -57.79 7.94
CA TYR B 136 -20.31 -58.20 7.17
C TYR B 136 -20.47 -59.59 6.54
N LEU B 137 -21.32 -60.40 7.15
CA LEU B 137 -21.74 -61.69 6.59
C LEU B 137 -22.77 -61.46 5.50
N ASP B 138 -23.87 -60.83 5.89
CA ASP B 138 -25.01 -60.57 5.01
C ASP B 138 -24.61 -59.96 3.67
N LEU B 139 -23.52 -59.18 3.65
CA LEU B 139 -23.05 -58.56 2.43
C LEU B 139 -22.66 -59.58 1.36
N ARG B 140 -22.34 -60.80 1.79
CA ARG B 140 -21.99 -61.86 0.85
C ARG B 140 -23.19 -62.25 -0.01
N SER B 141 -24.39 -62.05 0.53
CA SER B 141 -25.61 -62.44 -0.15
C SER B 141 -25.75 -61.72 -1.48
N PHE B 142 -26.27 -62.43 -2.47
CA PHE B 142 -26.40 -61.90 -3.82
C PHE B 142 -27.29 -60.66 -3.88
N GLN B 143 -28.10 -60.46 -2.85
CA GLN B 143 -28.98 -59.31 -2.77
C GLN B 143 -28.15 -58.07 -2.49
N MET B 144 -27.51 -58.03 -1.32
CA MET B 144 -26.64 -56.91 -0.97
C MET B 144 -25.60 -56.67 -2.04
N GLN B 145 -25.09 -57.76 -2.62
CA GLN B 145 -24.13 -57.64 -3.71
C GLN B 145 -24.72 -56.86 -4.89
N TYR B 146 -25.87 -57.32 -5.38
CA TYR B 146 -26.54 -56.64 -6.50
C TYR B 146 -26.85 -55.17 -6.19
N ASN B 147 -27.37 -54.93 -4.99
CA ASN B 147 -27.71 -53.58 -4.59
C ASN B 147 -26.51 -52.64 -4.57
N LEU B 148 -25.49 -52.99 -3.78
CA LEU B 148 -24.36 -52.10 -3.61
C LEU B 148 -23.61 -51.90 -4.94
N ARG B 149 -23.52 -52.97 -5.72
CA ARG B 149 -22.86 -52.90 -7.00
C ARG B 149 -23.64 -52.02 -7.99
N LEU B 150 -24.96 -52.12 -7.94
CA LEU B 150 -25.83 -51.27 -8.75
C LEU B 150 -25.61 -49.81 -8.38
N ARG B 151 -25.68 -49.52 -7.08
CA ARG B 151 -25.49 -48.17 -6.60
C ARG B 151 -24.18 -47.58 -7.10
N SER B 152 -23.09 -48.28 -6.84
CA SER B 152 -21.77 -47.84 -7.29
C SER B 152 -21.78 -47.54 -8.78
N GLN B 153 -22.18 -48.53 -9.57
CA GLN B 153 -22.25 -48.40 -11.02
C GLN B 153 -23.03 -47.15 -11.47
N MET B 154 -24.30 -47.11 -11.13
CA MET B 154 -25.20 -46.03 -11.56
C MET B 154 -24.69 -44.67 -11.15
N VAL B 155 -24.32 -44.53 -9.87
CA VAL B 155 -23.78 -43.27 -9.38
C VAL B 155 -22.58 -42.83 -10.22
N MET B 156 -21.68 -43.77 -10.49
CA MET B 156 -20.50 -43.46 -11.29
C MET B 156 -20.87 -43.03 -12.72
N LYS B 157 -21.95 -43.58 -13.25
CA LYS B 157 -22.42 -43.16 -14.57
C LYS B 157 -23.01 -41.74 -14.54
N MET B 158 -23.62 -41.38 -13.42
CA MET B 158 -24.09 -40.01 -13.23
C MET B 158 -22.90 -39.07 -13.16
N ARG B 159 -21.88 -39.52 -12.44
CA ARG B 159 -20.62 -38.80 -12.33
C ARG B 159 -20.06 -38.53 -13.72
N GLU B 160 -20.14 -39.54 -14.58
CA GLU B 160 -19.77 -39.37 -15.99
C GLU B 160 -20.63 -38.33 -16.70
N TYR B 161 -21.96 -38.48 -16.62
CA TYR B 161 -22.86 -37.58 -17.34
C TYR B 161 -22.64 -36.12 -16.96
N LEU B 162 -22.40 -35.87 -15.68
CA LEU B 162 -22.17 -34.50 -15.24
C LEU B 162 -20.76 -34.01 -15.56
N CYS B 163 -19.76 -34.66 -14.96
CA CYS B 163 -18.38 -34.19 -15.02
C CYS B 163 -17.71 -34.39 -16.38
N ASN B 164 -17.86 -35.59 -16.95
CA ASN B 164 -17.30 -35.87 -18.27
C ASN B 164 -18.08 -35.23 -19.40
N LEU B 165 -19.37 -35.52 -19.42
CA LEU B 165 -20.21 -35.16 -20.56
C LEU B 165 -20.56 -33.67 -20.58
N HIS B 166 -21.24 -33.21 -19.54
CA HIS B 166 -21.71 -31.83 -19.50
C HIS B 166 -20.85 -30.82 -18.75
N GLY B 167 -19.69 -31.26 -18.28
CA GLY B 167 -18.69 -30.36 -17.77
C GLY B 167 -19.02 -29.68 -16.45
N PHE B 168 -19.49 -30.45 -15.48
CA PHE B 168 -19.65 -29.93 -14.13
C PHE B 168 -18.32 -30.06 -13.40
N VAL B 169 -18.27 -29.57 -12.16
CA VAL B 169 -17.11 -29.79 -11.33
C VAL B 169 -17.50 -30.40 -9.98
N ASP B 170 -16.70 -31.38 -9.56
CA ASP B 170 -16.96 -32.12 -8.33
C ASP B 170 -16.33 -31.30 -7.22
N ILE B 171 -17.17 -30.77 -6.34
CA ILE B 171 -16.72 -29.80 -5.36
C ILE B 171 -17.16 -30.21 -3.96
N GLU B 172 -16.19 -30.39 -3.08
CA GLU B 172 -16.49 -30.83 -1.73
C GLU B 172 -16.64 -29.62 -0.81
N THR B 173 -17.86 -29.42 -0.34
CA THR B 173 -18.12 -28.39 0.65
C THR B 173 -17.92 -29.00 2.03
N PRO B 174 -17.44 -28.18 3.00
CA PRO B 174 -17.09 -28.70 4.33
C PRO B 174 -18.30 -29.23 5.09
N THR B 175 -18.08 -30.25 5.90
CA THR B 175 -19.15 -30.81 6.71
C THR B 175 -19.33 -30.03 8.01
N LEU B 176 -18.33 -30.06 8.90
CA LEU B 176 -18.42 -29.30 10.15
C LEU B 176 -18.47 -27.79 9.88
N PHE B 177 -19.50 -27.12 10.40
CA PHE B 177 -19.83 -25.75 10.00
C PHE B 177 -20.75 -25.08 11.01
N LYS B 178 -21.32 -23.93 10.65
CA LYS B 178 -22.28 -23.23 11.52
C LYS B 178 -23.74 -23.58 11.20
N ARG B 179 -24.56 -23.61 12.24
CA ARG B 179 -25.98 -23.96 12.16
C ARG B 179 -26.84 -22.85 11.55
N THR B 180 -27.63 -23.20 10.54
CA THR B 180 -28.55 -22.26 9.92
C THR B 180 -29.96 -22.79 10.05
N PRO B 181 -30.63 -22.46 11.17
CA PRO B 181 -31.87 -23.15 11.56
C PRO B 181 -33.09 -22.77 10.72
N GLY B 182 -32.98 -22.79 9.39
CA GLY B 182 -34.15 -22.59 8.56
C GLY B 182 -35.14 -23.75 8.53
N GLY B 183 -34.68 -24.90 8.07
CA GLY B 183 -35.52 -26.09 7.99
C GLY B 183 -35.71 -26.90 9.26
N ALA B 184 -34.61 -27.24 9.91
CA ALA B 184 -34.62 -28.10 11.09
C ALA B 184 -33.35 -27.93 11.90
N LYS B 185 -33.38 -28.38 13.15
CA LYS B 185 -32.20 -28.32 14.01
C LYS B 185 -31.16 -29.34 13.57
N GLU B 186 -29.89 -29.07 13.88
CA GLU B 186 -28.80 -29.92 13.40
C GLU B 186 -27.92 -30.50 14.50
N PHE B 187 -27.23 -31.60 14.18
CA PHE B 187 -26.29 -32.24 15.08
C PHE B 187 -25.19 -31.27 15.48
N LEU B 188 -24.74 -31.36 16.72
CA LEU B 188 -23.66 -30.51 17.19
C LEU B 188 -22.39 -31.31 17.39
N VAL B 189 -21.24 -30.69 17.13
CA VAL B 189 -19.93 -31.31 17.32
C VAL B 189 -18.94 -30.45 18.11
N PRO B 190 -18.78 -30.73 19.41
CA PRO B 190 -17.90 -30.04 20.35
C PRO B 190 -16.49 -29.85 19.82
N SER B 191 -15.99 -28.63 19.95
CA SER B 191 -14.67 -28.27 19.47
C SER B 191 -13.70 -28.14 20.64
N ARG B 192 -12.44 -28.47 20.40
CA ARG B 192 -11.39 -28.44 21.41
C ARG B 192 -11.39 -27.11 22.17
N GLU B 193 -11.63 -26.03 21.44
CA GLU B 193 -11.83 -24.72 22.05
C GLU B 193 -13.19 -24.65 22.72
N PRO B 194 -13.20 -24.49 24.05
CA PRO B 194 -14.42 -24.55 24.88
C PRO B 194 -15.45 -23.45 24.57
N GLY B 195 -16.73 -23.84 24.61
CA GLY B 195 -17.83 -22.92 24.47
C GLY B 195 -18.35 -22.77 23.06
N LYS B 196 -17.49 -23.05 22.09
CA LYS B 196 -17.86 -22.91 20.69
C LYS B 196 -17.65 -24.23 19.96
N PHE B 197 -18.65 -24.62 19.16
CA PHE B 197 -18.56 -25.88 18.43
C PHE B 197 -19.32 -25.92 17.11
N TYR B 198 -18.94 -26.86 16.23
CA TYR B 198 -19.51 -26.89 14.88
C TYR B 198 -20.87 -27.58 14.89
N SER B 199 -21.50 -27.62 13.73
CA SER B 199 -22.71 -28.41 13.53
C SER B 199 -22.78 -28.99 12.12
N LEU B 200 -23.11 -30.27 12.02
CA LEU B 200 -23.19 -30.96 10.74
C LEU B 200 -24.27 -30.32 9.87
N PRO B 201 -24.02 -30.23 8.56
CA PRO B 201 -24.94 -29.55 7.66
C PRO B 201 -26.14 -30.43 7.30
N GLN B 202 -27.28 -29.82 7.04
CA GLN B 202 -28.47 -30.56 6.62
C GLN B 202 -28.36 -30.91 5.14
N SER B 203 -27.61 -30.07 4.41
CA SER B 203 -27.40 -30.21 2.98
C SER B 203 -26.47 -29.08 2.56
N PRO B 204 -25.68 -29.28 1.50
CA PRO B 204 -24.79 -28.19 1.10
C PRO B 204 -25.53 -27.09 0.34
N GLN B 205 -26.64 -26.62 0.92
CA GLN B 205 -27.41 -25.54 0.30
C GLN B 205 -26.86 -24.17 0.66
N GLN B 206 -26.03 -24.13 1.70
CA GLN B 206 -25.36 -22.90 2.09
C GLN B 206 -24.40 -22.50 1.00
N PHE B 207 -23.49 -23.42 0.68
CA PHE B 207 -22.44 -23.18 -0.29
C PHE B 207 -22.97 -23.18 -1.72
N LYS B 208 -24.25 -23.50 -1.88
CA LYS B 208 -24.90 -23.46 -3.18
C LYS B 208 -24.82 -22.09 -3.83
N GLN B 209 -25.09 -21.04 -3.05
CA GLN B 209 -25.03 -19.67 -3.56
C GLN B 209 -23.59 -19.23 -3.80
N LEU B 210 -22.76 -19.38 -2.77
CA LEU B 210 -21.37 -18.96 -2.80
C LEU B 210 -20.61 -19.54 -3.98
N LEU B 211 -20.71 -20.84 -4.18
CA LEU B 211 -20.01 -21.51 -5.28
C LEU B 211 -20.46 -21.00 -6.65
N MET B 212 -21.70 -20.51 -6.73
CA MET B 212 -22.22 -19.96 -7.98
C MET B 212 -21.72 -18.53 -8.19
N VAL B 213 -21.55 -17.81 -7.07
CA VAL B 213 -20.95 -16.49 -7.09
C VAL B 213 -19.50 -16.58 -7.56
N GLY B 214 -18.84 -17.66 -7.18
CA GLY B 214 -17.41 -17.80 -7.40
C GLY B 214 -17.02 -18.39 -8.74
N GLY B 215 -17.88 -18.23 -9.74
CA GLY B 215 -17.62 -18.84 -11.03
C GLY B 215 -18.14 -20.25 -10.96
N LEU B 216 -17.42 -21.20 -11.57
CA LEU B 216 -17.83 -22.61 -11.55
C LEU B 216 -19.24 -22.73 -12.11
N ASP B 217 -19.38 -22.48 -13.40
CA ASP B 217 -20.69 -22.40 -14.03
C ASP B 217 -21.57 -23.62 -13.76
N ARG B 218 -20.93 -24.76 -13.52
CA ARG B 218 -21.64 -25.99 -13.20
C ARG B 218 -21.01 -26.71 -12.02
N TYR B 219 -21.77 -26.82 -10.93
CA TYR B 219 -21.28 -27.50 -9.73
C TYR B 219 -22.08 -28.78 -9.49
N PHE B 220 -21.40 -29.82 -9.02
CA PHE B 220 -22.12 -30.99 -8.50
C PHE B 220 -21.34 -31.70 -7.40
N GLN B 221 -22.06 -32.36 -6.50
CA GLN B 221 -21.43 -33.05 -5.40
C GLN B 221 -22.32 -34.19 -4.92
N VAL B 222 -21.71 -35.30 -4.49
CA VAL B 222 -22.47 -36.28 -3.72
C VAL B 222 -22.11 -36.11 -2.26
N ALA B 223 -23.01 -35.53 -1.50
CA ALA B 223 -22.66 -35.05 -0.18
C ALA B 223 -23.39 -35.83 0.89
N ARG B 224 -22.71 -36.04 2.00
CA ARG B 224 -23.30 -36.79 3.09
C ARG B 224 -24.06 -35.80 3.94
N CYS B 225 -25.37 -35.96 3.92
CA CYS B 225 -26.26 -35.06 4.62
C CYS B 225 -26.71 -35.76 5.90
N TYR B 226 -26.57 -35.04 7.00
CA TYR B 226 -26.93 -35.57 8.30
C TYR B 226 -28.22 -34.91 8.77
N ARG B 227 -29.19 -35.72 9.15
CA ARG B 227 -30.43 -35.19 9.68
C ARG B 227 -30.57 -35.60 11.13
N ASP B 228 -31.15 -34.73 11.94
CA ASP B 228 -31.56 -35.13 13.27
C ASP B 228 -33.03 -34.80 13.38
N GLU B 229 -33.86 -35.82 13.44
CA GLU B 229 -35.28 -35.62 13.65
C GLU B 229 -35.70 -36.35 14.91
N GLY B 230 -36.02 -35.57 15.95
CA GLY B 230 -36.46 -36.12 17.21
C GLY B 230 -37.78 -36.85 17.01
N SER B 231 -38.62 -36.26 16.16
CA SER B 231 -39.82 -36.91 15.67
C SER B 231 -39.97 -36.54 14.19
N ARG B 232 -40.11 -37.54 13.33
CA ARG B 232 -40.18 -38.95 13.72
C ARG B 232 -38.93 -39.72 13.27
N PRO B 233 -38.20 -40.30 14.23
CA PRO B 233 -36.89 -40.94 14.02
C PRO B 233 -36.95 -42.40 13.56
N ASP B 234 -37.15 -42.62 12.26
CA ASP B 234 -37.10 -43.96 11.71
C ASP B 234 -35.92 -44.09 10.76
N ARG B 235 -35.96 -43.37 9.64
CA ARG B 235 -34.88 -43.43 8.65
C ARG B 235 -33.62 -42.71 9.15
N GLN B 236 -32.46 -43.25 8.80
CA GLN B 236 -31.20 -42.98 9.51
C GLN B 236 -30.71 -41.53 9.51
N PRO B 237 -29.84 -41.19 10.50
CA PRO B 237 -29.19 -39.89 10.61
C PRO B 237 -28.46 -39.40 9.35
N GLU B 238 -27.69 -40.27 8.69
CA GLU B 238 -26.96 -39.84 7.49
C GLU B 238 -27.43 -40.49 6.19
N PHE B 239 -27.41 -39.72 5.12
CA PHE B 239 -27.78 -40.23 3.81
C PHE B 239 -27.05 -39.49 2.69
N THR B 240 -27.04 -40.07 1.50
CA THR B 240 -26.34 -39.47 0.37
C THR B 240 -27.28 -38.69 -0.54
N GLN B 241 -26.83 -37.51 -0.96
CA GLN B 241 -27.58 -36.69 -1.90
C GLN B 241 -26.69 -36.33 -3.07
N ILE B 242 -27.29 -36.15 -4.24
CA ILE B 242 -26.56 -35.60 -5.37
C ILE B 242 -26.99 -34.16 -5.52
N ASP B 243 -26.09 -33.25 -5.21
CA ASP B 243 -26.44 -31.84 -5.18
C ASP B 243 -25.99 -31.17 -6.47
N ILE B 244 -26.94 -30.63 -7.22
CA ILE B 244 -26.59 -29.97 -8.47
C ILE B 244 -26.95 -28.49 -8.42
N GLU B 245 -26.05 -27.64 -8.91
CA GLU B 245 -26.32 -26.20 -9.01
C GLU B 245 -25.77 -25.65 -10.32
N MET B 246 -26.57 -24.89 -11.03
CA MET B 246 -26.11 -24.28 -12.27
C MET B 246 -26.25 -22.77 -12.26
N SER B 247 -25.40 -22.12 -13.05
CA SER B 247 -25.44 -20.68 -13.20
C SER B 247 -26.11 -20.39 -14.53
N PHE B 248 -26.89 -19.31 -14.56
CA PHE B 248 -27.54 -18.83 -15.79
C PHE B 248 -28.51 -19.85 -16.39
N VAL B 249 -29.33 -20.46 -15.55
CA VAL B 249 -30.27 -21.46 -16.02
C VAL B 249 -31.70 -21.23 -15.54
N ASP B 250 -32.65 -21.52 -16.41
CA ASP B 250 -34.06 -21.42 -16.09
C ASP B 250 -34.51 -22.69 -15.39
N GLN B 251 -35.82 -22.80 -15.18
CA GLN B 251 -36.37 -24.00 -14.58
C GLN B 251 -36.31 -25.13 -15.60
N THR B 252 -36.80 -24.85 -16.82
CA THR B 252 -36.89 -25.85 -17.87
C THR B 252 -35.55 -26.51 -18.17
N GLY B 253 -34.48 -25.74 -17.97
CA GLY B 253 -33.15 -26.24 -18.25
C GLY B 253 -32.75 -27.40 -17.35
N ILE B 254 -32.76 -27.17 -16.04
CA ILE B 254 -32.33 -28.22 -15.12
C ILE B 254 -33.38 -29.32 -15.13
N GLN B 255 -34.60 -28.92 -15.48
CA GLN B 255 -35.68 -29.88 -15.71
C GLN B 255 -35.24 -30.89 -16.78
N SER B 256 -34.58 -30.42 -17.83
CA SER B 256 -34.02 -31.33 -18.83
C SER B 256 -32.73 -32.01 -18.35
N LEU B 257 -32.01 -31.34 -17.45
CA LEU B 257 -30.75 -31.85 -16.94
C LEU B 257 -30.94 -33.16 -16.19
N ILE B 258 -31.87 -33.16 -15.25
CA ILE B 258 -32.13 -34.37 -14.48
C ILE B 258 -32.72 -35.48 -15.35
N GLU B 259 -33.45 -35.09 -16.39
CA GLU B 259 -33.96 -36.07 -17.34
C GLU B 259 -32.83 -36.80 -18.06
N GLY B 260 -31.91 -36.04 -18.64
CA GLY B 260 -30.76 -36.65 -19.32
C GLY B 260 -29.89 -37.44 -18.36
N LEU B 261 -29.81 -36.97 -17.12
CA LEU B 261 -29.03 -37.64 -16.08
C LEU B 261 -29.59 -39.01 -15.76
N LEU B 262 -30.89 -39.05 -15.47
CA LEU B 262 -31.55 -40.31 -15.13
C LEU B 262 -31.58 -41.25 -16.33
N GLN B 263 -31.77 -40.71 -17.53
CA GLN B 263 -31.76 -41.54 -18.72
C GLN B 263 -30.42 -42.19 -18.97
N TYR B 264 -29.35 -41.40 -18.86
CA TYR B 264 -28.00 -41.89 -19.09
C TYR B 264 -27.61 -42.87 -17.98
N SER B 265 -28.08 -42.60 -16.77
CA SER B 265 -27.67 -43.37 -15.62
C SER B 265 -28.48 -44.65 -15.42
N TRP B 266 -29.62 -44.74 -16.09
CA TRP B 266 -30.55 -45.87 -15.87
C TRP B 266 -29.87 -47.22 -16.08
N PRO B 267 -29.99 -48.09 -15.07
CA PRO B 267 -29.19 -49.29 -14.85
C PRO B 267 -29.01 -50.21 -16.06
N ASN B 268 -29.87 -50.11 -17.07
CA ASN B 268 -29.70 -50.86 -18.32
C ASN B 268 -30.03 -52.33 -18.12
N ASP B 269 -30.03 -52.74 -16.85
CA ASP B 269 -30.35 -54.09 -16.44
C ASP B 269 -31.87 -54.23 -16.46
N LYS B 270 -32.54 -53.25 -15.85
CA LYS B 270 -33.98 -53.28 -15.75
C LYS B 270 -34.64 -52.08 -16.41
N ASP B 271 -35.30 -52.32 -17.54
CA ASP B 271 -36.15 -51.33 -18.20
C ASP B 271 -35.38 -50.14 -18.77
N PRO B 272 -35.93 -49.50 -19.80
CA PRO B 272 -35.39 -48.18 -20.16
C PRO B 272 -36.13 -47.13 -19.35
N VAL B 273 -35.78 -45.87 -19.56
CA VAL B 273 -36.50 -44.77 -18.94
C VAL B 273 -37.17 -44.08 -20.11
N VAL B 274 -37.89 -42.99 -19.87
CA VAL B 274 -38.62 -42.34 -20.93
C VAL B 274 -38.07 -40.96 -21.25
N VAL B 275 -38.37 -40.49 -22.47
CA VAL B 275 -38.00 -39.17 -22.97
C VAL B 275 -38.70 -38.11 -22.07
N PRO B 276 -38.63 -36.79 -22.39
CA PRO B 276 -38.90 -35.83 -21.30
C PRO B 276 -40.13 -36.09 -20.44
N PHE B 277 -39.91 -36.01 -19.13
CA PHE B 277 -40.90 -36.35 -18.12
C PHE B 277 -42.10 -35.43 -18.20
N PRO B 278 -43.31 -36.01 -18.13
CA PRO B 278 -44.51 -35.17 -18.11
C PRO B 278 -44.46 -34.25 -16.89
N THR B 279 -44.85 -32.99 -17.06
CA THR B 279 -44.87 -32.07 -15.94
C THR B 279 -46.30 -31.86 -15.44
N MET B 280 -46.42 -31.16 -14.33
CA MET B 280 -47.71 -30.80 -13.77
C MET B 280 -47.55 -29.66 -12.79
N THR B 281 -48.64 -28.97 -12.48
CA THR B 281 -48.58 -27.89 -11.51
C THR B 281 -49.07 -28.39 -10.16
N PHE B 282 -48.53 -27.82 -9.08
CA PHE B 282 -48.95 -28.16 -7.73
C PHE B 282 -50.47 -28.17 -7.62
N ALA B 283 -51.08 -27.15 -8.22
CA ALA B 283 -52.53 -27.07 -8.31
C ALA B 283 -53.08 -28.31 -8.99
N GLU B 284 -52.57 -28.62 -10.18
CA GLU B 284 -53.04 -29.74 -10.97
C GLU B 284 -52.85 -31.12 -10.33
N VAL B 285 -51.70 -31.37 -9.69
CA VAL B 285 -51.51 -32.66 -9.04
C VAL B 285 -52.38 -32.76 -7.79
N LEU B 286 -52.43 -31.68 -7.02
CA LEU B 286 -53.23 -31.69 -5.81
C LEU B 286 -54.70 -31.94 -6.16
N ALA B 287 -55.14 -31.40 -7.28
CA ALA B 287 -56.52 -31.55 -7.73
C ALA B 287 -56.81 -32.92 -8.36
N THR B 288 -55.97 -33.33 -9.30
CA THR B 288 -56.30 -34.48 -10.15
C THR B 288 -55.70 -35.79 -9.64
N TYR B 289 -54.98 -35.68 -8.52
CA TYR B 289 -54.33 -36.83 -7.89
C TYR B 289 -54.68 -36.93 -6.41
N GLY B 290 -54.50 -35.82 -5.71
CA GLY B 290 -54.89 -35.74 -4.31
C GLY B 290 -53.70 -35.61 -3.39
N THR B 291 -52.52 -35.74 -3.96
CA THR B 291 -51.28 -35.43 -3.27
C THR B 291 -50.24 -34.98 -4.29
N ASP B 292 -49.26 -34.21 -3.83
CA ASP B 292 -48.21 -33.71 -4.72
C ASP B 292 -47.30 -34.82 -5.22
N LYS B 293 -47.40 -35.99 -4.60
CA LYS B 293 -46.59 -37.15 -4.97
C LYS B 293 -47.48 -38.29 -5.42
N PRO B 294 -47.98 -38.24 -6.66
CA PRO B 294 -48.91 -39.29 -7.08
C PRO B 294 -48.20 -40.50 -7.66
N ASP B 295 -48.92 -41.58 -7.93
CA ASP B 295 -48.31 -42.78 -8.49
C ASP B 295 -48.15 -42.78 -10.01
N THR B 296 -49.18 -42.33 -10.73
CA THR B 296 -49.09 -41.95 -12.14
C THR B 296 -48.96 -43.14 -13.11
N ARG B 297 -48.52 -44.28 -12.59
CA ARG B 297 -48.48 -45.51 -13.38
C ARG B 297 -49.84 -46.15 -13.21
N PHE B 298 -50.52 -45.63 -12.19
CA PHE B 298 -51.81 -46.11 -11.75
C PHE B 298 -52.91 -45.57 -12.68
N GLY B 299 -53.12 -44.25 -12.64
CA GLY B 299 -54.01 -43.60 -13.59
C GLY B 299 -55.45 -43.51 -13.14
N MET B 300 -55.70 -43.65 -11.85
CA MET B 300 -57.04 -43.53 -11.33
C MET B 300 -57.21 -42.08 -10.94
N LYS B 301 -58.01 -41.35 -11.71
CA LYS B 301 -57.99 -39.89 -11.65
C LYS B 301 -59.16 -39.30 -10.86
N ILE B 302 -58.87 -38.24 -10.10
CA ILE B 302 -59.91 -37.49 -9.43
C ILE B 302 -60.47 -36.49 -10.42
N ILE B 303 -61.75 -36.62 -10.75
CA ILE B 303 -62.37 -35.65 -11.66
C ILE B 303 -63.63 -35.03 -11.05
N ASP B 304 -63.95 -33.82 -11.50
CA ASP B 304 -65.01 -33.03 -10.89
C ASP B 304 -66.30 -33.10 -11.70
N ILE B 305 -67.28 -33.79 -11.15
CA ILE B 305 -68.59 -33.96 -11.78
C ILE B 305 -69.69 -33.02 -11.28
N SER B 306 -69.33 -32.08 -10.41
CA SER B 306 -70.31 -31.20 -9.78
C SER B 306 -71.24 -30.49 -10.77
N ASP B 307 -70.76 -30.28 -12.00
CA ASP B 307 -71.53 -29.56 -13.01
C ASP B 307 -72.85 -30.24 -13.36
N VAL B 308 -72.88 -31.58 -13.25
CA VAL B 308 -74.10 -32.32 -13.57
C VAL B 308 -75.02 -32.41 -12.35
N PHE B 309 -74.52 -31.96 -11.21
CA PHE B 309 -75.30 -31.99 -9.97
C PHE B 309 -76.02 -30.70 -9.56
N ARG B 310 -76.02 -29.68 -10.41
CA ARG B 310 -76.78 -28.45 -10.14
C ARG B 310 -78.25 -28.76 -9.88
N ASN B 311 -78.82 -29.61 -10.73
CA ASN B 311 -80.16 -30.17 -10.54
C ASN B 311 -80.06 -31.36 -9.60
N THR B 312 -81.10 -32.20 -9.55
CA THR B 312 -81.04 -33.41 -8.72
C THR B 312 -80.86 -33.06 -7.24
N GLU B 313 -81.96 -32.64 -6.62
CA GLU B 313 -82.00 -32.07 -5.28
C GLU B 313 -81.91 -33.14 -4.18
N ILE B 314 -81.45 -34.33 -4.55
CA ILE B 314 -81.14 -35.37 -3.59
C ILE B 314 -80.32 -34.80 -2.42
N GLY B 315 -80.77 -35.16 -1.21
CA GLY B 315 -80.30 -34.56 0.02
C GLY B 315 -78.79 -34.53 0.20
N PHE B 316 -78.13 -35.63 -0.12
CA PHE B 316 -76.68 -35.72 0.02
C PHE B 316 -75.94 -34.61 -0.71
N LEU B 317 -76.07 -34.58 -2.03
CA LEU B 317 -75.39 -33.60 -2.86
C LEU B 317 -75.89 -32.17 -2.60
N GLN B 318 -77.14 -32.05 -2.15
CA GLN B 318 -77.70 -30.73 -1.81
C GLN B 318 -76.79 -29.87 -0.92
N ASP B 319 -76.54 -30.34 0.31
CA ASP B 319 -75.74 -29.61 1.27
C ASP B 319 -74.29 -29.49 0.83
N ALA B 320 -73.88 -30.38 -0.07
CA ALA B 320 -72.53 -30.35 -0.60
C ALA B 320 -72.35 -29.14 -1.50
N LEU B 321 -73.31 -28.91 -2.39
CA LEU B 321 -73.23 -27.76 -3.27
C LEU B 321 -73.47 -26.43 -2.55
N SER B 322 -73.79 -26.52 -1.25
CA SER B 322 -74.18 -25.36 -0.46
C SER B 322 -73.03 -24.39 -0.16
N LYS B 323 -72.06 -24.83 0.63
CA LYS B 323 -70.89 -23.99 0.97
C LYS B 323 -70.22 -23.47 -0.30
N PRO B 324 -69.82 -22.18 -0.30
CA PRO B 324 -69.17 -21.60 -1.48
C PRO B 324 -67.90 -22.35 -1.87
N HIS B 325 -67.28 -23.04 -0.91
CA HIS B 325 -66.08 -23.82 -1.19
C HIS B 325 -66.36 -25.29 -1.43
N GLY B 326 -67.64 -25.67 -1.41
CA GLY B 326 -68.01 -27.07 -1.55
C GLY B 326 -68.09 -27.58 -2.98
N THR B 327 -67.92 -28.89 -3.13
CA THR B 327 -67.95 -29.52 -4.45
C THR B 327 -68.26 -31.02 -4.34
N VAL B 328 -68.62 -31.65 -5.47
CA VAL B 328 -68.78 -33.10 -5.51
C VAL B 328 -67.96 -33.76 -6.63
N LYS B 329 -66.96 -34.55 -6.24
CA LYS B 329 -66.03 -35.16 -7.19
C LYS B 329 -66.09 -36.68 -7.16
N ALA B 330 -65.35 -37.32 -8.06
CA ALA B 330 -65.35 -38.79 -8.14
C ALA B 330 -64.10 -39.38 -8.78
N ILE B 331 -63.82 -40.64 -8.44
CA ILE B 331 -62.79 -41.42 -9.12
C ILE B 331 -63.41 -42.68 -9.72
N CYS B 332 -62.84 -43.15 -10.82
CA CYS B 332 -63.37 -44.34 -11.47
C CYS B 332 -62.39 -45.50 -11.42
N ILE B 333 -62.70 -46.54 -10.66
CA ILE B 333 -61.87 -47.74 -10.67
C ILE B 333 -62.30 -48.71 -11.79
N PRO B 334 -61.37 -48.96 -12.73
CA PRO B 334 -61.52 -49.78 -13.93
C PRO B 334 -61.51 -51.27 -13.62
N GLU B 335 -62.37 -52.02 -14.30
CA GLU B 335 -62.44 -53.48 -14.16
C GLU B 335 -62.86 -53.92 -12.75
N GLY B 336 -62.95 -52.95 -11.84
CA GLY B 336 -63.31 -53.21 -10.47
C GLY B 336 -64.71 -53.75 -10.34
N ALA B 337 -65.53 -53.51 -11.36
CA ALA B 337 -66.92 -53.95 -11.35
C ALA B 337 -66.99 -55.45 -11.09
N LYS B 338 -66.37 -56.26 -11.93
CA LYS B 338 -66.03 -57.58 -11.43
C LYS B 338 -64.53 -57.79 -11.43
N TYR B 339 -63.93 -57.50 -10.28
CA TYR B 339 -62.69 -58.09 -9.81
C TYR B 339 -62.85 -58.27 -8.32
N LEU B 340 -63.00 -57.13 -7.65
CA LEU B 340 -63.34 -57.06 -6.24
C LEU B 340 -64.69 -57.74 -6.00
N LYS B 341 -64.80 -58.47 -4.90
CA LYS B 341 -66.08 -59.04 -4.49
C LYS B 341 -66.96 -57.91 -3.97
N ARG B 342 -68.27 -58.13 -3.94
CA ARG B 342 -69.22 -57.16 -3.40
C ARG B 342 -68.93 -56.91 -1.92
N LYS B 343 -68.09 -57.77 -1.34
CA LYS B 343 -67.70 -57.68 0.05
C LYS B 343 -66.69 -56.55 0.30
N ASP B 344 -65.53 -56.64 -0.33
CA ASP B 344 -64.44 -55.70 -0.08
C ASP B 344 -64.69 -54.24 -0.47
N ILE B 345 -65.80 -53.95 -1.14
CA ILE B 345 -66.16 -52.55 -1.40
C ILE B 345 -66.71 -51.93 -0.13
N GLU B 346 -67.22 -52.77 0.77
CA GLU B 346 -67.63 -52.33 2.10
C GLU B 346 -66.42 -51.91 2.91
N SER B 347 -65.23 -52.32 2.47
CA SER B 347 -63.98 -51.87 3.07
C SER B 347 -63.66 -50.45 2.58
N ILE B 348 -63.98 -50.18 1.31
CA ILE B 348 -63.83 -48.84 0.77
C ILE B 348 -64.76 -47.90 1.51
N ARG B 349 -66.00 -48.32 1.69
CA ARG B 349 -66.97 -47.54 2.45
C ARG B 349 -66.51 -47.35 3.90
N ASN B 350 -65.97 -48.43 4.48
CA ASN B 350 -65.47 -48.36 5.85
C ASN B 350 -64.27 -47.44 6.00
N PHE B 351 -63.56 -47.23 4.90
CA PHE B 351 -62.36 -46.41 4.92
C PHE B 351 -62.72 -44.95 5.17
N ALA B 352 -63.98 -44.62 4.96
CA ALA B 352 -64.53 -43.34 5.36
C ALA B 352 -64.20 -43.11 6.83
N ALA B 353 -64.59 -44.06 7.66
CA ALA B 353 -64.32 -44.01 9.09
C ALA B 353 -62.84 -43.79 9.39
N ASP B 354 -61.98 -44.51 8.69
CA ASP B 354 -60.53 -44.40 8.87
C ASP B 354 -60.03 -42.98 8.61
N HIS B 355 -60.27 -42.48 7.40
CA HIS B 355 -59.76 -41.16 7.05
C HIS B 355 -60.87 -40.11 7.07
N PHE B 356 -60.83 -39.26 8.10
CA PHE B 356 -61.66 -38.05 8.18
C PHE B 356 -63.10 -38.27 7.71
N ASN B 357 -63.89 -38.96 8.54
CA ASN B 357 -65.08 -39.66 8.06
C ASN B 357 -66.01 -38.84 7.16
N GLN B 358 -66.24 -39.40 5.98
CA GLN B 358 -66.98 -38.72 4.94
C GLN B 358 -67.63 -39.78 4.08
N GLU B 359 -68.85 -39.54 3.62
CA GLU B 359 -69.55 -40.55 2.84
C GLU B 359 -68.93 -40.73 1.47
N ILE B 360 -68.59 -41.97 1.15
CA ILE B 360 -68.19 -42.32 -0.21
C ILE B 360 -69.23 -43.28 -0.82
N LEU B 361 -69.64 -42.97 -2.04
CA LEU B 361 -70.74 -43.68 -2.69
C LEU B 361 -70.29 -44.50 -3.90
N PRO B 362 -70.34 -45.83 -3.77
CA PRO B 362 -70.01 -46.79 -4.83
C PRO B 362 -71.11 -46.91 -5.90
N VAL B 363 -71.09 -46.04 -6.90
CA VAL B 363 -72.04 -46.11 -8.01
C VAL B 363 -71.60 -47.18 -9.02
N PHE B 364 -72.46 -48.17 -9.27
CA PHE B 364 -72.24 -49.07 -10.39
C PHE B 364 -73.21 -48.67 -11.48
N LEU B 365 -72.69 -48.03 -12.54
CA LEU B 365 -73.56 -47.53 -13.60
C LEU B 365 -73.65 -48.42 -14.84
N ASN B 366 -72.87 -49.49 -14.86
CA ASN B 366 -72.90 -50.41 -15.99
C ASN B 366 -72.98 -51.89 -15.61
N ALA B 367 -71.92 -52.40 -15.02
CA ALA B 367 -71.86 -53.80 -14.64
C ALA B 367 -72.34 -53.97 -13.22
N ASN B 368 -73.03 -55.09 -12.98
CA ASN B 368 -73.70 -55.34 -11.71
C ASN B 368 -74.72 -54.24 -11.39
N ARG B 369 -75.24 -53.65 -12.47
CA ARG B 369 -76.20 -52.57 -12.38
C ARG B 369 -77.50 -53.09 -11.78
N ASN B 370 -78.15 -52.24 -10.98
CA ASN B 370 -79.43 -52.58 -10.33
C ASN B 370 -79.32 -53.70 -9.29
N TRP B 371 -78.16 -54.35 -9.24
CA TRP B 371 -77.86 -55.34 -8.22
C TRP B 371 -77.14 -54.64 -7.07
N ASN B 372 -76.86 -53.36 -7.27
CA ASN B 372 -76.13 -52.54 -6.30
C ASN B 372 -76.62 -51.10 -6.30
N SER B 373 -75.86 -50.23 -5.66
CA SER B 373 -76.12 -48.79 -5.66
C SER B 373 -77.48 -48.40 -5.07
N PRO B 374 -77.65 -48.53 -3.75
CA PRO B 374 -78.95 -48.25 -3.13
C PRO B 374 -79.42 -46.80 -3.27
N VAL B 375 -78.55 -45.85 -2.94
CA VAL B 375 -78.84 -44.44 -3.14
C VAL B 375 -78.53 -44.06 -4.57
N ALA B 376 -77.44 -44.65 -5.06
CA ALA B 376 -76.91 -44.32 -6.37
C ALA B 376 -77.72 -44.90 -7.52
N ASN B 377 -78.73 -45.71 -7.21
CA ASN B 377 -79.55 -46.25 -8.30
C ASN B 377 -80.27 -45.12 -9.00
N PHE B 378 -80.67 -44.12 -8.24
CA PHE B 378 -81.31 -42.94 -8.81
C PHE B 378 -80.32 -42.15 -9.65
N ILE B 379 -79.10 -41.99 -9.13
CA ILE B 379 -78.06 -41.26 -9.85
C ILE B 379 -77.75 -41.96 -11.16
N MET B 380 -77.73 -43.28 -11.12
CA MET B 380 -77.47 -44.10 -12.29
C MET B 380 -78.59 -43.95 -13.31
N GLU B 381 -79.82 -44.19 -12.88
CA GLU B 381 -80.97 -44.12 -13.79
C GLU B 381 -81.29 -42.70 -14.27
N SER B 382 -80.73 -41.70 -13.60
CA SER B 382 -80.92 -40.31 -14.00
C SER B 382 -79.80 -39.86 -14.94
N GLN B 383 -78.58 -39.84 -14.41
CA GLN B 383 -77.42 -39.29 -15.10
C GLN B 383 -76.52 -40.28 -15.86
N ARG B 384 -76.94 -41.54 -16.00
CA ARG B 384 -76.06 -42.61 -16.50
C ARG B 384 -75.16 -42.20 -17.66
N LEU B 385 -75.76 -41.91 -18.82
CA LEU B 385 -75.01 -41.51 -20.01
C LEU B 385 -74.04 -40.35 -19.74
N GLU B 386 -74.51 -39.38 -18.95
CA GLU B 386 -73.69 -38.22 -18.61
C GLU B 386 -72.45 -38.59 -17.78
N LEU B 387 -72.62 -39.50 -16.83
CA LEU B 387 -71.50 -39.97 -16.02
C LEU B 387 -70.60 -40.89 -16.83
N ILE B 388 -71.16 -41.54 -17.84
CA ILE B 388 -70.36 -42.32 -18.78
C ILE B 388 -69.42 -41.37 -19.51
N ARG B 389 -69.96 -40.26 -20.01
CA ARG B 389 -69.13 -39.27 -20.70
C ARG B 389 -68.09 -38.66 -19.76
N LEU B 390 -68.56 -38.09 -18.66
CA LEU B 390 -67.69 -37.44 -17.68
C LEU B 390 -66.62 -38.36 -17.12
N MET B 391 -67.03 -39.34 -16.31
CA MET B 391 -66.08 -40.26 -15.69
C MET B 391 -65.34 -41.11 -16.71
N GLU B 392 -65.88 -41.17 -17.94
CA GLU B 392 -65.31 -41.98 -19.00
C GLU B 392 -65.15 -43.42 -18.52
N THR B 393 -66.27 -44.10 -18.34
CA THR B 393 -66.24 -45.45 -17.78
C THR B 393 -66.27 -46.50 -18.87
N GLN B 394 -66.17 -47.76 -18.46
CA GLN B 394 -66.12 -48.88 -19.40
C GLN B 394 -67.20 -49.90 -19.06
N GLU B 395 -67.19 -51.01 -19.78
CA GLU B 395 -68.16 -52.09 -19.58
C GLU B 395 -68.27 -52.48 -18.12
N GLU B 396 -67.20 -53.03 -17.57
CA GLU B 396 -67.16 -53.27 -16.14
C GLU B 396 -66.30 -52.22 -15.47
N ASP B 397 -66.95 -51.30 -14.76
CA ASP B 397 -66.28 -50.20 -14.09
C ASP B 397 -67.07 -49.84 -12.85
N VAL B 398 -66.44 -49.19 -11.89
CA VAL B 398 -67.20 -48.66 -10.75
C VAL B 398 -66.68 -47.29 -10.31
N VAL B 399 -67.58 -46.33 -10.15
CA VAL B 399 -67.16 -44.98 -9.78
C VAL B 399 -67.42 -44.64 -8.31
N LEU B 400 -66.35 -44.33 -7.59
CA LEU B 400 -66.47 -43.85 -6.20
C LEU B 400 -66.80 -42.36 -6.21
N LEU B 401 -67.90 -42.00 -5.56
CA LEU B 401 -68.45 -40.66 -5.64
C LEU B 401 -68.51 -40.00 -4.27
N THR B 402 -67.78 -38.91 -4.09
CA THR B 402 -67.81 -38.21 -2.81
C THR B 402 -68.14 -36.72 -2.96
N ALA B 403 -68.59 -36.12 -1.86
CA ALA B 403 -68.97 -34.71 -1.87
C ALA B 403 -68.55 -34.03 -0.57
N GLY B 404 -68.20 -32.75 -0.66
CA GLY B 404 -67.71 -32.00 0.48
C GLY B 404 -66.84 -30.84 0.05
N GLU B 405 -65.96 -30.38 0.93
CA GLU B 405 -65.02 -29.33 0.59
C GLU B 405 -64.09 -29.82 -0.52
N HIS B 406 -63.58 -28.90 -1.32
CA HIS B 406 -62.67 -29.24 -2.41
C HIS B 406 -61.45 -30.00 -1.91
N ASN B 407 -60.72 -29.39 -0.98
CA ASN B 407 -59.51 -29.97 -0.43
C ASN B 407 -59.76 -31.30 0.29
N LYS B 408 -60.79 -31.30 1.14
CA LYS B 408 -61.14 -32.48 1.93
C LYS B 408 -61.43 -33.69 1.05
N ALA B 409 -62.33 -33.50 0.09
CA ALA B 409 -62.71 -34.56 -0.83
C ALA B 409 -61.55 -34.98 -1.73
N CYS B 410 -60.71 -34.02 -2.10
CA CYS B 410 -59.55 -34.34 -2.93
C CYS B 410 -58.55 -35.22 -2.18
N SER B 411 -58.29 -34.88 -0.92
CA SER B 411 -57.43 -35.68 -0.07
C SER B 411 -58.03 -37.07 0.12
N LEU B 412 -59.35 -37.11 0.35
CA LEU B 412 -60.07 -38.38 0.50
C LEU B 412 -59.88 -39.29 -0.70
N LEU B 413 -60.36 -38.87 -1.87
CA LEU B 413 -60.24 -39.70 -3.07
C LEU B 413 -58.77 -39.96 -3.41
N GLY B 414 -57.91 -39.07 -2.96
CA GLY B 414 -56.48 -39.22 -3.14
C GLY B 414 -55.92 -40.43 -2.42
N LYS B 415 -56.32 -40.60 -1.17
CA LYS B 415 -55.88 -41.74 -0.37
C LYS B 415 -56.66 -42.98 -0.80
N LEU B 416 -57.86 -42.74 -1.29
CA LEU B 416 -58.80 -43.81 -1.59
C LEU B 416 -58.46 -44.52 -2.88
N ARG B 417 -57.79 -43.82 -3.79
CA ARG B 417 -57.35 -44.50 -5.00
C ARG B 417 -56.21 -45.45 -4.65
N LEU B 418 -55.39 -45.06 -3.67
CA LEU B 418 -54.37 -45.95 -3.13
C LEU B 418 -55.04 -47.15 -2.47
N GLU B 419 -56.14 -46.89 -1.78
CA GLU B 419 -56.91 -47.97 -1.19
C GLU B 419 -57.38 -48.95 -2.28
N CYS B 420 -57.89 -48.40 -3.38
CA CYS B 420 -58.33 -49.19 -4.52
C CYS B 420 -57.17 -49.92 -5.19
N ALA B 421 -55.96 -49.41 -4.99
CA ALA B 421 -54.77 -50.03 -5.53
C ALA B 421 -54.49 -51.28 -4.73
N ASP B 422 -54.21 -51.08 -3.44
CA ASP B 422 -53.87 -52.19 -2.55
C ASP B 422 -55.00 -53.21 -2.43
N LEU B 423 -56.22 -52.79 -2.77
CA LEU B 423 -57.35 -53.70 -2.83
C LEU B 423 -57.36 -54.48 -4.13
N LEU B 424 -57.55 -53.77 -5.25
CA LEU B 424 -57.64 -54.39 -6.57
C LEU B 424 -56.42 -55.24 -6.93
N GLU B 425 -55.27 -54.99 -6.30
CA GLU B 425 -54.07 -55.78 -6.59
C GLU B 425 -54.12 -57.16 -5.94
N THR B 426 -54.53 -57.23 -4.67
CA THR B 426 -54.81 -58.51 -4.05
C THR B 426 -56.12 -58.99 -4.65
N ARG B 427 -56.37 -60.30 -4.60
CA ARG B 427 -57.58 -60.86 -5.19
C ARG B 427 -57.80 -60.40 -6.64
N GLY B 428 -56.71 -60.25 -7.39
CA GLY B 428 -56.82 -59.81 -8.78
C GLY B 428 -55.53 -59.30 -9.39
N VAL B 429 -55.67 -58.47 -10.42
CA VAL B 429 -54.54 -57.91 -11.14
C VAL B 429 -53.90 -56.75 -10.39
N VAL B 430 -52.59 -56.60 -10.54
CA VAL B 430 -51.87 -55.48 -9.94
C VAL B 430 -51.52 -54.43 -11.01
N LEU B 431 -51.98 -53.20 -10.79
CA LEU B 431 -51.83 -52.14 -11.77
C LEU B 431 -50.51 -51.38 -11.60
N ARG B 432 -49.88 -51.56 -10.45
CA ARG B 432 -48.62 -50.87 -10.15
C ARG B 432 -47.49 -51.88 -9.99
N ASP B 433 -46.63 -51.98 -11.00
CA ASP B 433 -45.52 -52.94 -10.98
C ASP B 433 -44.16 -52.26 -10.91
N PRO B 434 -43.33 -52.65 -9.92
CA PRO B 434 -41.97 -52.10 -9.78
C PRO B 434 -41.14 -52.30 -11.05
N THR B 435 -41.55 -53.23 -11.89
CA THR B 435 -40.84 -53.49 -13.14
C THR B 435 -40.85 -52.28 -14.08
N LEU B 436 -41.86 -51.43 -13.94
CA LEU B 436 -41.94 -50.19 -14.71
C LEU B 436 -41.81 -48.95 -13.83
N PHE B 437 -41.24 -47.88 -14.37
CA PHE B 437 -41.11 -46.63 -13.62
C PHE B 437 -41.87 -45.49 -14.30
N SER B 438 -42.47 -44.64 -13.48
CA SER B 438 -43.14 -43.44 -13.96
C SER B 438 -42.60 -42.22 -13.24
N PHE B 439 -42.23 -41.20 -14.01
CA PHE B 439 -41.70 -39.96 -13.45
C PHE B 439 -42.68 -38.82 -13.68
N LEU B 440 -42.68 -37.85 -12.76
CA LEU B 440 -43.51 -36.66 -12.92
C LEU B 440 -42.85 -35.41 -12.33
N TRP B 441 -42.90 -34.31 -13.07
CA TRP B 441 -42.45 -33.01 -12.57
C TRP B 441 -43.59 -32.30 -11.86
N VAL B 442 -43.30 -31.74 -10.69
CA VAL B 442 -44.31 -30.96 -9.98
C VAL B 442 -43.79 -29.56 -9.77
N VAL B 443 -44.41 -28.59 -10.43
CA VAL B 443 -43.91 -27.23 -10.46
C VAL B 443 -44.86 -26.26 -9.75
N ASP B 444 -44.47 -24.99 -9.69
CA ASP B 444 -45.33 -23.91 -9.23
C ASP B 444 -45.88 -24.06 -7.81
N PHE B 445 -45.07 -24.58 -6.90
CA PHE B 445 -45.48 -24.72 -5.50
C PHE B 445 -45.74 -23.35 -4.88
N PRO B 446 -46.46 -23.32 -3.76
CA PRO B 446 -46.60 -22.06 -3.01
C PRO B 446 -45.25 -21.56 -2.51
N LEU B 447 -45.10 -20.24 -2.40
CA LEU B 447 -43.88 -19.64 -1.86
C LEU B 447 -43.84 -19.57 -0.33
N PHE B 448 -45.01 -19.40 0.29
CA PHE B 448 -45.09 -19.23 1.75
C PHE B 448 -46.26 -19.99 2.35
N LEU B 449 -46.07 -20.47 3.58
CA LEU B 449 -47.12 -21.18 4.32
C LEU B 449 -47.15 -20.76 5.81
N PRO B 450 -48.36 -20.62 6.39
CA PRO B 450 -48.65 -19.86 7.62
C PRO B 450 -48.09 -20.30 8.99
N LYS B 451 -48.08 -21.61 9.28
CA LYS B 451 -47.83 -22.09 10.65
C LYS B 451 -46.33 -22.43 10.90
N GLU B 452 -45.89 -22.90 12.08
CA GLU B 452 -46.67 -23.31 13.26
C GLU B 452 -47.05 -22.23 14.27
N GLU B 453 -46.40 -21.07 14.20
CA GLU B 453 -46.83 -19.95 15.01
C GLU B 453 -48.15 -19.51 14.42
N ASN B 454 -48.95 -18.79 15.21
CA ASN B 454 -50.26 -18.36 14.74
C ASN B 454 -50.14 -17.62 13.41
N PRO B 455 -50.90 -18.06 12.40
CA PRO B 455 -50.92 -17.35 11.13
C PRO B 455 -51.27 -15.87 11.35
N ARG B 456 -50.44 -14.97 10.83
CA ARG B 456 -49.32 -15.37 9.99
C ARG B 456 -47.96 -14.80 10.44
N GLU B 457 -47.09 -15.68 10.92
CA GLU B 457 -45.65 -15.40 10.98
C GLU B 457 -45.02 -16.06 9.76
N LEU B 458 -45.89 -16.67 8.98
CA LEU B 458 -45.55 -17.47 7.80
C LEU B 458 -44.51 -18.53 8.07
N GLU B 459 -43.70 -18.76 7.04
CA GLU B 459 -42.62 -19.74 7.02
C GLU B 459 -42.16 -19.73 5.58
N SER B 460 -40.98 -20.24 5.32
CA SER B 460 -40.56 -20.45 3.94
C SER B 460 -41.18 -21.76 3.49
N ALA B 461 -41.77 -21.76 2.30
CA ALA B 461 -42.39 -22.97 1.73
C ALA B 461 -41.44 -24.15 1.82
N HIS B 462 -40.32 -24.04 1.13
CA HIS B 462 -39.28 -25.05 1.19
C HIS B 462 -37.98 -24.40 1.65
N HIS B 463 -37.47 -23.49 0.82
CA HIS B 463 -36.21 -22.81 1.09
C HIS B 463 -36.49 -21.33 1.24
N PRO B 464 -35.77 -20.66 2.16
CA PRO B 464 -35.92 -19.22 2.36
C PRO B 464 -35.71 -18.46 1.07
N PHE B 465 -34.70 -18.83 0.29
CA PHE B 465 -34.44 -18.14 -0.97
C PHE B 465 -34.96 -19.00 -2.11
N THR B 466 -36.10 -18.59 -2.65
CA THR B 466 -36.71 -19.30 -3.77
C THR B 466 -37.32 -18.27 -4.69
N ALA B 467 -36.96 -18.34 -5.97
CA ALA B 467 -37.47 -17.38 -6.94
C ALA B 467 -38.96 -17.58 -7.17
N PRO B 468 -39.76 -16.55 -6.87
CA PRO B 468 -41.19 -16.62 -7.15
C PRO B 468 -41.47 -16.62 -8.65
N HIS B 469 -42.41 -17.46 -9.10
CA HIS B 469 -42.85 -17.47 -10.50
C HIS B 469 -43.20 -16.04 -10.76
N PRO B 470 -42.60 -15.44 -11.81
CA PRO B 470 -42.62 -13.96 -11.84
C PRO B 470 -44.02 -13.37 -11.68
N SER B 471 -44.98 -13.71 -12.53
CA SER B 471 -46.40 -13.45 -12.29
C SER B 471 -46.64 -12.18 -11.48
N ASP B 472 -46.17 -11.05 -12.01
CA ASP B 472 -46.23 -9.74 -11.35
C ASP B 472 -45.36 -9.58 -10.07
N ILE B 473 -44.92 -10.71 -9.48
CA ILE B 473 -43.95 -10.75 -8.36
C ILE B 473 -44.44 -10.09 -7.06
N HIS B 474 -45.48 -9.26 -7.19
CA HIS B 474 -45.86 -8.30 -6.16
C HIS B 474 -46.89 -8.87 -5.22
N LEU B 475 -47.42 -10.04 -5.58
CA LEU B 475 -48.37 -10.74 -4.72
C LEU B 475 -47.71 -11.03 -3.38
N LEU B 476 -46.38 -10.98 -3.35
CA LEU B 476 -45.60 -11.04 -2.13
C LEU B 476 -46.04 -9.97 -1.15
N TYR B 477 -46.04 -8.73 -1.63
CA TYR B 477 -46.40 -7.59 -0.80
C TYR B 477 -47.89 -7.46 -0.62
N THR B 478 -48.65 -7.62 -1.70
CA THR B 478 -50.10 -7.55 -1.60
C THR B 478 -50.63 -8.62 -0.64
N GLU B 479 -50.58 -9.88 -1.07
CA GLU B 479 -51.11 -11.00 -0.29
C GLU B 479 -50.14 -12.19 -0.29
N PRO B 480 -49.23 -12.26 0.70
CA PRO B 480 -48.31 -13.41 0.67
C PRO B 480 -49.08 -14.71 0.84
N LYS B 481 -48.40 -15.84 0.67
CA LYS B 481 -49.02 -17.17 0.62
C LYS B 481 -49.87 -17.37 -0.63
N LYS B 482 -50.21 -16.30 -1.32
CA LYS B 482 -50.96 -16.37 -2.55
C LYS B 482 -50.04 -16.30 -3.76
N ALA B 483 -48.76 -16.09 -3.49
CA ALA B 483 -47.76 -15.98 -4.54
C ALA B 483 -47.03 -17.30 -4.65
N ARG B 484 -46.83 -17.78 -5.87
CA ARG B 484 -46.16 -19.06 -6.08
C ARG B 484 -44.65 -18.91 -6.24
N SER B 485 -43.96 -20.05 -6.39
CA SER B 485 -42.51 -20.04 -6.53
C SER B 485 -42.07 -20.86 -7.74
N GLN B 486 -40.77 -20.86 -7.98
CA GLN B 486 -40.20 -21.66 -9.04
C GLN B 486 -39.70 -23.01 -8.51
N HIS B 487 -39.94 -23.28 -7.24
CA HIS B 487 -39.59 -24.57 -6.65
C HIS B 487 -40.21 -25.73 -7.42
N TYR B 488 -39.44 -26.81 -7.56
CA TYR B 488 -39.88 -27.98 -8.31
C TYR B 488 -39.58 -29.24 -7.52
N ASP B 489 -40.37 -30.29 -7.76
CA ASP B 489 -40.13 -31.59 -7.17
C ASP B 489 -40.23 -32.68 -8.23
N LEU B 490 -39.28 -33.60 -8.22
CA LEU B 490 -39.36 -34.76 -9.09
C LEU B 490 -40.00 -35.88 -8.29
N VAL B 491 -41.05 -36.50 -8.83
CA VAL B 491 -41.64 -37.66 -8.17
C VAL B 491 -41.52 -38.91 -9.02
N LEU B 492 -41.14 -40.00 -8.36
CA LEU B 492 -41.00 -41.29 -9.02
C LEU B 492 -41.83 -42.34 -8.29
N ASN B 493 -42.86 -42.83 -8.98
CA ASN B 493 -43.75 -43.85 -8.43
C ASN B 493 -44.23 -43.52 -7.03
N GLY B 494 -44.74 -42.31 -6.85
CA GLY B 494 -45.35 -41.91 -5.60
C GLY B 494 -44.38 -41.50 -4.52
N ASN B 495 -43.11 -41.40 -4.88
CA ASN B 495 -42.08 -41.00 -3.95
C ASN B 495 -41.49 -39.65 -4.35
N GLU B 496 -40.96 -38.91 -3.40
CA GLU B 496 -40.21 -37.72 -3.76
C GLU B 496 -38.78 -38.15 -3.93
N ILE B 497 -38.36 -38.24 -5.19
CA ILE B 497 -37.04 -38.74 -5.55
C ILE B 497 -36.03 -37.61 -5.40
N GLY B 498 -36.44 -36.41 -5.78
CA GLY B 498 -35.61 -35.23 -5.65
C GLY B 498 -36.39 -33.94 -5.72
N GLY B 499 -35.78 -32.84 -5.27
CA GLY B 499 -36.41 -31.54 -5.31
C GLY B 499 -35.39 -30.41 -5.25
N GLY B 500 -35.83 -29.21 -5.62
CA GLY B 500 -34.97 -28.04 -5.59
C GLY B 500 -35.73 -26.81 -6.04
N SER B 501 -35.02 -25.71 -6.24
CA SER B 501 -35.64 -24.47 -6.69
C SER B 501 -34.65 -23.62 -7.46
N ILE B 502 -35.11 -22.49 -7.98
CA ILE B 502 -34.22 -21.49 -8.50
C ILE B 502 -33.95 -20.54 -7.36
N ARG B 503 -32.73 -20.58 -6.83
CA ARG B 503 -32.37 -19.73 -5.71
C ARG B 503 -32.38 -18.30 -6.24
N ILE B 504 -32.77 -17.32 -5.41
CA ILE B 504 -32.92 -15.95 -5.89
C ILE B 504 -31.67 -15.08 -5.71
N HIS B 505 -31.34 -14.32 -6.75
CA HIS B 505 -30.21 -13.41 -6.74
C HIS B 505 -30.65 -11.99 -6.39
N ASN B 506 -29.73 -11.04 -6.46
CA ASN B 506 -30.06 -9.62 -6.21
C ASN B 506 -30.64 -9.29 -4.82
N ALA B 507 -29.76 -9.12 -3.84
CA ALA B 507 -30.13 -9.04 -2.42
C ALA B 507 -31.26 -8.07 -2.11
N GLU B 508 -31.53 -7.13 -3.02
CA GLU B 508 -32.67 -6.23 -2.90
C GLU B 508 -33.96 -6.99 -2.57
N LEU B 509 -34.22 -8.07 -3.33
CA LEU B 509 -35.42 -8.87 -3.16
C LEU B 509 -35.36 -9.68 -1.87
N GLN B 510 -34.18 -10.26 -1.62
CA GLN B 510 -33.94 -11.12 -0.47
C GLN B 510 -34.20 -10.42 0.85
N ARG B 511 -33.77 -9.16 0.88
CA ARG B 511 -33.76 -8.36 2.10
C ARG B 511 -35.11 -8.36 2.79
N TYR B 512 -36.16 -7.99 2.08
CA TYR B 512 -37.45 -7.85 2.72
C TYR B 512 -38.17 -9.17 2.98
N ILE B 513 -37.83 -10.21 2.23
CA ILE B 513 -38.39 -11.52 2.52
C ILE B 513 -37.86 -11.99 3.86
N LEU B 514 -36.55 -11.84 4.04
CA LEU B 514 -35.95 -12.11 5.35
C LEU B 514 -36.45 -11.13 6.43
N ALA B 515 -36.84 -9.94 6.03
CA ALA B 515 -37.35 -8.94 6.97
C ALA B 515 -38.74 -9.30 7.51
N THR B 516 -39.65 -9.70 6.63
CA THR B 516 -40.96 -10.16 7.06
C THR B 516 -40.82 -11.44 7.86
N LEU B 517 -39.94 -12.34 7.40
CA LEU B 517 -39.74 -13.60 8.11
C LEU B 517 -39.24 -13.40 9.55
N LEU B 518 -38.06 -12.79 9.70
CA LEU B 518 -37.52 -12.41 11.01
C LEU B 518 -36.16 -11.73 10.90
N LYS B 519 -35.77 -11.01 11.94
CA LYS B 519 -34.54 -10.22 11.93
C LYS B 519 -33.60 -10.67 13.04
N GLU B 520 -32.34 -10.24 12.93
CA GLU B 520 -31.20 -10.76 13.71
C GLU B 520 -30.77 -12.10 13.15
N ASP B 521 -31.53 -12.58 12.17
CA ASP B 521 -31.15 -13.70 11.32
C ASP B 521 -30.08 -13.16 10.37
N VAL B 522 -30.01 -11.84 10.30
CA VAL B 522 -29.01 -11.13 9.53
C VAL B 522 -27.61 -11.45 10.06
N LYS B 523 -27.52 -11.81 11.33
CA LYS B 523 -26.26 -12.31 11.91
C LYS B 523 -25.73 -13.45 11.05
N MET B 524 -26.59 -14.45 10.87
CA MET B 524 -26.24 -15.64 10.11
C MET B 524 -26.06 -15.32 8.63
N LEU B 525 -27.08 -14.70 8.02
CA LEU B 525 -27.15 -14.63 6.56
C LEU B 525 -26.62 -13.35 5.88
N SER B 526 -26.07 -12.42 6.65
CA SER B 526 -25.49 -11.23 6.03
C SER B 526 -24.24 -11.60 5.24
N HIS B 527 -23.59 -12.70 5.62
CA HIS B 527 -22.43 -13.20 4.89
C HIS B 527 -22.86 -13.70 3.52
N LEU B 528 -24.09 -14.19 3.44
CA LEU B 528 -24.67 -14.66 2.18
C LEU B 528 -25.22 -13.52 1.30
N LEU B 529 -25.99 -12.61 1.90
CA LEU B 529 -26.56 -11.50 1.16
C LEU B 529 -25.45 -10.56 0.70
N GLN B 530 -24.33 -10.58 1.41
CA GLN B 530 -23.12 -9.88 0.98
C GLN B 530 -22.70 -10.42 -0.38
N ALA B 531 -22.66 -11.75 -0.49
CA ALA B 531 -22.32 -12.41 -1.75
C ALA B 531 -23.40 -12.15 -2.80
N LEU B 532 -24.60 -11.80 -2.34
CA LEU B 532 -25.65 -11.40 -3.26
C LEU B 532 -25.38 -10.02 -3.85
N ASP B 533 -24.76 -9.14 -3.05
CA ASP B 533 -24.44 -7.78 -3.52
C ASP B 533 -23.07 -7.68 -4.20
N TYR B 534 -22.38 -8.81 -4.30
CA TYR B 534 -21.08 -8.89 -4.97
C TYR B 534 -21.16 -9.32 -6.44
N GLY B 535 -22.37 -9.31 -6.98
CA GLY B 535 -22.64 -9.74 -8.34
C GLY B 535 -22.81 -11.23 -8.55
N ALA B 536 -23.65 -11.82 -7.72
CA ALA B 536 -24.11 -13.19 -7.91
C ALA B 536 -24.94 -13.30 -9.19
N PRO B 537 -24.63 -14.29 -10.02
CA PRO B 537 -25.39 -14.53 -11.26
C PRO B 537 -26.74 -15.18 -10.95
N PRO B 538 -27.67 -15.16 -11.92
CA PRO B 538 -28.87 -15.98 -11.72
C PRO B 538 -28.48 -17.45 -11.67
N HIS B 539 -28.96 -18.17 -10.67
CA HIS B 539 -28.54 -19.56 -10.49
C HIS B 539 -29.66 -20.42 -9.91
N GLY B 540 -29.71 -21.68 -10.33
CA GLY B 540 -30.66 -22.62 -9.77
C GLY B 540 -30.19 -24.06 -9.85
N GLY B 541 -30.69 -24.89 -8.94
CA GLY B 541 -30.27 -26.27 -8.88
C GLY B 541 -31.27 -27.16 -8.17
N ILE B 542 -30.91 -28.44 -8.04
CA ILE B 542 -31.81 -29.44 -7.49
C ILE B 542 -31.04 -30.44 -6.64
N ALA B 543 -31.69 -30.97 -5.62
CA ALA B 543 -31.12 -32.05 -4.84
C ALA B 543 -31.79 -33.38 -5.23
N LEU B 544 -31.03 -34.47 -5.19
CA LEU B 544 -31.55 -35.77 -5.56
C LEU B 544 -31.27 -36.75 -4.44
N GLY B 545 -32.31 -37.24 -3.77
CA GLY B 545 -32.11 -38.22 -2.72
C GLY B 545 -31.59 -39.50 -3.32
N LEU B 546 -30.38 -39.89 -2.92
CA LEU B 546 -29.70 -41.01 -3.57
C LEU B 546 -30.19 -42.36 -3.06
N ASP B 547 -30.26 -42.48 -1.74
CA ASP B 547 -30.67 -43.73 -1.09
C ASP B 547 -32.11 -44.06 -1.48
N ARG B 548 -32.89 -43.01 -1.71
CA ARG B 548 -34.28 -43.15 -2.06
C ARG B 548 -34.38 -43.69 -3.47
N LEU B 549 -33.88 -42.93 -4.44
CA LEU B 549 -33.86 -43.37 -5.83
C LEU B 549 -33.29 -44.78 -6.01
N ILE B 550 -32.16 -45.07 -5.38
CA ILE B 550 -31.55 -46.39 -5.53
C ILE B 550 -32.44 -47.48 -4.92
N CYS B 551 -33.06 -47.19 -3.78
CA CYS B 551 -34.00 -48.14 -3.19
C CYS B 551 -35.14 -48.42 -4.16
N LEU B 552 -35.74 -47.35 -4.66
CA LEU B 552 -36.86 -47.41 -5.60
C LEU B 552 -36.51 -48.22 -6.85
N VAL B 553 -35.28 -48.09 -7.34
CA VAL B 553 -34.89 -48.79 -8.56
C VAL B 553 -34.55 -50.25 -8.30
N THR B 554 -33.96 -50.55 -7.14
CA THR B 554 -33.64 -51.93 -6.81
C THR B 554 -34.86 -52.72 -6.32
N GLY B 555 -35.94 -52.00 -5.99
CA GLY B 555 -37.16 -52.64 -5.54
C GLY B 555 -37.05 -53.16 -4.12
N SER B 556 -36.09 -52.63 -3.37
CA SER B 556 -35.89 -53.04 -1.99
C SER B 556 -37.04 -52.59 -1.08
N PRO B 557 -37.31 -53.38 -0.03
CA PRO B 557 -38.32 -53.05 0.98
C PRO B 557 -38.01 -51.75 1.71
N SER B 558 -36.75 -51.58 2.11
CA SER B 558 -36.33 -50.38 2.83
C SER B 558 -35.03 -49.84 2.25
N ILE B 559 -34.76 -48.56 2.52
CA ILE B 559 -33.55 -47.94 2.00
C ILE B 559 -32.31 -48.47 2.71
N ARG B 560 -32.51 -49.29 3.73
CA ARG B 560 -31.39 -49.87 4.45
C ARG B 560 -30.81 -51.07 3.69
N ASP B 561 -31.49 -51.47 2.62
CA ASP B 561 -30.99 -52.57 1.80
C ASP B 561 -30.10 -52.06 0.68
N VAL B 562 -30.15 -50.75 0.44
CA VAL B 562 -29.27 -50.10 -0.52
C VAL B 562 -28.05 -49.38 0.11
N ILE B 563 -27.90 -49.54 1.42
CA ILE B 563 -26.79 -48.94 2.17
C ILE B 563 -25.84 -50.01 2.71
N ALA B 564 -24.55 -49.78 2.58
CA ALA B 564 -23.53 -50.71 3.07
C ALA B 564 -23.70 -51.12 4.54
N PHE B 565 -23.58 -50.16 5.44
CA PHE B 565 -23.73 -50.44 6.87
C PHE B 565 -24.76 -49.52 7.52
N PRO B 566 -26.05 -49.70 7.19
CA PRO B 566 -27.08 -48.78 7.67
C PRO B 566 -27.31 -48.86 9.17
N LYS B 567 -28.18 -48.00 9.67
CA LYS B 567 -28.44 -47.95 11.10
C LYS B 567 -29.94 -47.96 11.30
N SER B 568 -30.44 -48.98 11.99
CA SER B 568 -31.87 -49.16 12.14
C SER B 568 -32.37 -48.50 13.41
N PHE B 569 -33.51 -47.82 13.31
CA PHE B 569 -34.20 -47.35 14.50
C PHE B 569 -33.39 -46.41 15.40
N ARG B 570 -33.29 -45.15 14.99
CA ARG B 570 -32.61 -44.12 15.78
C ARG B 570 -31.15 -44.46 15.98
N GLY B 571 -30.38 -44.35 14.90
CA GLY B 571 -28.97 -44.68 14.92
C GLY B 571 -28.79 -46.12 15.33
N HIS B 572 -27.99 -46.33 16.37
CA HIS B 572 -27.79 -47.65 16.95
C HIS B 572 -27.46 -48.72 15.91
N ASP B 573 -26.28 -48.63 15.31
CA ASP B 573 -25.80 -49.67 14.43
C ASP B 573 -25.80 -50.94 15.26
N LEU B 574 -26.43 -51.99 14.74
CA LEU B 574 -26.61 -53.21 15.50
C LEU B 574 -25.35 -54.08 15.49
N MET B 575 -24.44 -53.76 14.57
CA MET B 575 -23.21 -54.54 14.41
C MET B 575 -22.16 -54.17 15.44
N SER B 576 -21.99 -52.87 15.68
CA SER B 576 -21.06 -52.41 16.69
C SER B 576 -21.84 -51.56 17.67
N ASN B 577 -21.39 -51.48 18.92
CA ASN B 577 -22.14 -50.72 19.89
C ASN B 577 -21.88 -49.22 19.71
N THR B 578 -22.94 -48.50 19.35
CA THR B 578 -22.87 -47.09 18.97
C THR B 578 -24.27 -46.61 18.62
N PRO B 579 -24.65 -45.39 19.04
CA PRO B 579 -23.88 -44.46 19.87
C PRO B 579 -23.71 -44.98 21.30
N ASP B 580 -22.52 -44.80 21.85
CA ASP B 580 -22.19 -45.37 23.15
C ASP B 580 -21.73 -44.26 24.09
N SER B 581 -21.69 -44.56 25.39
CA SER B 581 -21.16 -43.62 26.36
C SER B 581 -19.64 -43.63 26.32
N VAL B 582 -19.02 -42.97 27.30
CA VAL B 582 -17.57 -42.75 27.29
C VAL B 582 -17.13 -42.09 28.59
N PRO B 583 -15.99 -42.54 29.16
CA PRO B 583 -15.44 -42.03 30.42
C PRO B 583 -15.31 -40.51 30.46
N PRO B 584 -15.59 -39.89 31.62
CA PRO B 584 -15.74 -38.44 31.80
C PRO B 584 -14.52 -37.62 31.36
N GLU B 585 -13.32 -38.18 31.50
CA GLU B 585 -12.10 -37.46 31.14
C GLU B 585 -11.98 -37.27 29.62
N GLU B 586 -12.86 -37.92 28.87
CA GLU B 586 -12.91 -37.73 27.42
C GLU B 586 -13.82 -36.55 27.05
N LEU B 587 -14.62 -36.10 28.01
CA LEU B 587 -15.44 -34.91 27.83
C LEU B 587 -14.64 -33.66 28.21
N LYS B 588 -13.54 -33.89 28.92
CA LYS B 588 -12.72 -32.82 29.46
C LYS B 588 -12.14 -31.82 28.43
N PRO B 589 -11.58 -32.33 27.31
CA PRO B 589 -11.03 -31.39 26.33
C PRO B 589 -12.06 -30.41 25.75
N TYR B 590 -13.34 -30.69 25.91
CA TYR B 590 -14.39 -29.86 25.33
C TYR B 590 -15.19 -29.12 26.39
N HIS B 591 -16.11 -29.83 27.03
CA HIS B 591 -17.00 -29.28 28.05
C HIS B 591 -17.94 -30.37 28.58
N PRO C 3 28.09 40.19 22.61
CA PRO C 3 28.57 39.29 21.56
C PRO C 3 29.42 38.17 22.14
N GLU C 4 28.90 36.95 22.12
CA GLU C 4 29.59 35.79 22.67
C GLU C 4 30.87 35.51 21.90
N PHE C 5 30.82 35.81 20.60
CA PHE C 5 31.87 35.47 19.65
C PHE C 5 32.24 34.00 19.69
N SER C 6 33.51 33.69 19.95
CA SER C 6 33.90 32.29 19.87
C SER C 6 33.22 31.56 21.01
N SER C 7 32.39 30.59 20.61
CA SER C 7 31.46 29.88 21.48
C SER C 7 30.74 28.88 20.59
N PHE C 8 30.13 27.87 21.20
CA PHE C 8 29.55 26.73 20.48
C PHE C 8 30.62 25.99 19.70
N VAL C 9 31.88 26.14 20.08
CA VAL C 9 32.97 25.51 19.36
C VAL C 9 33.99 25.03 20.36
N VAL C 10 34.93 24.21 19.91
CA VAL C 10 36.01 23.86 20.79
C VAL C 10 37.05 24.93 20.53
N ARG C 11 37.09 25.86 21.48
CA ARG C 11 38.01 26.98 21.51
C ARG C 11 37.49 27.82 22.65
N THR C 12 38.34 28.69 23.18
CA THR C 12 37.91 29.75 24.04
C THR C 12 38.73 30.93 23.61
N ASN C 13 38.17 32.13 23.65
CA ASN C 13 38.98 33.32 23.42
C ASN C 13 39.66 33.43 22.05
N THR C 14 38.91 33.88 21.06
CA THR C 14 39.45 34.14 19.73
C THR C 14 40.78 34.89 19.82
N CYS C 15 41.71 34.54 18.94
CA CYS C 15 43.12 34.90 19.07
C CYS C 15 43.39 36.36 19.48
N GLY C 16 42.70 37.29 18.84
CA GLY C 16 42.98 38.70 19.06
C GLY C 16 42.40 39.35 20.29
N GLU C 17 41.55 38.63 21.02
CA GLU C 17 40.88 39.24 22.17
C GLU C 17 41.72 39.21 23.44
N LEU C 18 42.77 38.39 23.45
CA LEU C 18 43.59 38.22 24.65
C LEU C 18 44.32 39.50 25.05
N ARG C 19 44.17 39.88 26.32
CA ARG C 19 44.84 41.05 26.88
C ARG C 19 45.38 40.71 28.26
N SER C 20 45.91 41.71 28.97
CA SER C 20 46.49 41.49 30.30
C SER C 20 45.47 40.92 31.28
N SER C 21 44.20 41.26 31.09
CA SER C 21 43.09 40.73 31.89
C SER C 21 43.10 39.21 31.92
N HIS C 22 43.63 38.63 30.85
CA HIS C 22 43.62 37.19 30.66
C HIS C 22 44.87 36.50 31.19
N LEU C 23 45.74 37.27 31.85
CA LEU C 23 46.94 36.71 32.44
C LEU C 23 46.63 35.53 33.37
N GLY C 24 47.32 34.42 33.15
CA GLY C 24 47.20 33.25 34.00
C GLY C 24 46.05 32.34 33.62
N GLN C 25 45.08 32.85 32.86
CA GLN C 25 43.93 32.06 32.46
C GLN C 25 44.35 30.95 31.51
N GLU C 26 43.89 29.74 31.79
CA GLU C 26 44.11 28.64 30.86
C GLU C 26 43.24 28.89 29.64
N VAL C 27 43.81 28.71 28.45
CA VAL C 27 43.06 28.92 27.22
C VAL C 27 43.54 27.96 26.13
N THR C 28 42.61 27.48 25.32
CA THR C 28 42.96 26.76 24.11
C THR C 28 42.36 27.48 22.91
N LEU C 29 43.23 28.07 22.08
CA LEU C 29 42.79 28.82 20.92
C LEU C 29 43.31 28.21 19.63
N CYS C 30 42.54 28.35 18.55
CA CYS C 30 42.96 27.82 17.26
C CYS C 30 42.88 28.90 16.19
N GLY C 31 43.74 28.80 15.18
CA GLY C 31 43.84 29.83 14.17
C GLY C 31 44.83 29.50 13.07
N TRP C 32 45.27 30.55 12.36
CA TRP C 32 46.18 30.38 11.23
C TRP C 32 47.60 30.78 11.59
N ILE C 33 48.59 30.16 10.96
CA ILE C 33 49.97 30.55 11.19
C ILE C 33 50.41 31.63 10.22
N GLN C 34 50.68 32.82 10.76
CA GLN C 34 51.05 33.96 9.94
C GLN C 34 52.52 33.87 9.59
N TYR C 35 53.37 33.97 10.62
CA TYR C 35 54.81 33.81 10.45
C TYR C 35 55.50 33.40 11.77
N ARG C 36 56.75 32.97 11.67
CA ARG C 36 57.51 32.57 12.85
C ARG C 36 58.99 32.85 12.64
N ARG C 37 59.72 33.03 13.74
CA ARG C 37 61.17 33.18 13.64
C ARG C 37 61.87 31.90 14.11
N GLN C 38 62.38 31.14 13.16
CA GLN C 38 63.16 29.93 13.43
C GLN C 38 62.56 29.02 14.51
N ASN C 39 63.34 28.73 15.56
CA ASN C 39 62.86 27.86 16.62
C ASN C 39 62.13 28.61 17.73
N THR C 40 62.24 29.93 17.76
CA THR C 40 61.73 30.71 18.89
C THR C 40 60.23 31.08 18.91
N PHE C 41 59.70 31.52 17.78
CA PHE C 41 58.42 32.23 17.78
C PHE C 41 57.31 31.60 16.96
N LEU C 42 56.08 32.01 17.28
CA LEU C 42 54.92 31.72 16.44
C LEU C 42 53.86 32.82 16.61
N VAL C 43 53.18 33.18 15.53
CA VAL C 43 52.05 34.09 15.66
C VAL C 43 50.77 33.53 15.03
N LEU C 44 49.78 33.30 15.88
CA LEU C 44 48.50 32.78 15.44
C LEU C 44 47.60 33.94 15.12
N ARG C 45 46.81 33.78 14.05
CA ARG C 45 45.89 34.81 13.63
C ARG C 45 44.49 34.25 13.43
N ASP C 46 43.54 34.84 14.15
CA ASP C 46 42.13 34.57 13.93
C ASP C 46 41.64 35.67 13.00
N PHE C 47 40.36 35.66 12.69
CA PHE C 47 39.74 36.74 11.93
C PHE C 47 39.86 38.05 12.69
N ASP C 48 39.95 37.94 14.02
CA ASP C 48 39.80 39.10 14.88
C ASP C 48 41.11 39.87 14.98
N GLY C 49 41.98 39.39 15.86
CA GLY C 49 43.34 39.88 15.98
C GLY C 49 44.37 38.83 15.65
N LEU C 50 45.57 38.99 16.20
CA LEU C 50 46.56 37.93 16.24
C LEU C 50 47.38 37.97 17.54
N VAL C 51 47.78 36.79 18.01
CA VAL C 51 48.51 36.66 19.28
C VAL C 51 49.81 35.88 19.07
N GLN C 52 50.74 36.03 20.02
CA GLN C 52 52.09 35.47 19.90
C GLN C 52 52.28 34.20 20.73
N VAL C 53 52.56 33.09 20.06
CA VAL C 53 52.73 31.80 20.72
C VAL C 53 54.21 31.42 20.82
N ILE C 54 54.69 31.17 22.04
CA ILE C 54 56.11 30.83 22.21
C ILE C 54 56.38 29.33 22.07
N ILE C 55 57.18 28.96 21.07
CA ILE C 55 57.46 27.56 20.81
C ILE C 55 58.20 26.98 22.00
N PRO C 56 57.56 26.02 22.70
CA PRO C 56 58.20 25.45 23.88
C PRO C 56 59.40 24.61 23.47
N GLN C 57 60.53 24.84 24.11
CA GLN C 57 61.72 24.03 23.86
C GLN C 57 62.10 23.26 25.12
N ASP C 58 61.89 21.95 25.08
CA ASP C 58 62.06 21.11 26.25
C ASP C 58 62.05 19.64 25.83
N GLU C 59 62.26 18.76 26.80
CA GLU C 59 62.22 17.32 26.54
C GLU C 59 60.79 16.79 26.49
N SER C 60 59.93 17.33 27.36
CA SER C 60 58.53 16.91 27.41
C SER C 60 57.71 17.55 26.30
N ALA C 61 58.08 18.76 25.90
CA ALA C 61 57.35 19.52 24.90
C ALA C 61 57.90 19.37 23.48
N ALA C 62 58.90 18.50 23.31
CA ALA C 62 59.56 18.33 22.01
C ALA C 62 58.64 17.78 20.92
N SER C 63 57.70 16.93 21.31
CA SER C 63 56.73 16.38 20.36
C SER C 63 55.77 17.46 19.88
N VAL C 64 55.56 18.48 20.73
CA VAL C 64 54.75 19.64 20.38
C VAL C 64 55.52 20.61 19.48
N LYS C 65 56.76 20.91 19.87
CA LYS C 65 57.64 21.75 19.09
C LYS C 65 57.84 21.18 17.69
N LYS C 66 57.80 19.85 17.59
CA LYS C 66 57.89 19.16 16.32
C LYS C 66 56.87 19.68 15.32
N ILE C 67 55.59 19.48 15.63
CA ILE C 67 54.53 19.88 14.71
C ILE C 67 54.40 21.40 14.61
N LEU C 68 54.61 22.08 15.73
CA LEU C 68 54.52 23.54 15.77
C LEU C 68 55.56 24.20 14.86
N CYS C 69 56.70 23.54 14.67
CA CYS C 69 57.70 23.99 13.70
C CYS C 69 57.61 23.26 12.35
N GLU C 70 56.75 22.24 12.27
CA GLU C 70 56.57 21.50 11.01
C GLU C 70 55.43 22.08 10.18
N ALA C 71 54.64 22.94 10.80
CA ALA C 71 53.52 23.59 10.10
C ALA C 71 54.02 24.51 8.99
N PRO C 72 53.53 24.31 7.76
CA PRO C 72 53.85 25.12 6.59
C PRO C 72 53.42 26.59 6.71
N VAL C 73 53.56 27.34 5.63
CA VAL C 73 53.50 28.81 5.66
C VAL C 73 52.32 29.34 6.46
N GLU C 74 51.13 29.23 5.88
CA GLU C 74 49.94 29.58 6.61
C GLU C 74 49.03 28.38 6.66
N SER C 75 48.96 27.76 7.82
CA SER C 75 48.14 26.56 7.96
C SER C 75 47.31 26.72 9.20
N VAL C 76 46.42 25.75 9.43
CA VAL C 76 45.49 25.88 10.54
C VAL C 76 45.91 25.00 11.68
N VAL C 77 46.18 25.62 12.82
CA VAL C 77 46.69 24.90 13.96
C VAL C 77 45.86 25.26 15.18
N GLN C 78 45.64 24.27 16.04
CA GLN C 78 45.06 24.51 17.34
C GLN C 78 46.17 24.41 18.38
N VAL C 79 46.23 25.39 19.27
CA VAL C 79 47.27 25.42 20.29
C VAL C 79 46.65 25.68 21.65
N SER C 80 47.02 24.88 22.64
CA SER C 80 46.53 25.07 24.00
C SER C 80 47.67 25.42 24.95
N GLY C 81 47.39 26.28 25.93
CA GLY C 81 48.42 26.71 26.87
C GLY C 81 47.96 27.74 27.87
N THR C 82 48.90 28.43 28.49
CA THR C 82 48.59 29.42 29.53
C THR C 82 49.04 30.83 29.13
N VAL C 83 48.22 31.82 29.44
CA VAL C 83 48.50 33.20 29.08
C VAL C 83 49.52 33.82 30.03
N ILE C 84 50.65 34.26 29.49
CA ILE C 84 51.69 34.90 30.29
C ILE C 84 52.06 36.26 29.72
N SER C 85 52.64 37.11 30.55
CA SER C 85 53.05 38.43 30.11
C SER C 85 54.42 38.37 29.45
N ARG C 86 54.61 39.18 28.41
CA ARG C 86 55.88 39.24 27.71
C ARG C 86 56.99 39.73 28.63
N PRO C 87 58.15 39.07 28.59
CA PRO C 87 59.26 39.38 29.50
C PRO C 87 59.76 40.81 29.34
N ALA C 88 59.86 41.52 30.47
CA ALA C 88 60.39 42.88 30.49
C ALA C 88 59.73 43.84 29.50
N GLY C 89 60.53 44.42 28.62
CA GLY C 89 60.07 45.41 27.66
C GLY C 89 59.86 44.85 26.27
N GLN C 90 59.66 43.54 26.18
CA GLN C 90 59.38 42.87 24.92
C GLN C 90 58.04 43.28 24.31
N GLU C 91 57.26 44.03 25.09
CA GLU C 91 55.91 44.43 24.72
C GLU C 91 55.83 45.15 23.39
N ASN C 92 54.74 44.92 22.67
CA ASN C 92 54.51 45.53 21.37
C ASN C 92 53.21 46.30 21.37
N PRO C 93 53.27 47.60 21.73
CA PRO C 93 52.10 48.47 21.78
C PRO C 93 51.37 48.62 20.44
N LYS C 94 52.03 48.24 19.35
CA LYS C 94 51.41 48.31 18.03
C LYS C 94 50.28 47.28 17.84
N MET C 95 50.36 46.15 18.54
CA MET C 95 49.32 45.13 18.45
C MET C 95 48.59 44.95 19.79
N PRO C 96 47.29 44.62 19.75
CA PRO C 96 46.45 44.65 20.96
C PRO C 96 46.84 43.56 21.96
N THR C 97 47.33 42.45 21.44
CA THR C 97 47.73 41.31 22.27
C THR C 97 49.19 41.46 22.68
N GLY C 98 49.77 42.59 22.29
CA GLY C 98 51.20 42.81 22.41
C GLY C 98 51.80 42.80 23.80
N GLU C 99 50.99 42.97 24.83
CA GLU C 99 51.52 42.94 26.20
C GLU C 99 51.64 41.50 26.70
N ILE C 100 51.03 40.56 26.00
CA ILE C 100 51.05 39.16 26.41
C ILE C 100 51.42 38.18 25.30
N GLU C 101 51.92 37.02 25.73
CA GLU C 101 52.22 35.91 24.85
C GLU C 101 51.62 34.64 25.46
N ILE C 102 51.56 33.59 24.67
CA ILE C 102 50.91 32.36 25.10
C ILE C 102 51.89 31.18 25.09
N LYS C 103 51.98 30.52 26.25
CA LYS C 103 52.92 29.43 26.48
C LYS C 103 52.27 28.09 26.22
N VAL C 104 52.76 27.39 25.20
CA VAL C 104 52.17 26.13 24.76
C VAL C 104 52.23 25.03 25.80
N LYS C 105 51.12 24.31 25.93
CA LYS C 105 51.04 23.09 26.73
C LYS C 105 50.99 21.93 25.74
N THR C 106 49.96 21.92 24.91
CA THR C 106 49.82 20.93 23.85
C THR C 106 49.47 21.61 22.52
N ALA C 107 49.53 20.84 21.44
CA ALA C 107 49.16 21.34 20.13
C ALA C 107 48.68 20.22 19.21
N GLU C 108 48.40 20.57 17.94
CA GLU C 108 47.96 19.63 16.93
C GLU C 108 47.81 20.37 15.61
N LEU C 109 47.86 19.64 14.51
CA LEU C 109 47.85 20.27 13.19
C LEU C 109 46.51 20.00 12.54
N LEU C 110 45.68 21.02 12.44
CA LEU C 110 44.33 20.87 11.89
C LEU C 110 44.34 20.70 10.38
N ASN C 111 45.03 21.59 9.67
CA ASN C 111 45.27 21.38 8.26
C ASN C 111 46.54 22.10 7.80
N ALA C 112 47.22 21.52 6.82
CA ALA C 112 48.41 22.13 6.25
C ALA C 112 48.07 22.84 4.95
N CYS C 113 49.06 23.47 4.34
CA CYS C 113 48.84 24.18 3.08
C CYS C 113 50.11 24.26 2.23
N LYS C 114 49.93 24.57 0.95
CA LYS C 114 51.07 24.71 0.04
C LYS C 114 51.47 26.17 -0.09
N LYS C 115 52.43 26.45 -0.97
CA LYS C 115 52.83 27.82 -1.19
C LYS C 115 51.65 28.58 -1.79
N LEU C 116 51.21 29.63 -1.11
CA LEU C 116 50.09 30.44 -1.58
C LEU C 116 50.62 31.72 -2.21
N PRO C 117 50.16 32.03 -3.42
CA PRO C 117 50.75 33.16 -4.16
C PRO C 117 50.25 34.53 -3.69
N PHE C 118 50.26 34.76 -2.38
CA PHE C 118 49.67 35.97 -1.81
C PHE C 118 50.42 36.41 -0.56
N GLU C 119 50.47 37.71 -0.33
CA GLU C 119 50.98 38.23 0.92
C GLU C 119 49.80 38.64 1.79
N ILE C 120 49.53 37.86 2.82
CA ILE C 120 48.35 38.10 3.65
C ILE C 120 48.59 39.19 4.69
N LYS C 121 49.87 39.44 5.00
CA LYS C 121 50.25 40.37 6.05
C LYS C 121 49.92 41.83 5.69
N ASN C 122 50.24 42.21 4.46
CA ASN C 122 50.12 43.60 4.00
C ASN C 122 48.75 43.94 3.40
N PHE C 123 47.81 43.01 3.54
CA PHE C 123 46.51 43.09 2.88
C PHE C 123 46.76 43.04 1.38
N VAL C 124 47.60 42.07 1.01
CA VAL C 124 48.04 41.80 -0.36
C VAL C 124 48.71 42.99 -1.08
N LYS C 125 48.37 43.14 -2.34
CA LYS C 125 48.97 44.11 -3.24
C LYS C 125 47.90 44.25 -4.30
N LYS C 126 47.93 45.31 -5.10
CA LYS C 126 46.77 45.50 -5.96
C LYS C 126 46.97 44.80 -7.30
N THR C 127 46.30 43.66 -7.43
CA THR C 127 46.07 42.99 -8.70
C THR C 127 44.63 42.49 -8.63
N GLU C 128 43.76 43.01 -9.48
CA GLU C 128 42.36 42.64 -9.40
C GLU C 128 42.21 41.18 -9.83
N ALA C 129 42.89 40.85 -10.92
CA ALA C 129 42.83 39.51 -11.50
C ALA C 129 43.20 38.44 -10.48
N LEU C 130 44.29 38.68 -9.76
CA LEU C 130 44.80 37.69 -8.81
C LEU C 130 43.99 37.66 -7.53
N ARG C 131 43.75 38.85 -6.96
CA ARG C 131 42.94 38.95 -5.75
C ARG C 131 41.58 38.26 -5.93
N LEU C 132 41.01 38.37 -7.12
CA LEU C 132 39.73 37.75 -7.41
C LEU C 132 39.83 36.25 -7.73
N GLN C 133 40.82 35.88 -8.54
CA GLN C 133 41.03 34.47 -8.87
C GLN C 133 41.19 33.62 -7.62
N TYR C 134 41.93 34.16 -6.67
CA TYR C 134 42.17 33.49 -5.39
C TYR C 134 41.27 33.90 -4.22
N ARG C 135 40.15 34.56 -4.53
CA ARG C 135 39.35 35.32 -3.56
C ARG C 135 39.18 34.67 -2.20
N TYR C 136 38.98 33.36 -2.15
CA TYR C 136 38.86 32.64 -0.87
C TYR C 136 40.10 32.83 0.01
N LEU C 137 41.23 33.14 -0.62
CA LEU C 137 42.46 33.52 0.08
C LEU C 137 42.35 34.97 0.53
N ASP C 138 42.16 35.85 -0.44
CA ASP C 138 42.09 37.29 -0.25
C ASP C 138 41.15 37.70 0.89
N LEU C 139 40.09 36.92 1.11
CA LEU C 139 39.12 37.19 2.17
C LEU C 139 39.75 37.18 3.56
N ARG C 140 40.88 36.48 3.70
CA ARG C 140 41.61 36.45 4.97
C ARG C 140 42.17 37.82 5.33
N SER C 141 42.43 38.63 4.31
CA SER C 141 43.03 39.94 4.50
C SER C 141 42.15 40.82 5.37
N PHE C 142 42.79 41.62 6.22
CA PHE C 142 42.08 42.47 7.16
C PHE C 142 41.18 43.48 6.47
N GLN C 143 41.44 43.72 5.18
CA GLN C 143 40.62 44.64 4.41
C GLN C 143 39.27 44.03 4.13
N MET C 144 39.26 42.93 3.38
CA MET C 144 38.02 42.20 3.10
C MET C 144 37.28 41.84 4.38
N GLN C 145 38.04 41.50 5.42
CA GLN C 145 37.45 41.21 6.72
C GLN C 145 36.66 42.41 7.26
N TYR C 146 37.35 43.56 7.35
CA TYR C 146 36.71 44.80 7.81
C TYR C 146 35.49 45.19 6.98
N ASN C 147 35.63 45.13 5.66
CA ASN C 147 34.55 45.45 4.75
C ASN C 147 33.31 44.58 4.95
N LEU C 148 33.48 43.26 4.79
CA LEU C 148 32.34 42.35 4.86
C LEU C 148 31.69 42.37 6.24
N ARG C 149 32.52 42.48 7.28
CA ARG C 149 32.00 42.53 8.63
C ARG C 149 31.23 43.83 8.89
N LEU C 150 31.73 44.93 8.33
CA LEU C 150 31.03 46.22 8.43
C LEU C 150 29.68 46.11 7.74
N ARG C 151 29.68 45.62 6.51
CA ARG C 151 28.44 45.46 5.76
C ARG C 151 27.41 44.67 6.55
N SER C 152 27.79 43.47 6.99
CA SER C 152 26.90 42.63 7.80
C SER C 152 26.34 43.40 8.98
N GLN C 153 27.25 43.94 9.79
CA GLN C 153 26.87 44.73 10.96
C GLN C 153 25.84 45.83 10.66
N MET C 154 26.24 46.79 9.82
CA MET C 154 25.43 47.95 9.50
C MET C 154 24.07 47.57 8.93
N VAL C 155 24.07 46.66 7.96
CA VAL C 155 22.83 46.18 7.38
C VAL C 155 21.90 45.61 8.46
N MET C 156 22.47 44.80 9.34
CA MET C 156 21.68 44.23 10.43
C MET C 156 21.11 45.30 11.37
N LYS C 157 21.85 46.40 11.54
CA LYS C 157 21.34 47.50 12.36
C LYS C 157 20.21 48.25 11.66
N MET C 158 20.27 48.31 10.34
CA MET C 158 19.16 48.86 9.55
C MET C 158 17.92 47.98 9.70
N ARG C 159 18.16 46.67 9.65
CA ARG C 159 17.13 45.66 9.86
C ARG C 159 16.46 45.89 11.20
N GLU C 160 17.27 46.19 12.21
CA GLU C 160 16.74 46.56 13.51
C GLU C 160 15.90 47.84 13.47
N TYR C 161 16.43 48.90 12.89
CA TYR C 161 15.73 50.19 12.85
C TYR C 161 14.37 50.10 12.17
N LEU C 162 14.30 49.34 11.10
CA LEU C 162 13.04 49.15 10.40
C LEU C 162 12.10 48.17 11.12
N CYS C 163 12.53 46.92 11.21
CA CYS C 163 11.66 45.84 11.70
C CYS C 163 11.41 45.86 13.21
N ASN C 164 12.46 46.07 13.99
CA ASN C 164 12.31 46.15 15.45
C ASN C 164 11.71 47.48 15.87
N LEU C 165 12.39 48.56 15.51
CA LEU C 165 12.09 49.88 16.01
C LEU C 165 10.79 50.46 15.41
N HIS C 166 10.77 50.64 14.10
CA HIS C 166 9.61 51.27 13.46
C HIS C 166 8.55 50.36 12.86
N GLY C 167 8.71 49.06 13.06
CA GLY C 167 7.66 48.10 12.76
C GLY C 167 7.37 47.87 11.28
N PHE C 168 8.42 47.67 10.49
CA PHE C 168 8.22 47.27 9.11
C PHE C 168 8.09 45.76 9.06
N VAL C 169 7.85 45.21 7.88
CA VAL C 169 7.88 43.76 7.71
C VAL C 169 8.80 43.36 6.59
N ASP C 170 9.56 42.29 6.84
CA ASP C 170 10.54 41.80 5.91
C ASP C 170 9.81 40.86 4.98
N ILE C 171 9.71 41.26 3.71
CA ILE C 171 8.85 40.58 2.76
C ILE C 171 9.63 40.22 1.50
N GLU C 172 9.69 38.93 1.19
CA GLU C 172 10.45 38.48 0.04
C GLU C 172 9.54 38.38 -1.17
N THR C 173 9.79 39.23 -2.16
CA THR C 173 9.09 39.16 -3.42
C THR C 173 9.85 38.23 -4.34
N PRO C 174 9.14 37.51 -5.21
CA PRO C 174 9.76 36.48 -6.05
C PRO C 174 10.76 37.07 -7.03
N THR C 175 11.81 36.31 -7.34
CA THR C 175 12.81 36.73 -8.31
C THR C 175 12.37 36.41 -9.74
N LEU C 176 12.28 35.13 -10.08
CA LEU C 176 11.81 34.74 -11.42
C LEU C 176 10.35 35.18 -11.65
N PHE C 177 10.14 35.93 -12.73
CA PHE C 177 8.89 36.66 -12.95
C PHE C 177 8.73 37.09 -14.41
N LYS C 178 7.75 37.96 -14.68
CA LYS C 178 7.55 38.48 -16.03
C LYS C 178 8.25 39.83 -16.25
N ARG C 179 8.71 40.03 -17.49
CA ARG C 179 9.44 41.23 -17.89
C ARG C 179 8.54 42.46 -18.05
N THR C 180 8.91 43.55 -17.40
CA THR C 180 8.19 44.82 -17.54
C THR C 180 9.14 45.88 -18.07
N PRO C 181 9.24 45.99 -19.41
CA PRO C 181 10.32 46.75 -20.06
C PRO C 181 10.17 48.26 -19.96
N GLY C 182 9.92 48.79 -18.76
CA GLY C 182 9.92 50.22 -18.58
C GLY C 182 11.29 50.88 -18.62
N GLY C 183 12.15 50.51 -17.68
CA GLY C 183 13.49 51.07 -17.61
C GLY C 183 14.54 50.48 -18.54
N ALA C 184 14.65 49.16 -18.54
CA ALA C 184 15.68 48.45 -19.28
C ALA C 184 15.30 46.99 -19.51
N LYS C 185 15.94 46.34 -20.47
CA LYS C 185 15.69 44.93 -20.73
C LYS C 185 16.27 44.07 -19.60
N GLU C 186 15.70 42.88 -19.44
CA GLU C 186 16.08 42.01 -18.32
C GLU C 186 16.58 40.62 -18.73
N PHE C 187 17.35 40.00 -17.83
CA PHE C 187 17.84 38.64 -18.02
C PHE C 187 16.68 37.68 -18.19
N LEU C 188 16.86 36.68 -19.05
CA LEU C 188 15.83 35.68 -19.27
C LEU C 188 16.25 34.34 -18.67
N VAL C 189 15.28 33.58 -18.16
CA VAL C 189 15.50 32.25 -17.58
C VAL C 189 14.54 31.17 -18.10
N PRO C 190 15.01 30.38 -19.08
CA PRO C 190 14.27 29.29 -19.73
C PRO C 190 13.59 28.37 -18.75
N SER C 191 12.31 28.08 -19.02
CA SER C 191 11.49 27.24 -18.17
C SER C 191 11.30 25.88 -18.82
N ARG C 192 11.17 24.85 -17.99
CA ARG C 192 11.02 23.47 -18.45
C ARG C 192 9.92 23.34 -19.50
N GLU C 193 8.84 24.09 -19.30
CA GLU C 193 7.78 24.20 -20.31
C GLU C 193 8.25 25.08 -21.46
N PRO C 194 8.37 24.48 -22.66
CA PRO C 194 8.93 25.12 -23.86
C PRO C 194 8.16 26.36 -24.34
N GLY C 195 8.91 27.35 -24.79
CA GLY C 195 8.35 28.54 -25.41
C GLY C 195 8.09 29.68 -24.45
N LYS C 196 7.92 29.36 -23.18
CA LYS C 196 7.64 30.37 -22.17
C LYS C 196 8.67 30.31 -21.06
N PHE C 197 9.20 31.46 -20.67
CA PHE C 197 10.22 31.52 -19.63
C PHE C 197 10.22 32.79 -18.79
N TYR C 198 10.85 32.72 -17.60
CA TYR C 198 10.78 33.84 -16.68
C TYR C 198 11.84 34.89 -17.02
N SER C 199 11.84 35.97 -16.27
CA SER C 199 12.90 36.97 -16.37
C SER C 199 13.20 37.58 -14.99
N LEU C 200 14.48 37.70 -14.67
CA LEU C 200 14.89 38.27 -13.39
C LEU C 200 14.47 39.72 -13.28
N PRO C 201 14.06 40.14 -12.07
CA PRO C 201 13.53 41.49 -11.89
C PRO C 201 14.65 42.53 -11.83
N GLN C 202 14.36 43.76 -12.26
CA GLN C 202 15.32 44.84 -12.16
C GLN C 202 15.33 45.40 -10.73
N SER C 203 14.19 45.25 -10.06
CA SER C 203 14.01 45.73 -8.69
C SER C 203 12.60 45.32 -8.30
N PRO C 204 12.35 45.11 -6.99
CA PRO C 204 10.99 44.73 -6.61
C PRO C 204 10.02 45.92 -6.61
N GLN C 205 10.01 46.69 -7.69
CA GLN C 205 9.12 47.86 -7.81
C GLN C 205 7.75 47.44 -8.31
N GLN C 206 7.67 46.23 -8.87
CA GLN C 206 6.39 45.70 -9.31
C GLN C 206 5.52 45.47 -8.09
N PHE C 207 6.05 44.67 -7.16
CA PHE C 207 5.32 44.26 -5.97
C PHE C 207 5.19 45.40 -4.97
N LYS C 208 5.86 46.52 -5.25
CA LYS C 208 5.77 47.72 -4.41
C LYS C 208 4.33 48.21 -4.25
N GLN C 209 3.58 48.26 -5.35
CA GLN C 209 2.18 48.69 -5.31
C GLN C 209 1.30 47.65 -4.63
N LEU C 210 1.39 46.42 -5.13
CA LEU C 210 0.58 45.30 -4.65
C LEU C 210 0.68 45.12 -3.14
N LEU C 211 1.91 45.06 -2.62
CA LEU C 211 2.11 44.87 -1.20
C LEU C 211 1.51 46.00 -0.35
N MET C 212 1.42 47.19 -0.94
CA MET C 212 0.82 48.33 -0.27
C MET C 212 -0.71 48.25 -0.30
N VAL C 213 -1.23 47.70 -1.40
CA VAL C 213 -2.66 47.42 -1.55
C VAL C 213 -3.08 46.38 -0.52
N GLY C 214 -2.20 45.44 -0.24
CA GLY C 214 -2.52 44.29 0.58
C GLY C 214 -2.35 44.50 2.07
N GLY C 215 -2.44 45.73 2.54
CA GLY C 215 -2.19 46.01 3.95
C GLY C 215 -0.69 46.17 4.09
N LEU C 216 -0.13 45.67 5.19
CA LEU C 216 1.31 45.78 5.43
C LEU C 216 1.74 47.23 5.36
N ASP C 217 1.33 48.01 6.35
CA ASP C 217 1.52 49.46 6.32
C ASP C 217 2.97 49.87 6.08
N ARG C 218 3.89 49.00 6.49
CA ARG C 218 5.31 49.24 6.30
C ARG C 218 6.02 48.00 5.76
N TYR C 219 6.54 48.11 4.55
CA TYR C 219 7.26 47.01 3.93
C TYR C 219 8.73 47.35 3.77
N PHE C 220 9.60 46.36 3.96
CA PHE C 220 11.00 46.51 3.58
C PHE C 220 11.63 45.19 3.17
N GLN C 221 12.62 45.26 2.30
CA GLN C 221 13.31 44.08 1.83
C GLN C 221 14.73 44.40 1.38
N VAL C 222 15.67 43.50 1.59
CA VAL C 222 16.95 43.61 0.94
C VAL C 222 16.96 42.63 -0.23
N ALA C 223 16.82 43.15 -1.44
CA ALA C 223 16.52 42.29 -2.56
C ALA C 223 17.65 42.29 -3.56
N ARG C 224 17.87 41.14 -4.17
CA ARG C 224 18.95 40.99 -5.12
C ARG C 224 18.42 41.40 -6.48
N CYS C 225 19.00 42.46 -7.02
CA CYS C 225 18.53 43.01 -8.27
C CYS C 225 19.56 42.73 -9.35
N TYR C 226 19.07 42.50 -10.56
CA TYR C 226 19.93 42.04 -11.64
C TYR C 226 19.94 43.06 -12.79
N ARG C 227 21.08 43.23 -13.41
CA ARG C 227 21.21 44.16 -14.53
C ARG C 227 21.97 43.55 -15.70
N ASP C 228 21.31 43.43 -16.85
CA ASP C 228 22.01 43.09 -18.07
C ASP C 228 22.33 44.39 -18.77
N GLU C 229 23.61 44.73 -18.82
CA GLU C 229 24.00 46.01 -19.35
C GLU C 229 24.79 45.86 -20.64
N GLY C 230 24.17 46.28 -21.74
CA GLY C 230 24.87 46.31 -23.00
C GLY C 230 25.90 47.42 -23.01
N SER C 231 25.53 48.55 -22.40
CA SER C 231 26.37 49.74 -22.41
C SER C 231 27.67 49.60 -21.63
N ARG C 232 27.59 49.30 -20.34
CA ARG C 232 28.78 49.25 -19.49
C ARG C 232 29.03 47.85 -18.96
N PRO C 233 30.05 47.18 -19.49
CA PRO C 233 30.50 45.87 -19.01
C PRO C 233 31.11 45.98 -17.62
N ASP C 234 31.40 47.21 -17.19
CA ASP C 234 32.10 47.44 -15.92
C ASP C 234 31.31 47.04 -14.66
N ARG C 235 30.10 47.56 -14.51
CA ARG C 235 29.34 47.38 -13.26
C ARG C 235 28.87 45.93 -13.05
N GLN C 236 28.57 45.60 -11.79
CA GLN C 236 28.19 44.26 -11.38
C GLN C 236 26.96 43.70 -12.09
N PRO C 237 26.98 42.40 -12.42
CA PRO C 237 25.85 41.68 -13.01
C PRO C 237 24.69 41.58 -12.04
N GLU C 238 24.98 41.63 -10.75
CA GLU C 238 23.93 41.65 -9.74
C GLU C 238 24.36 42.47 -8.53
N PHE C 239 23.41 43.17 -7.93
CA PHE C 239 23.71 44.03 -6.78
C PHE C 239 22.60 43.93 -5.76
N THR C 240 22.77 44.66 -4.65
CA THR C 240 21.81 44.57 -3.56
C THR C 240 21.22 45.93 -3.21
N GLN C 241 19.90 45.97 -3.05
CA GLN C 241 19.15 47.19 -2.72
C GLN C 241 18.27 47.00 -1.49
N ILE C 242 18.19 48.03 -0.66
CA ILE C 242 17.24 48.03 0.43
C ILE C 242 15.99 48.74 -0.04
N ASP C 243 14.91 47.98 -0.20
CA ASP C 243 13.71 48.50 -0.81
C ASP C 243 12.71 48.85 0.28
N ILE C 244 12.34 50.12 0.38
CA ILE C 244 11.39 50.54 1.39
C ILE C 244 10.12 51.10 0.75
N GLU C 245 8.97 50.70 1.27
CA GLU C 245 7.68 51.22 0.83
C GLU C 245 6.74 51.46 2.01
N MET C 246 6.15 52.64 2.06
CA MET C 246 5.21 52.95 3.13
C MET C 246 3.83 53.34 2.60
N SER C 247 2.83 53.09 3.44
CA SER C 247 1.46 53.44 3.14
C SER C 247 1.13 54.71 3.90
N PHE C 248 0.35 55.59 3.28
CA PHE C 248 -0.14 56.82 3.91
C PHE C 248 0.98 57.77 4.33
N VAL C 249 1.96 57.97 3.47
CA VAL C 249 3.11 58.82 3.80
C VAL C 249 3.39 59.86 2.72
N ASP C 250 3.79 61.04 3.16
CA ASP C 250 4.18 62.12 2.26
C ASP C 250 5.63 61.96 1.85
N GLN C 251 6.16 62.96 1.17
CA GLN C 251 7.56 62.94 0.80
C GLN C 251 8.42 63.18 2.05
N THR C 252 8.09 64.23 2.79
CA THR C 252 8.85 64.63 3.97
C THR C 252 9.01 63.49 4.98
N GLY C 253 8.02 62.61 5.01
CA GLY C 253 8.02 61.52 5.96
C GLY C 253 9.16 60.53 5.69
N ILE C 254 9.19 59.95 4.49
CA ILE C 254 10.21 58.97 4.21
C ILE C 254 11.55 59.67 4.10
N GLN C 255 11.47 60.97 3.79
CA GLN C 255 12.64 61.83 3.84
C GLN C 255 13.27 61.77 5.24
N SER C 256 12.43 61.80 6.28
CA SER C 256 12.92 61.63 7.64
C SER C 256 13.29 60.18 7.94
N LEU C 257 12.60 59.25 7.28
CA LEU C 257 12.79 57.82 7.53
C LEU C 257 14.21 57.39 7.19
N ILE C 258 14.67 57.76 6.00
CA ILE C 258 16.02 57.39 5.59
C ILE C 258 17.07 58.11 6.46
N GLU C 259 16.74 59.31 6.92
CA GLU C 259 17.63 60.02 7.83
C GLU C 259 17.84 59.26 9.12
N GLY C 260 16.76 58.88 9.78
CA GLY C 260 16.85 58.11 11.01
C GLY C 260 17.51 56.76 10.79
N LEU C 261 17.27 56.18 9.62
CA LEU C 261 17.86 54.90 9.25
C LEU C 261 19.37 54.98 9.15
N LEU C 262 19.86 55.96 8.39
CA LEU C 262 21.30 56.13 8.20
C LEU C 262 21.97 56.56 9.50
N GLN C 263 21.29 57.40 10.28
CA GLN C 263 21.84 57.82 11.56
C GLN C 263 22.01 56.65 12.53
N TYR C 264 20.97 55.83 12.64
CA TYR C 264 20.99 54.69 13.54
C TYR C 264 21.99 53.66 13.05
N SER C 265 22.11 53.54 11.74
CA SER C 265 22.92 52.49 11.15
C SER C 265 24.40 52.86 11.03
N TRP C 266 24.70 54.14 11.16
CA TRP C 266 26.06 54.64 10.94
C TRP C 266 27.08 53.92 11.80
N PRO C 267 28.13 53.39 11.15
CA PRO C 267 29.06 52.37 11.66
C PRO C 267 29.64 52.63 13.04
N ASN C 268 29.62 53.87 13.52
CA ASN C 268 30.02 54.19 14.90
C ASN C 268 31.54 54.11 15.04
N ASP C 269 32.16 53.44 14.08
CA ASP C 269 33.60 53.29 14.00
C ASP C 269 34.16 54.56 13.43
N LYS C 270 33.57 55.02 12.34
CA LYS C 270 34.04 56.21 11.65
C LYS C 270 32.98 57.30 11.59
N ASP C 271 33.20 58.37 12.36
CA ASP C 271 32.41 59.60 12.28
C ASP C 271 30.96 59.42 12.73
N PRO C 272 30.33 60.50 13.18
CA PRO C 272 28.87 60.44 13.31
C PRO C 272 28.26 60.88 12.00
N VAL C 273 26.94 60.91 11.93
CA VAL C 273 26.24 61.42 10.76
C VAL C 273 25.57 62.69 11.28
N VAL C 274 24.81 63.38 10.44
CA VAL C 274 24.22 64.64 10.86
C VAL C 274 22.70 64.57 10.95
N VAL C 275 22.13 65.48 11.73
CA VAL C 275 20.69 65.64 11.91
C VAL C 275 20.07 66.00 10.53
N PRO C 276 18.75 66.32 10.44
CA PRO C 276 18.13 66.20 9.11
C PRO C 276 18.89 66.80 7.94
N PHE C 277 19.00 66.00 6.88
CA PHE C 277 19.81 66.31 5.71
C PHE C 277 19.28 67.55 5.01
N PRO C 278 20.20 68.44 4.61
CA PRO C 278 19.77 69.62 3.84
C PRO C 278 19.14 69.16 2.53
N THR C 279 18.05 69.81 2.14
CA THR C 279 17.40 69.46 0.88
C THR C 279 17.70 70.49 -0.19
N MET C 280 17.29 70.19 -1.41
CA MET C 280 17.44 71.11 -2.52
C MET C 280 16.52 70.70 -3.64
N THR C 281 16.25 71.59 -4.57
CA THR C 281 15.39 71.27 -5.70
C THR C 281 16.26 70.97 -6.92
N PHE C 282 15.77 70.10 -7.79
CA PHE C 282 16.47 69.75 -9.02
C PHE C 282 16.95 71.00 -9.74
N ALA C 283 16.07 72.00 -9.80
CA ALA C 283 16.42 73.30 -10.34
C ALA C 283 17.62 73.89 -9.60
N GLU C 284 17.52 73.96 -8.27
CA GLU C 284 18.58 74.55 -7.45
C GLU C 284 19.92 73.83 -7.50
N VAL C 285 19.93 72.49 -7.49
CA VAL C 285 21.21 71.78 -7.59
C VAL C 285 21.79 71.92 -8.99
N LEU C 286 20.94 71.79 -10.01
CA LEU C 286 21.42 71.89 -11.38
C LEU C 286 22.02 73.27 -11.60
N ALA C 287 21.42 74.28 -10.97
CA ALA C 287 21.90 75.65 -11.10
C ALA C 287 23.15 75.97 -10.27
N THR C 288 23.11 75.63 -8.99
CA THR C 288 24.13 76.10 -8.05
C THR C 288 25.26 75.09 -7.85
N TYR C 289 25.16 73.98 -8.55
CA TYR C 289 26.17 72.92 -8.48
C TYR C 289 26.62 72.49 -9.86
N GLY C 290 25.66 72.20 -10.74
CA GLY C 290 25.97 71.88 -12.12
C GLY C 290 25.66 70.45 -12.46
N THR C 291 25.32 69.69 -11.43
CA THR C 291 24.81 68.34 -11.62
C THR C 291 23.89 68.01 -10.44
N ASP C 292 22.96 67.09 -10.66
CA ASP C 292 22.01 66.70 -9.62
C ASP C 292 22.70 65.94 -8.48
N LYS C 293 23.94 65.54 -8.70
CA LYS C 293 24.72 64.82 -7.71
C LYS C 293 25.98 65.59 -7.34
N PRO C 294 25.83 66.64 -6.51
CA PRO C 294 27.01 67.44 -6.19
C PRO C 294 27.82 66.86 -5.04
N ASP C 295 29.00 67.42 -4.77
CA ASP C 295 29.82 66.94 -3.67
C ASP C 295 29.50 67.54 -2.30
N THR C 296 29.25 68.84 -2.26
CA THR C 296 28.62 69.51 -1.12
C THR C 296 29.51 69.66 0.13
N ARG C 297 30.54 68.81 0.24
CA ARG C 297 31.53 68.94 1.28
C ARG C 297 32.59 69.90 0.76
N PHE C 298 32.63 69.95 -0.56
CA PHE C 298 33.54 70.79 -1.32
C PHE C 298 33.32 72.25 -0.98
N GLY C 299 32.13 72.77 -1.30
CA GLY C 299 31.72 74.09 -0.89
C GLY C 299 31.95 75.18 -1.92
N MET C 300 32.15 74.80 -3.17
CA MET C 300 32.44 75.78 -4.21
C MET C 300 31.17 76.02 -4.97
N LYS C 301 30.56 77.19 -4.76
CA LYS C 301 29.18 77.43 -5.19
C LYS C 301 29.07 78.25 -6.47
N ILE C 302 28.11 77.90 -7.31
CA ILE C 302 27.79 78.71 -8.48
C ILE C 302 26.84 79.79 -8.03
N ILE C 303 27.24 81.04 -8.16
CA ILE C 303 26.35 82.14 -7.81
C ILE C 303 26.19 83.14 -8.96
N ASP C 304 25.07 83.83 -8.98
CA ASP C 304 24.69 84.68 -10.10
C ASP C 304 24.97 86.15 -9.82
N ILE C 305 25.99 86.68 -10.49
CA ILE C 305 26.39 88.07 -10.31
C ILE C 305 25.87 89.03 -11.39
N SER C 306 25.04 88.52 -12.29
CA SER C 306 24.55 89.30 -13.43
C SER C 306 23.97 90.68 -13.07
N ASP C 307 23.44 90.78 -11.85
CA ASP C 307 22.81 92.02 -11.39
C ASP C 307 23.77 93.21 -11.37
N VAL C 308 25.05 92.94 -11.12
CA VAL C 308 26.04 94.02 -11.10
C VAL C 308 26.58 94.33 -12.49
N PHE C 309 26.20 93.51 -13.46
CA PHE C 309 26.64 93.71 -14.84
C PHE C 309 25.68 94.43 -15.81
N ARG C 310 24.57 94.95 -15.30
CA ARG C 310 23.66 95.76 -16.12
C ARG C 310 24.40 96.91 -16.80
N ASN C 311 25.20 97.61 -16.02
CA ASN C 311 26.14 98.62 -16.52
C ASN C 311 27.40 97.92 -17.02
N THR C 312 28.48 98.69 -17.22
CA THR C 312 29.75 98.10 -17.63
C THR C 312 29.62 97.39 -19.00
N GLU C 313 29.62 98.21 -20.05
CA GLU C 313 29.30 97.80 -21.41
C GLU C 313 30.47 97.07 -22.09
N ILE C 314 31.40 96.59 -21.29
CA ILE C 314 32.47 95.74 -21.78
C ILE C 314 31.91 94.63 -22.69
N GLY C 315 32.56 94.47 -23.84
CA GLY C 315 32.08 93.65 -24.94
C GLY C 315 31.66 92.24 -24.59
N PHE C 316 32.48 91.57 -23.77
CA PHE C 316 32.20 90.21 -23.37
C PHE C 316 30.82 90.06 -22.72
N LEU C 317 30.61 90.72 -21.60
CA LEU C 317 29.36 90.62 -20.86
C LEU C 317 28.18 91.22 -21.63
N GLN C 318 28.47 92.18 -22.51
CA GLN C 318 27.43 92.78 -23.35
C GLN C 318 26.52 91.76 -24.06
N ASP C 319 27.10 90.96 -24.94
CA ASP C 319 26.35 89.98 -25.73
C ASP C 319 25.77 88.88 -24.84
N ALA C 320 26.35 88.72 -23.66
CA ALA C 320 25.87 87.73 -22.71
C ALA C 320 24.53 88.16 -22.15
N LEU C 321 24.42 89.41 -21.74
CA LEU C 321 23.16 89.92 -21.22
C LEU C 321 22.09 90.08 -22.30
N SER C 322 22.48 89.82 -23.55
CA SER C 322 21.59 90.07 -24.70
C SER C 322 20.42 89.10 -24.81
N LYS C 323 20.71 87.82 -25.07
CA LYS C 323 19.65 86.81 -25.18
C LYS C 323 18.77 86.82 -23.94
N PRO C 324 17.45 86.69 -24.13
CA PRO C 324 16.52 86.69 -22.98
C PRO C 324 16.82 85.57 -21.97
N HIS C 325 17.48 84.52 -22.45
CA HIS C 325 17.84 83.41 -21.57
C HIS C 325 19.28 83.48 -21.07
N GLY C 326 19.97 84.55 -21.45
CA GLY C 326 21.38 84.70 -21.10
C GLY C 326 21.66 85.26 -19.72
N THR C 327 22.83 84.92 -19.17
CA THR C 327 23.23 85.37 -17.85
C THR C 327 24.75 85.32 -17.67
N VAL C 328 25.24 85.97 -16.62
CA VAL C 328 26.66 85.86 -16.26
C VAL C 328 26.87 85.46 -14.79
N LYS C 329 27.42 84.27 -14.59
CA LYS C 329 27.61 83.70 -13.24
C LYS C 329 29.08 83.46 -12.90
N ALA C 330 29.32 83.04 -11.66
CA ALA C 330 30.70 82.81 -11.22
C ALA C 330 30.82 81.84 -10.05
N ILE C 331 31.99 81.22 -9.92
CA ILE C 331 32.34 80.42 -8.75
C ILE C 331 33.61 80.99 -8.13
N CYS C 332 33.74 80.84 -6.81
CA CYS C 332 34.91 81.36 -6.11
C CYS C 332 35.74 80.25 -5.49
N ILE C 333 36.94 80.03 -6.03
CA ILE C 333 37.85 79.06 -5.41
C ILE C 333 38.69 79.73 -4.32
N PRO C 334 38.52 79.23 -3.08
CA PRO C 334 39.15 79.69 -1.84
C PRO C 334 40.61 79.28 -1.73
N GLU C 335 41.44 80.18 -1.23
CA GLU C 335 42.87 79.93 -1.02
C GLU C 335 43.63 79.64 -2.32
N GLY C 336 42.89 79.54 -3.41
CA GLY C 336 43.46 79.26 -4.71
C GLY C 336 44.38 80.37 -5.20
N ALA C 337 44.20 81.56 -4.62
CA ALA C 337 44.99 82.72 -5.01
C ALA C 337 46.46 82.40 -4.89
N LYS C 338 46.94 82.04 -3.70
CA LYS C 338 48.18 81.28 -3.69
C LYS C 338 47.98 79.89 -3.11
N TYR C 339 47.71 78.94 -4.00
CA TYR C 339 48.02 77.54 -3.83
C TYR C 339 48.48 77.05 -5.19
N LEU C 340 47.55 77.11 -6.12
CA LEU C 340 47.82 76.87 -7.54
C LEU C 340 48.86 77.85 -8.04
N LYS C 341 49.77 77.37 -8.90
CA LYS C 341 50.71 78.24 -9.57
C LYS C 341 49.97 79.03 -10.64
N ARG C 342 50.54 80.15 -11.07
CA ARG C 342 49.96 80.95 -12.15
C ARG C 342 49.88 80.12 -13.43
N LYS C 343 50.57 78.99 -13.43
CA LYS C 343 50.61 78.10 -14.57
C LYS C 343 49.32 77.31 -14.73
N ASP C 344 48.97 76.52 -13.72
CA ASP C 344 47.82 75.60 -13.81
C ASP C 344 46.44 76.25 -13.93
N ILE C 345 46.35 77.57 -13.79
CA ILE C 345 45.07 78.26 -14.03
C ILE C 345 44.84 78.35 -15.54
N GLU C 346 45.93 78.30 -16.31
CA GLU C 346 45.84 78.21 -17.76
C GLU C 346 45.24 76.86 -18.17
N SER C 347 45.24 75.91 -17.24
CA SER C 347 44.58 74.63 -17.47
C SER C 347 43.08 74.80 -17.27
N ILE C 348 42.71 75.65 -16.33
CA ILE C 348 41.30 75.98 -16.13
C ILE C 348 40.77 76.69 -17.35
N ARG C 349 41.53 77.66 -17.84
CA ARG C 349 41.17 78.35 -19.08
C ARG C 349 41.11 77.38 -20.26
N ASN C 350 42.07 76.46 -20.32
CA ASN C 350 42.12 75.47 -21.39
C ASN C 350 40.95 74.52 -21.34
N PHE C 351 40.37 74.35 -20.15
CA PHE C 351 39.27 73.43 -19.95
C PHE C 351 38.02 73.91 -20.69
N ALA C 352 38.02 75.20 -21.02
CA ALA C 352 37.02 75.76 -21.91
C ALA C 352 36.96 74.93 -23.18
N ALA C 353 38.11 74.76 -23.82
CA ALA C 353 38.21 73.94 -25.02
C ALA C 353 37.65 72.53 -24.83
N ASP C 354 37.98 71.91 -23.69
CA ASP C 354 37.52 70.56 -23.38
C ASP C 354 36.00 70.48 -23.33
N HIS C 355 35.39 71.26 -22.45
CA HIS C 355 33.94 71.20 -22.28
C HIS C 355 33.25 72.37 -22.97
N PHE C 356 32.60 72.07 -24.10
CA PHE C 356 31.69 73.02 -24.77
C PHE C 356 32.22 74.45 -24.81
N ASN C 357 33.21 74.70 -25.67
CA ASN C 357 34.12 75.83 -25.48
C ASN C 357 33.44 77.16 -25.21
N GLN C 358 33.83 77.76 -24.09
CA GLN C 358 33.22 78.98 -23.58
C GLN C 358 34.27 79.72 -22.77
N GLU C 359 34.30 81.04 -22.86
CA GLU C 359 35.32 81.78 -22.14
C GLU C 359 35.10 81.76 -20.64
N ILE C 360 36.13 81.35 -19.91
CA ILE C 360 36.14 81.47 -18.46
C ILE C 360 37.21 82.49 -18.04
N LEU C 361 36.83 83.41 -17.16
CA LEU C 361 37.69 84.53 -16.78
C LEU C 361 38.16 84.47 -15.34
N PRO C 362 39.46 84.23 -15.13
CA PRO C 362 40.10 84.18 -13.81
C PRO C 362 40.34 85.56 -13.20
N VAL C 363 39.33 86.12 -12.53
CA VAL C 363 39.48 87.38 -11.83
C VAL C 363 40.20 87.21 -10.50
N PHE C 364 41.33 87.89 -10.32
CA PHE C 364 41.95 88.00 -9.01
C PHE C 364 41.64 89.38 -8.47
N LEU C 365 40.74 89.46 -7.50
CA LEU C 365 40.33 90.77 -6.99
C LEU C 365 40.99 91.18 -5.68
N ASN C 366 41.79 90.28 -5.10
CA ASN C 366 42.48 90.59 -3.85
C ASN C 366 43.97 90.25 -3.85
N ALA C 367 44.26 88.96 -3.88
CA ALA C 367 45.64 88.49 -3.82
C ALA C 367 46.18 88.31 -5.23
N ASN C 368 47.45 88.63 -5.41
CA ASN C 368 48.08 88.68 -6.73
C ASN C 368 47.37 89.66 -7.65
N ARG C 369 46.77 90.67 -7.03
CA ARG C 369 46.02 91.70 -7.73
C ARG C 369 46.96 92.52 -8.59
N ASN C 370 46.47 92.94 -9.76
CA ASN C 370 47.23 93.75 -10.71
C ASN C 370 48.44 93.02 -11.32
N TRP C 371 48.74 91.84 -10.78
CA TRP C 371 49.78 90.99 -11.34
C TRP C 371 49.11 90.01 -12.30
N ASN C 372 47.79 90.07 -12.35
CA ASN C 372 46.98 89.18 -13.17
C ASN C 372 45.74 89.88 -13.71
N SER C 373 44.81 89.10 -14.25
CA SER C 373 43.51 89.60 -14.70
C SER C 373 43.60 90.66 -15.81
N PRO C 374 44.00 90.24 -17.02
CA PRO C 374 44.18 91.20 -18.12
C PRO C 374 42.91 91.96 -18.53
N VAL C 375 41.83 91.23 -18.77
CA VAL C 375 40.52 91.84 -19.06
C VAL C 375 39.84 92.19 -17.75
N ALA C 376 40.02 91.31 -16.78
CA ALA C 376 39.37 91.42 -15.50
C ALA C 376 39.95 92.50 -14.60
N ASN C 377 41.04 93.14 -15.02
CA ASN C 377 41.59 94.20 -14.20
C ASN C 377 40.61 95.35 -14.12
N PHE C 378 39.88 95.58 -15.21
CA PHE C 378 38.85 96.61 -15.20
C PHE C 378 37.69 96.19 -14.29
N ILE C 379 37.29 94.93 -14.38
CA ILE C 379 36.19 94.42 -13.56
C ILE C 379 36.56 94.54 -12.08
N MET C 380 37.82 94.25 -11.77
CA MET C 380 38.34 94.36 -10.42
C MET C 380 38.33 95.80 -9.95
N GLU C 381 38.95 96.69 -10.72
CA GLU C 381 39.06 98.09 -10.32
C GLU C 381 37.72 98.84 -10.35
N SER C 382 36.73 98.25 -11.00
CA SER C 382 35.39 98.84 -11.08
C SER C 382 34.52 98.31 -9.95
N GLN C 383 34.25 97.01 -10.00
CA GLN C 383 33.29 96.34 -9.11
C GLN C 383 33.86 95.66 -7.86
N ARG C 384 35.14 95.87 -7.54
CA ARG C 384 35.85 95.08 -6.51
C ARG C 384 35.02 94.83 -5.26
N LEU C 385 34.71 95.88 -4.50
CA LEU C 385 33.94 95.76 -3.27
C LEU C 385 32.63 95.00 -3.46
N GLU C 386 31.96 95.27 -4.58
CA GLU C 386 30.70 94.61 -4.90
C GLU C 386 30.85 93.12 -5.11
N LEU C 387 31.92 92.71 -5.80
CA LEU C 387 32.19 91.29 -6.01
C LEU C 387 32.69 90.63 -4.74
N ILE C 388 33.29 91.43 -3.85
CA ILE C 388 33.66 90.96 -2.52
C ILE C 388 32.39 90.57 -1.78
N ARG C 389 31.40 91.47 -1.80
CA ARG C 389 30.12 91.19 -1.15
C ARG C 389 29.41 89.98 -1.77
N LEU C 390 29.16 90.07 -3.07
CA LEU C 390 28.47 89.01 -3.81
C LEU C 390 29.16 87.66 -3.70
N MET C 391 30.34 87.52 -4.32
CA MET C 391 31.05 86.25 -4.31
C MET C 391 31.50 85.84 -2.91
N GLU C 392 31.49 86.80 -1.99
CA GLU C 392 31.94 86.57 -0.62
C GLU C 392 33.34 85.97 -0.63
N THR C 393 34.33 86.77 -1.02
CA THR C 393 35.69 86.26 -1.16
C THR C 393 36.51 86.55 0.09
N GLN C 394 37.75 86.06 0.07
CA GLN C 394 38.64 86.18 1.22
C GLN C 394 39.95 86.83 0.79
N GLU C 395 40.89 86.91 1.73
CA GLU C 395 42.21 87.49 1.48
C GLU C 395 42.85 86.94 0.23
N GLU C 396 43.17 85.65 0.25
CA GLU C 396 43.63 84.99 -0.96
C GLU C 396 42.50 84.14 -1.52
N ASP C 397 41.92 84.60 -2.62
CA ASP C 397 40.81 83.93 -3.28
C ASP C 397 40.88 84.21 -4.76
N VAL C 398 40.27 83.36 -5.57
CA VAL C 398 40.15 83.69 -6.99
C VAL C 398 38.78 83.30 -7.56
N VAL C 399 38.13 84.22 -8.27
CA VAL C 399 36.79 83.96 -8.80
C VAL C 399 36.79 83.66 -10.31
N LEU C 400 36.32 82.46 -10.66
CA LEU C 400 36.13 82.10 -12.05
C LEU C 400 34.81 82.67 -12.56
N LEU C 401 34.87 83.45 -13.62
CA LEU C 401 33.74 84.24 -14.08
C LEU C 401 33.35 83.86 -15.51
N THR C 402 32.13 83.32 -15.69
CA THR C 402 31.68 82.96 -17.03
C THR C 402 30.35 83.59 -17.40
N ALA C 403 30.05 83.65 -18.69
CA ALA C 403 28.83 84.25 -19.18
C ALA C 403 28.30 83.49 -20.39
N GLY C 404 26.98 83.45 -20.51
CA GLY C 404 26.31 82.69 -21.56
C GLY C 404 24.90 82.30 -21.15
N GLU C 405 24.38 81.23 -21.76
CA GLU C 405 23.07 80.72 -21.38
C GLU C 405 23.11 80.24 -19.93
N HIS C 406 21.96 80.28 -19.26
CA HIS C 406 21.87 79.85 -17.87
C HIS C 406 22.34 78.41 -17.70
N ASN C 407 21.71 77.50 -18.43
CA ASN C 407 22.02 76.08 -18.35
C ASN C 407 23.46 75.77 -18.75
N LYS C 408 23.90 76.35 -19.86
CA LYS C 408 25.22 76.11 -20.41
C LYS C 408 26.30 76.52 -19.40
N ALA C 409 26.20 77.75 -18.89
CA ALA C 409 27.17 78.26 -17.94
C ALA C 409 27.11 77.52 -16.61
N CYS C 410 25.91 77.09 -16.21
CA CYS C 410 25.77 76.31 -14.99
C CYS C 410 26.46 74.96 -15.09
N SER C 411 26.27 74.29 -16.22
CA SER C 411 26.95 73.02 -16.48
C SER C 411 28.47 73.22 -16.50
N LEU C 412 28.89 74.29 -17.16
CA LEU C 412 30.31 74.65 -17.23
C LEU C 412 30.93 74.80 -15.85
N LEU C 413 30.47 75.78 -15.08
CA LEU C 413 31.01 76.00 -13.74
C LEU C 413 30.83 74.78 -12.85
N GLY C 414 29.81 73.99 -13.18
CA GLY C 414 29.55 72.76 -12.48
C GLY C 414 30.65 71.73 -12.63
N LYS C 415 31.13 71.55 -13.84
CA LYS C 415 32.23 70.63 -14.10
C LYS C 415 33.54 71.28 -13.67
N LEU C 416 33.55 72.60 -13.72
CA LEU C 416 34.77 73.36 -13.52
C LEU C 416 35.15 73.44 -12.05
N ARG C 417 34.16 73.35 -11.16
CA ARG C 417 34.48 73.32 -9.74
C ARG C 417 35.14 71.98 -9.41
N LEU C 418 34.72 70.92 -10.11
CA LEU C 418 35.36 69.62 -10.00
C LEU C 418 36.78 69.73 -10.52
N GLU C 419 36.94 70.49 -11.59
CA GLU C 419 38.28 70.75 -12.12
C GLU C 419 39.16 71.43 -11.06
N CYS C 420 38.61 72.45 -10.41
CA CYS C 420 39.29 73.14 -9.33
C CYS C 420 39.55 72.23 -8.12
N ALA C 421 38.76 71.16 -8.01
CA ALA C 421 38.95 70.20 -6.93
C ALA C 421 40.19 69.39 -7.24
N ASP C 422 40.14 68.65 -8.35
CA ASP C 422 41.23 67.79 -8.75
C ASP C 422 42.53 68.56 -8.99
N LEU C 423 42.41 69.87 -9.22
CA LEU C 423 43.58 70.74 -9.34
C LEU C 423 44.10 71.12 -7.97
N LEU C 424 43.29 71.88 -7.23
CA LEU C 424 43.70 72.39 -5.91
C LEU C 424 44.11 71.29 -4.94
N GLU C 425 43.67 70.05 -5.16
CA GLU C 425 44.04 68.94 -4.27
C GLU C 425 45.48 68.47 -4.52
N THR C 426 45.85 68.31 -5.78
CA THR C 426 47.25 68.06 -6.10
C THR C 426 47.96 69.39 -5.92
N ARG C 427 49.28 69.35 -5.71
CA ARG C 427 50.04 70.57 -5.46
C ARG C 427 49.43 71.44 -4.36
N GLY C 428 48.87 70.81 -3.32
CA GLY C 428 48.26 71.55 -2.23
C GLY C 428 47.32 70.74 -1.36
N VAL C 429 46.40 71.44 -0.69
CA VAL C 429 45.43 70.82 0.21
C VAL C 429 44.29 70.15 -0.54
N VAL C 430 43.77 69.06 0.03
CA VAL C 430 42.61 68.38 -0.53
C VAL C 430 41.34 68.70 0.27
N LEU C 431 40.35 69.26 -0.40
CA LEU C 431 39.14 69.71 0.27
C LEU C 431 38.08 68.60 0.38
N ARG C 432 38.27 67.53 -0.40
CA ARG C 432 37.33 66.42 -0.39
C ARG C 432 38.00 65.15 0.12
N ASP C 433 37.69 64.78 1.37
CA ASP C 433 38.30 63.60 1.99
C ASP C 433 37.29 62.48 2.22
N PRO C 434 37.61 61.26 1.76
CA PRO C 434 36.74 60.10 1.97
C PRO C 434 36.45 59.86 3.45
N THR C 435 37.20 60.53 4.34
CA THR C 435 36.94 60.47 5.78
C THR C 435 35.53 60.92 6.19
N LEU C 436 35.12 62.11 5.74
CA LEU C 436 33.81 62.66 6.13
C LEU C 436 32.74 62.40 5.07
N PHE C 437 31.50 62.73 5.39
CA PHE C 437 30.38 62.44 4.51
C PHE C 437 29.43 63.62 4.41
N SER C 438 28.87 63.82 3.23
CA SER C 438 27.89 64.87 2.99
C SER C 438 26.64 64.29 2.35
N PHE C 439 25.50 64.48 3.01
CA PHE C 439 24.22 64.05 2.46
C PHE C 439 23.42 65.24 1.93
N LEU C 440 22.73 65.02 0.81
CA LEU C 440 21.85 66.04 0.26
C LEU C 440 20.61 65.43 -0.37
N TRP C 441 19.45 66.01 -0.08
CA TRP C 441 18.21 65.58 -0.71
C TRP C 441 18.01 66.35 -2.01
N VAL C 442 17.63 65.65 -3.07
CA VAL C 442 17.29 66.30 -4.32
C VAL C 442 15.85 66.01 -4.71
N VAL C 443 15.02 67.04 -4.68
CA VAL C 443 13.58 66.87 -4.87
C VAL C 443 13.10 67.53 -6.16
N ASP C 444 11.80 67.39 -6.44
CA ASP C 444 11.14 68.11 -7.53
C ASP C 444 11.71 67.88 -8.92
N PHE C 445 12.13 66.65 -9.22
CA PHE C 445 12.64 66.31 -10.54
C PHE C 445 11.56 66.48 -11.60
N PRO C 446 11.95 66.58 -12.87
CA PRO C 446 10.96 66.58 -13.95
C PRO C 446 10.16 65.26 -13.98
N LEU C 447 8.91 65.32 -14.41
CA LEU C 447 8.09 64.12 -14.56
C LEU C 447 8.31 63.37 -15.89
N PHE C 448 8.60 64.11 -16.95
CA PHE C 448 8.73 63.51 -18.28
C PHE C 448 9.91 64.10 -19.06
N LEU C 449 10.54 63.26 -19.88
CA LEU C 449 11.65 63.68 -20.74
C LEU C 449 11.54 63.06 -22.15
N PRO C 450 11.87 63.84 -23.19
CA PRO C 450 11.49 63.65 -24.61
C PRO C 450 11.99 62.43 -25.41
N LYS C 451 13.26 62.04 -25.27
CA LYS C 451 13.91 61.10 -26.18
C LYS C 451 13.82 59.62 -25.67
N GLU C 452 14.35 58.59 -26.36
CA GLU C 452 15.19 58.65 -27.57
C GLU C 452 14.47 58.68 -28.92
N GLU C 453 13.19 58.35 -28.94
CA GLU C 453 12.42 58.53 -30.16
C GLU C 453 12.29 60.03 -30.34
N ASN C 454 12.01 60.48 -31.56
CA ASN C 454 11.90 61.91 -31.83
C ASN C 454 10.92 62.57 -30.87
N PRO C 455 11.38 63.63 -30.18
CA PRO C 455 10.46 64.38 -29.32
C PRO C 455 9.23 64.84 -30.10
N ARG C 456 8.05 64.54 -29.58
CA ARG C 456 7.92 63.90 -28.28
C ARG C 456 7.08 62.61 -28.26
N GLU C 457 7.73 61.48 -28.04
CA GLU C 457 7.05 60.26 -27.60
C GLU C 457 7.25 60.18 -26.09
N LEU C 458 7.94 61.20 -25.59
CA LEU C 458 8.35 61.33 -24.21
C LEU C 458 9.11 60.12 -23.67
N GLU C 459 8.87 59.87 -22.38
CA GLU C 459 9.47 58.78 -21.63
C GLU C 459 9.04 59.07 -20.20
N SER C 460 9.13 58.08 -19.34
CA SER C 460 8.95 58.34 -17.91
C SER C 460 10.28 58.85 -17.37
N ALA C 461 10.23 59.94 -16.61
CA ALA C 461 11.43 60.53 -16.01
C ALA C 461 12.28 59.46 -15.34
N HIS C 462 11.70 58.85 -14.32
CA HIS C 462 12.35 57.73 -13.64
C HIS C 462 11.45 56.50 -13.68
N HIS C 463 10.29 56.62 -13.04
CA HIS C 463 9.35 55.52 -12.96
C HIS C 463 8.06 55.96 -13.65
N PRO C 464 7.39 55.02 -14.35
CA PRO C 464 6.11 55.31 -15.01
C PRO C 464 5.09 55.88 -14.04
N PHE C 465 5.00 55.31 -12.84
CA PHE C 465 4.04 55.82 -11.87
C PHE C 465 4.79 56.66 -10.85
N THR C 466 4.65 57.97 -10.98
CA THR C 466 5.29 58.90 -10.06
C THR C 466 4.34 60.05 -9.82
N ALA C 467 4.06 60.34 -8.56
CA ALA C 467 3.13 61.41 -8.22
C ALA C 467 3.71 62.76 -8.58
N PRO C 468 3.02 63.49 -9.47
CA PRO C 468 3.46 64.86 -9.80
C PRO C 468 3.26 65.81 -8.62
N HIS C 469 4.25 66.67 -8.37
CA HIS C 469 4.14 67.70 -7.35
C HIS C 469 2.85 68.39 -7.70
N PRO C 470 1.91 68.49 -6.74
CA PRO C 470 0.54 68.79 -7.18
C PRO C 470 0.42 70.04 -8.06
N SER C 471 0.87 71.21 -7.63
CA SER C 471 1.09 72.36 -8.51
C SER C 471 0.12 72.40 -9.69
N ASP C 472 -1.18 72.45 -9.38
CA ASP C 472 -2.26 72.42 -10.38
C ASP C 472 -2.42 71.09 -11.16
N ILE C 473 -1.39 70.24 -11.14
CA ILE C 473 -1.42 68.86 -11.69
C ILE C 473 -1.65 68.79 -13.21
N HIS C 474 -2.14 69.89 -13.77
CA HIS C 474 -2.73 69.89 -15.11
C HIS C 474 -1.71 70.23 -16.18
N LEU C 475 -0.53 70.63 -15.73
CA LEU C 475 0.56 70.93 -16.65
C LEU C 475 0.89 69.66 -17.46
N LEU C 476 0.45 68.51 -16.93
CA LEU C 476 0.51 67.24 -17.65
C LEU C 476 -0.18 67.35 -18.98
N TYR C 477 -1.43 67.80 -18.94
CA TYR C 477 -2.25 67.93 -20.15
C TYR C 477 -1.90 69.15 -20.97
N THR C 478 -1.73 70.28 -20.31
CA THR C 478 -1.32 71.49 -21.02
C THR C 478 0.01 71.30 -21.74
N GLU C 479 1.09 71.23 -20.96
CA GLU C 479 2.44 71.11 -21.49
C GLU C 479 3.27 70.07 -20.74
N PRO C 480 3.26 68.81 -21.19
CA PRO C 480 4.05 67.84 -20.43
C PRO C 480 5.54 68.19 -20.52
N LYS C 481 6.36 67.47 -19.75
CA LYS C 481 7.78 67.79 -19.56
C LYS C 481 7.99 69.09 -18.76
N LYS C 482 6.95 69.89 -18.64
CA LYS C 482 7.00 71.13 -17.86
C LYS C 482 6.42 70.92 -16.48
N ALA C 483 5.91 69.72 -16.24
CA ALA C 483 5.32 69.37 -14.96
C ALA C 483 6.33 68.57 -14.16
N ARG C 484 6.47 68.90 -12.89
CA ARG C 484 7.44 68.20 -12.04
C ARG C 484 6.82 67.00 -11.32
N SER C 485 7.63 66.27 -10.57
CA SER C 485 7.17 65.10 -9.84
C SER C 485 7.58 65.13 -8.38
N GLN C 486 7.17 64.12 -7.64
CA GLN C 486 7.56 64.00 -6.25
C GLN C 486 8.76 63.09 -6.08
N HIS C 487 9.33 62.65 -7.20
CA HIS C 487 10.54 61.82 -7.17
C HIS C 487 11.68 62.51 -6.42
N TYR C 488 12.43 61.73 -5.65
CA TYR C 488 13.51 62.27 -4.85
C TYR C 488 14.75 61.41 -5.00
N ASP C 489 15.91 62.01 -4.80
CA ASP C 489 17.18 61.28 -4.83
C ASP C 489 18.02 61.69 -3.63
N LEU C 490 18.61 60.70 -2.95
CA LEU C 490 19.56 60.97 -1.90
C LEU C 490 20.95 60.93 -2.51
N VAL C 491 21.73 61.97 -2.28
CA VAL C 491 23.11 61.98 -2.76
C VAL C 491 24.10 62.06 -1.60
N LEU C 492 25.14 61.24 -1.68
CA LEU C 492 26.18 61.20 -0.66
C LEU C 492 27.53 61.37 -1.31
N ASN C 493 28.18 62.50 -1.00
CA ASN C 493 29.50 62.81 -1.52
C ASN C 493 29.61 62.62 -3.03
N GLY C 494 28.64 63.19 -3.76
CA GLY C 494 28.70 63.19 -5.21
C GLY C 494 28.23 61.90 -5.86
N ASN C 495 27.68 61.00 -5.05
CA ASN C 495 27.17 59.74 -5.56
C ASN C 495 25.67 59.68 -5.37
N GLU C 496 24.99 58.88 -6.19
CA GLU C 496 23.59 58.64 -5.93
C GLU C 496 23.54 57.40 -5.05
N ILE C 497 23.25 57.62 -3.77
CA ILE C 497 23.26 56.57 -2.78
C ILE C 497 21.92 55.83 -2.83
N GLY C 498 20.85 56.57 -3.04
CA GLY C 498 19.52 56.00 -3.18
C GLY C 498 18.53 56.96 -3.82
N GLY C 499 17.40 56.41 -4.27
CA GLY C 499 16.35 57.21 -4.89
C GLY C 499 15.01 56.50 -4.86
N GLY C 500 13.94 57.26 -5.09
CA GLY C 500 12.60 56.71 -5.13
C GLY C 500 11.60 57.81 -5.43
N SER C 501 10.32 57.49 -5.29
CA SER C 501 9.27 58.46 -5.54
C SER C 501 8.03 58.13 -4.73
N ILE C 502 7.02 58.98 -4.82
CA ILE C 502 5.71 58.63 -4.30
C ILE C 502 4.94 58.02 -5.47
N ARG C 503 4.72 56.72 -5.40
CA ARG C 503 4.03 56.02 -6.48
C ARG C 503 2.59 56.53 -6.45
N ILE C 504 1.95 56.64 -7.61
CA ILE C 504 0.64 57.25 -7.68
C ILE C 504 -0.52 56.25 -7.57
N HIS C 505 -1.53 56.60 -6.78
CA HIS C 505 -2.72 55.77 -6.60
C HIS C 505 -3.85 56.24 -7.51
N ASN C 506 -5.04 55.65 -7.36
CA ASN C 506 -6.22 56.07 -8.14
C ASN C 506 -6.11 55.97 -9.68
N ALA C 507 -6.35 54.77 -10.20
CA ALA C 507 -6.05 54.43 -11.59
C ALA C 507 -6.55 55.43 -12.62
N GLU C 508 -7.52 56.26 -12.25
CA GLU C 508 -7.99 57.35 -13.09
C GLU C 508 -6.83 58.16 -13.67
N LEU C 509 -5.89 58.54 -12.80
CA LEU C 509 -4.74 59.36 -13.21
C LEU C 509 -3.76 58.54 -14.03
N GLN C 510 -3.52 57.32 -13.58
CA GLN C 510 -2.58 56.41 -14.21
C GLN C 510 -2.92 56.13 -15.67
N ARG C 511 -4.22 55.95 -15.91
CA ARG C 511 -4.74 55.52 -17.19
C ARG C 511 -4.21 56.35 -18.35
N TYR C 512 -4.37 57.67 -18.27
CA TYR C 512 -4.01 58.50 -19.40
C TYR C 512 -2.50 58.74 -19.52
N ILE C 513 -1.78 58.63 -18.41
CA ILE C 513 -0.33 58.74 -18.50
C ILE C 513 0.20 57.56 -19.30
N LEU C 514 -0.29 56.37 -18.95
CA LEU C 514 0.03 55.19 -19.74
C LEU C 514 -0.52 55.28 -21.16
N ALA C 515 -1.61 56.03 -21.35
CA ALA C 515 -2.22 56.20 -22.67
C ALA C 515 -1.37 57.05 -23.62
N THR C 516 -0.88 58.19 -23.11
CA THR C 516 0.03 59.03 -23.89
C THR C 516 1.33 58.30 -24.13
N LEU C 517 1.82 57.59 -23.10
CA LEU C 517 3.07 56.87 -23.24
C LEU C 517 3.00 55.78 -24.32
N LEU C 518 2.10 54.80 -24.15
CA LEU C 518 1.83 53.78 -25.17
C LEU C 518 0.78 52.78 -24.72
N LYS C 519 0.18 52.07 -25.67
CA LYS C 519 -0.93 51.17 -25.38
C LYS C 519 -0.58 49.74 -25.82
N GLU C 520 -1.39 48.79 -25.34
CA GLU C 520 -1.08 47.35 -25.38
C GLU C 520 -0.05 47.00 -24.31
N ASP C 521 0.43 48.04 -23.63
CA ASP C 521 1.21 47.91 -22.40
C ASP C 521 0.21 47.54 -21.31
N VAL C 522 -1.06 47.76 -21.63
CA VAL C 522 -2.17 47.39 -20.76
C VAL C 522 -2.19 45.88 -20.55
N LYS C 523 -1.64 45.12 -21.50
CA LYS C 523 -1.43 43.68 -21.33
C LYS C 523 -0.70 43.44 -20.02
N MET C 524 0.46 44.08 -19.91
CA MET C 524 1.33 43.94 -18.75
C MET C 524 0.70 44.54 -17.50
N LEU C 525 0.33 45.81 -17.59
CA LEU C 525 0.00 46.58 -16.38
C LEU C 525 -1.48 46.69 -15.98
N SER C 526 -2.37 46.00 -16.69
CA SER C 526 -3.78 46.00 -16.28
C SER C 526 -3.94 45.25 -14.96
N HIS C 527 -3.05 44.31 -14.69
CA HIS C 527 -3.06 43.57 -13.43
C HIS C 527 -2.72 44.51 -12.27
N LEU C 528 -1.91 45.52 -12.57
CA LEU C 528 -1.53 46.53 -11.59
C LEU C 528 -2.59 47.62 -11.41
N LEU C 529 -3.10 48.16 -12.52
CA LEU C 529 -4.11 49.21 -12.46
C LEU C 529 -5.41 48.64 -11.89
N GLN C 530 -5.57 47.32 -12.03
CA GLN C 530 -6.67 46.61 -11.38
C GLN C 530 -6.54 46.81 -9.87
N ALA C 531 -5.34 46.59 -9.36
CA ALA C 531 -5.06 46.79 -7.94
C ALA C 531 -5.17 48.25 -7.56
N LEU C 532 -5.06 49.14 -8.55
CA LEU C 532 -5.30 50.55 -8.31
C LEU C 532 -6.80 50.84 -8.11
N ASP C 533 -7.65 50.08 -8.81
CA ASP C 533 -9.09 50.27 -8.69
C ASP C 533 -9.71 49.44 -7.57
N TYR C 534 -8.88 48.68 -6.86
CA TYR C 534 -9.33 47.86 -5.71
C TYR C 534 -9.16 48.55 -4.35
N GLY C 535 -8.92 49.86 -4.40
CA GLY C 535 -8.69 50.66 -3.21
C GLY C 535 -7.29 50.64 -2.65
N ALA C 536 -6.33 50.87 -3.53
CA ALA C 536 -4.95 51.11 -3.14
C ALA C 536 -4.85 52.41 -2.35
N PRO C 537 -4.17 52.38 -1.21
CA PRO C 537 -3.95 53.57 -0.38
C PRO C 537 -2.88 54.47 -1.00
N PRO C 538 -2.80 55.73 -0.56
CA PRO C 538 -1.65 56.52 -0.98
C PRO C 538 -0.37 55.91 -0.41
N HIS C 539 0.63 55.73 -1.25
CA HIS C 539 1.84 55.04 -0.83
C HIS C 539 3.09 55.56 -1.53
N GLY C 540 4.21 55.57 -0.81
CA GLY C 540 5.47 55.96 -1.40
C GLY C 540 6.66 55.34 -0.70
N GLY C 541 7.75 55.18 -1.44
CA GLY C 541 8.93 54.55 -0.90
C GLY C 541 10.20 54.90 -1.65
N ILE C 542 11.31 54.30 -1.23
CA ILE C 542 12.62 54.65 -1.77
C ILE C 542 13.49 53.40 -1.86
N ALA C 543 14.38 53.38 -2.85
CA ALA C 543 15.38 52.33 -2.97
C ALA C 543 16.73 52.86 -2.52
N LEU C 544 17.54 52.00 -1.91
CA LEU C 544 18.83 52.41 -1.41
C LEU C 544 19.87 51.44 -1.95
N GLY C 545 20.77 51.93 -2.81
CA GLY C 545 21.82 51.07 -3.32
C GLY C 545 22.75 50.67 -2.19
N LEU C 546 22.84 49.37 -1.93
CA LEU C 546 23.56 48.89 -0.76
C LEU C 546 25.06 48.84 -0.99
N ASP C 547 25.44 48.25 -2.11
CA ASP C 547 26.86 48.08 -2.47
C ASP C 547 27.53 49.44 -2.62
N ARG C 548 26.73 50.40 -3.06
CA ARG C 548 27.20 51.74 -3.29
C ARG C 548 27.47 52.41 -1.95
N LEU C 549 26.44 52.57 -1.14
CA LEU C 549 26.58 53.16 0.19
C LEU C 549 27.70 52.50 1.01
N ILE C 550 27.75 51.17 1.02
CA ILE C 550 28.78 50.47 1.80
C ILE C 550 30.18 50.75 1.22
N CYS C 551 30.32 50.78 -0.10
CA CYS C 551 31.59 51.15 -0.71
C CYS C 551 32.01 52.56 -0.25
N LEU C 552 31.10 53.50 -0.40
CA LEU C 552 31.30 54.90 -0.02
C LEU C 552 31.72 55.07 1.44
N VAL C 553 31.14 54.25 2.32
CA VAL C 553 31.45 54.38 3.74
C VAL C 553 32.78 53.69 4.11
N THR C 554 33.10 52.59 3.44
CA THR C 554 34.36 51.90 3.71
C THR C 554 35.54 52.57 3.02
N GLY C 555 35.25 53.46 2.08
CA GLY C 555 36.29 54.19 1.39
C GLY C 555 37.03 53.32 0.38
N SER C 556 36.38 52.25 -0.04
CA SER C 556 36.96 51.34 -1.02
C SER C 556 37.05 51.96 -2.41
N PRO C 557 38.07 51.55 -3.18
CA PRO C 557 38.25 52.01 -4.56
C PRO C 557 37.08 51.62 -5.46
N SER C 558 36.63 50.37 -5.34
CA SER C 558 35.51 49.88 -6.14
C SER C 558 34.51 49.14 -5.28
N ILE C 559 33.28 49.01 -5.78
CA ILE C 559 32.23 48.33 -5.03
C ILE C 559 32.49 46.82 -4.97
N ARG C 560 33.51 46.37 -5.67
CA ARG C 560 33.85 44.95 -5.65
C ARG C 560 34.66 44.61 -4.40
N ASP C 561 35.05 45.63 -3.64
CA ASP C 561 35.78 45.39 -2.40
C ASP C 561 34.81 45.26 -1.22
N VAL C 562 33.56 45.65 -1.43
CA VAL C 562 32.51 45.46 -0.43
C VAL C 562 31.60 44.24 -0.70
N ILE C 563 31.94 43.46 -1.71
CA ILE C 563 31.20 42.26 -2.07
C ILE C 563 32.02 40.99 -1.82
N ALA C 564 31.39 39.97 -1.25
CA ALA C 564 32.04 38.69 -0.96
C ALA C 564 32.75 38.07 -2.16
N PHE C 565 31.99 37.70 -3.19
CA PHE C 565 32.57 37.11 -4.39
C PHE C 565 32.14 37.84 -5.65
N PRO C 566 32.64 39.06 -5.85
CA PRO C 566 32.17 39.90 -6.97
C PRO C 566 32.60 39.35 -8.32
N LYS C 567 32.14 40.01 -9.39
CA LYS C 567 32.45 39.57 -10.74
C LYS C 567 32.94 40.78 -11.51
N SER C 568 34.16 40.70 -12.00
CA SER C 568 34.79 41.82 -12.67
C SER C 568 34.56 41.77 -14.17
N PHE C 569 34.23 42.92 -14.75
CA PHE C 569 34.22 43.04 -16.21
C PHE C 569 33.27 42.07 -16.95
N ARG C 570 31.98 42.41 -16.93
CA ARG C 570 30.96 41.63 -17.64
C ARG C 570 30.87 40.21 -17.10
N GLY C 571 30.34 40.08 -15.88
CA GLY C 571 30.23 38.79 -15.23
C GLY C 571 31.59 38.18 -15.05
N HIS C 572 31.75 36.96 -15.55
CA HIS C 572 33.03 36.28 -15.56
C HIS C 572 33.74 36.33 -14.21
N ASP C 573 33.19 35.60 -13.24
CA ASP C 573 33.87 35.42 -11.97
C ASP C 573 35.22 34.79 -12.29
N LEU C 574 36.29 35.39 -11.78
CA LEU C 574 37.64 34.97 -12.15
C LEU C 574 38.06 33.75 -11.36
N MET C 575 37.32 33.46 -10.29
CA MET C 575 37.65 32.35 -9.40
C MET C 575 37.19 31.01 -9.96
N SER C 576 35.98 30.97 -10.49
CA SER C 576 35.45 29.77 -11.12
C SER C 576 35.06 30.11 -12.54
N ASN C 577 35.10 29.15 -13.45
CA ASN C 577 34.79 29.47 -14.83
C ASN C 577 33.28 29.61 -15.02
N THR C 578 32.85 30.82 -15.36
CA THR C 578 31.44 31.19 -15.44
C THR C 578 31.34 32.64 -15.85
N PRO C 579 30.39 32.98 -16.74
CA PRO C 579 29.45 32.09 -17.42
C PRO C 579 30.15 31.17 -18.41
N ASP C 580 29.74 29.92 -18.44
CA ASP C 580 30.40 28.92 -19.26
C ASP C 580 29.42 28.27 -20.21
N SER C 581 29.92 27.57 -21.22
CA SER C 581 29.08 26.82 -22.13
C SER C 581 28.62 25.52 -21.46
N VAL C 582 28.00 24.63 -22.24
CA VAL C 582 27.37 23.44 -21.70
C VAL C 582 26.86 22.55 -22.84
N PRO C 583 27.04 21.22 -22.72
CA PRO C 583 26.63 20.24 -23.73
C PRO C 583 25.18 20.37 -24.17
N PRO C 584 24.91 20.17 -25.48
CA PRO C 584 23.62 20.48 -26.12
C PRO C 584 22.41 19.79 -25.50
N GLU C 585 22.61 18.59 -24.95
CA GLU C 585 21.51 17.85 -24.35
C GLU C 585 21.01 18.49 -23.07
N GLU C 586 21.74 19.49 -22.58
CA GLU C 586 21.30 20.25 -21.42
C GLU C 586 20.40 21.42 -21.84
N LEU C 587 20.40 21.75 -23.13
CA LEU C 587 19.49 22.75 -23.66
C LEU C 587 18.15 22.10 -24.05
N LYS C 588 18.17 20.77 -24.13
CA LYS C 588 17.01 19.99 -24.58
C LYS C 588 15.72 20.15 -23.76
N PRO C 589 15.83 20.11 -22.41
CA PRO C 589 14.60 20.29 -21.62
C PRO C 589 13.89 21.62 -21.84
N TYR C 590 14.57 22.60 -22.43
CA TYR C 590 13.98 23.92 -22.61
C TYR C 590 13.72 24.24 -24.08
N HIS C 591 14.79 24.60 -24.80
CA HIS C 591 14.73 24.98 -26.21
C HIS C 591 16.12 25.33 -26.71
N PRO D 3 8.21 49.40 19.56
CA PRO D 3 7.69 49.51 18.20
C PRO D 3 6.81 50.75 18.03
N GLU D 4 7.31 51.73 17.28
CA GLU D 4 6.60 52.98 17.06
C GLU D 4 5.32 52.74 16.29
N PHE D 5 5.37 51.73 15.43
CA PHE D 5 4.30 51.46 14.47
C PHE D 5 3.89 52.66 13.64
N SER D 6 2.62 53.05 13.69
CA SER D 6 2.20 54.14 12.82
C SER D 6 2.88 55.41 13.30
N SER D 7 3.68 55.97 12.40
CA SER D 7 4.61 57.06 12.67
C SER D 7 5.30 57.36 11.35
N PHE D 8 5.89 58.54 11.24
CA PHE D 8 6.45 59.05 9.98
C PHE D 8 5.36 59.18 8.93
N VAL D 9 4.11 59.27 9.35
CA VAL D 9 2.99 59.32 8.42
C VAL D 9 1.96 60.29 8.97
N VAL D 10 1.01 60.68 8.14
CA VAL D 10 -0.07 61.47 8.67
C VAL D 10 -1.08 60.43 9.10
N ARG D 11 -1.10 60.23 10.41
CA ARG D 11 -2.00 59.34 11.11
C ARG D 11 -1.46 59.32 12.52
N THR D 12 -2.29 58.93 13.47
CA THR D 12 -1.82 58.58 14.79
C THR D 12 -2.63 57.36 15.15
N ASN D 13 -2.03 56.42 15.87
CA ASN D 13 -2.82 55.32 16.40
C ASN D 13 -3.51 54.43 15.36
N THR D 14 -2.76 53.47 14.81
CA THR D 14 -3.31 52.49 13.90
C THR D 14 -4.62 51.91 14.44
N CYS D 15 -5.56 51.67 13.53
CA CYS D 15 -6.97 51.43 13.88
C CYS D 15 -7.19 50.51 15.07
N GLY D 16 -6.49 49.39 15.09
CA GLY D 16 -6.74 48.37 16.09
C GLY D 16 -6.14 48.58 17.46
N GLU D 17 -5.31 49.59 17.61
CA GLU D 17 -4.61 49.79 18.87
C GLU D 17 -5.45 50.55 19.90
N LEU D 18 -6.52 51.20 19.45
CA LEU D 18 -7.32 52.03 20.34
C LEU D 18 -8.02 51.23 21.43
N ARG D 19 -7.85 51.68 22.68
CA ARG D 19 -8.48 51.03 23.83
C ARG D 19 -9.03 52.10 24.77
N SER D 20 -9.52 51.70 25.94
CA SER D 20 -10.10 52.64 26.89
C SER D 20 -9.08 53.70 27.35
N SER D 21 -7.81 53.32 27.35
CA SER D 21 -6.71 54.23 27.66
C SER D 21 -6.76 55.48 26.81
N HIS D 22 -7.28 55.32 25.60
CA HIS D 22 -7.32 56.38 24.61
C HIS D 22 -8.58 57.23 24.68
N LEU D 23 -9.42 56.98 25.67
CA LEU D 23 -10.63 57.77 25.84
C LEU D 23 -10.34 59.26 25.88
N GLY D 24 -11.06 60.02 25.06
CA GLY D 24 -10.95 61.46 25.06
C GLY D 24 -9.83 62.01 24.21
N GLN D 25 -8.86 61.15 23.88
CA GLN D 25 -7.72 61.56 23.06
C GLN D 25 -8.18 61.92 21.66
N GLU D 26 -7.73 63.07 21.15
CA GLU D 26 -7.99 63.41 19.77
C GLU D 26 -7.12 62.50 18.91
N VAL D 27 -7.71 61.95 17.86
CA VAL D 27 -6.96 61.08 16.97
C VAL D 27 -7.47 61.21 15.53
N THR D 28 -6.55 61.12 14.58
CA THR D 28 -6.93 60.99 13.19
C THR D 28 -6.33 59.70 12.63
N LEU D 29 -7.20 58.74 12.32
CA LEU D 29 -6.75 57.45 11.82
C LEU D 29 -7.29 57.18 10.41
N CYS D 30 -6.53 56.45 9.61
CA CYS D 30 -6.97 56.11 8.26
C CYS D 30 -6.88 54.61 8.02
N GLY D 31 -7.75 54.09 7.17
CA GLY D 31 -7.84 52.66 6.97
C GLY D 31 -8.83 52.26 5.88
N TRP D 32 -9.25 51.00 5.92
CA TRP D 32 -10.18 50.45 4.93
C TRP D 32 -11.59 50.31 5.48
N ILE D 33 -12.60 50.45 4.62
CA ILE D 33 -13.97 50.27 5.07
C ILE D 33 -14.37 48.81 4.93
N GLN D 34 -14.62 48.17 6.06
CA GLN D 34 -14.99 46.77 6.08
C GLN D 34 -16.48 46.62 5.78
N TYR D 35 -17.31 47.14 6.67
CA TYR D 35 -18.76 47.14 6.48
C TYR D 35 -19.44 48.23 7.30
N ARG D 36 -20.70 48.51 7.01
CA ARG D 36 -21.45 49.51 7.74
C ARG D 36 -22.93 49.14 7.76
N ARG D 37 -23.65 49.63 8.77
CA ARG D 37 -25.10 49.44 8.81
C ARG D 37 -25.81 50.74 8.45
N GLN D 38 -26.35 50.79 7.24
CA GLN D 38 -27.15 51.93 6.77
C GLN D 38 -26.56 53.30 7.10
N ASN D 39 -27.34 54.14 7.79
CA ASN D 39 -26.87 55.47 8.13
C ASN D 39 -26.11 55.53 9.46
N THR D 40 -26.19 54.47 10.25
CA THR D 40 -25.66 54.51 11.62
C THR D 40 -24.16 54.24 11.82
N PHE D 41 -23.63 53.24 11.15
CA PHE D 41 -22.33 52.67 11.55
C PHE D 41 -21.23 52.71 10.51
N LEU D 42 -20.00 52.58 10.97
CA LEU D 42 -18.85 52.33 10.10
C LEU D 42 -17.78 51.55 10.86
N VAL D 43 -17.11 50.62 10.18
CA VAL D 43 -15.95 49.98 10.80
C VAL D 43 -14.68 50.09 9.94
N LEU D 44 -13.69 50.79 10.48
CA LEU D 44 -12.42 50.96 9.80
C LEU D 44 -11.51 49.84 10.18
N ARG D 45 -10.72 49.36 9.23
CA ARG D 45 -9.78 48.28 9.47
C ARG D 45 -8.40 48.64 8.95
N ASP D 46 -7.43 48.59 9.86
CA ASP D 46 -6.03 48.70 9.50
C ASP D 46 -5.52 47.28 9.38
N PHE D 47 -4.24 47.12 9.09
CA PHE D 47 -3.62 45.81 9.09
C PHE D 47 -3.71 45.20 10.49
N ASP D 48 -3.77 46.06 11.51
CA ASP D 48 -3.60 45.62 12.88
C ASP D 48 -4.90 45.05 13.43
N GLY D 49 -5.78 45.94 13.89
CA GLY D 49 -7.12 45.57 14.29
C GLY D 49 -8.18 46.22 13.42
N LEU D 50 -9.37 46.39 14.00
CA LEU D 50 -10.38 47.27 13.43
C LEU D 50 -11.18 47.99 14.51
N VAL D 51 -11.59 49.23 14.22
CA VAL D 51 -12.31 50.07 15.16
C VAL D 51 -13.64 50.57 14.57
N GLN D 52 -14.56 50.98 15.44
CA GLN D 52 -15.92 51.36 15.05
C GLN D 52 -16.13 52.87 14.98
N VAL D 53 -16.44 53.38 13.79
CA VAL D 53 -16.64 54.81 13.58
C VAL D 53 -18.11 55.17 13.46
N ILE D 54 -18.60 56.07 14.30
CA ILE D 54 -20.02 56.42 14.25
C ILE D 54 -20.30 57.56 13.28
N ILE D 55 -21.11 57.27 12.27
CA ILE D 55 -21.43 58.25 11.24
C ILE D 55 -22.18 59.41 11.87
N PRO D 56 -21.56 60.59 11.88
CA PRO D 56 -22.20 61.73 12.51
C PRO D 56 -23.42 62.16 11.71
N GLN D 57 -24.54 62.34 12.39
CA GLN D 57 -25.74 62.84 11.73
C GLN D 57 -26.13 64.19 12.30
N ASP D 58 -25.94 65.23 11.50
CA ASP D 58 -26.12 66.59 11.96
C ASP D 58 -26.15 67.53 10.77
N GLU D 59 -26.35 68.83 11.04
CA GLU D 59 -26.36 69.84 9.98
C GLU D 59 -24.94 70.24 9.61
N SER D 60 -24.07 70.34 10.61
CA SER D 60 -22.68 70.72 10.39
C SER D 60 -21.85 69.56 9.83
N ALA D 61 -22.21 68.34 10.23
CA ALA D 61 -21.46 67.14 9.84
C ALA D 61 -22.03 66.43 8.61
N ALA D 62 -23.04 67.02 7.99
CA ALA D 62 -23.72 66.39 6.86
C ALA D 62 -22.81 66.20 5.64
N SER D 63 -21.89 67.14 5.43
CA SER D 63 -20.94 67.03 4.33
C SER D 63 -19.96 65.90 4.56
N VAL D 64 -19.73 65.57 5.83
CA VAL D 64 -18.90 64.44 6.22
C VAL D 64 -19.66 63.11 6.06
N LYS D 65 -20.88 63.08 6.57
CA LYS D 65 -21.76 61.93 6.45
C LYS D 65 -21.96 61.57 4.98
N LYS D 66 -21.96 62.59 4.13
CA LYS D 66 -22.08 62.40 2.70
C LYS D 66 -21.06 61.41 2.18
N ILE D 67 -19.77 61.76 2.28
CA ILE D 67 -18.71 60.90 1.75
C ILE D 67 -18.55 59.62 2.55
N LEU D 68 -18.75 59.72 3.87
CA LEU D 68 -18.62 58.56 4.75
C LEU D 68 -19.65 57.49 4.42
N CYS D 69 -20.80 57.90 3.90
CA CYS D 69 -21.81 56.96 3.40
C CYS D 69 -21.74 56.77 1.88
N GLU D 70 -20.90 57.54 1.21
CA GLU D 70 -20.76 57.41 -0.24
C GLU D 70 -19.61 56.47 -0.61
N ALA D 71 -18.79 56.14 0.38
CA ALA D 71 -17.68 55.23 0.17
C ALA D 71 -18.16 53.82 -0.18
N PRO D 72 -17.67 53.27 -1.30
CA PRO D 72 -17.98 51.92 -1.78
C PRO D 72 -17.53 50.81 -0.81
N VAL D 73 -17.67 49.56 -1.24
CA VAL D 73 -17.58 48.38 -0.37
C VAL D 73 -16.39 48.44 0.57
N GLU D 74 -15.20 48.20 0.02
CA GLU D 74 -13.99 48.36 0.80
C GLU D 74 -13.11 49.38 0.11
N SER D 75 -13.05 50.57 0.68
CA SER D 75 -12.25 51.62 0.08
C SER D 75 -11.39 52.24 1.16
N VAL D 76 -10.53 53.15 0.76
CA VAL D 76 -9.59 53.72 1.71
C VAL D 76 -10.02 55.11 2.13
N VAL D 77 -10.27 55.27 3.42
CA VAL D 77 -10.77 56.52 3.93
C VAL D 77 -9.93 56.95 5.11
N GLN D 78 -9.73 58.26 5.23
CA GLN D 78 -9.13 58.83 6.42
C GLN D 78 -10.25 59.49 7.23
N VAL D 79 -10.26 59.23 8.53
CA VAL D 79 -11.29 59.78 9.39
C VAL D 79 -10.65 60.38 10.63
N SER D 80 -11.04 61.61 10.96
CA SER D 80 -10.53 62.25 12.17
C SER D 80 -11.66 62.50 13.17
N GLY D 81 -11.35 62.36 14.46
CA GLY D 81 -12.36 62.54 15.49
C GLY D 81 -11.87 62.32 16.91
N THR D 82 -12.81 62.12 17.83
CA THR D 82 -12.46 61.94 19.24
C THR D 82 -12.89 60.56 19.75
N VAL D 83 -12.05 59.95 20.57
CA VAL D 83 -12.32 58.61 21.08
C VAL D 83 -13.30 58.67 22.23
N ILE D 84 -14.44 57.98 22.07
CA ILE D 84 -15.44 57.92 23.12
C ILE D 84 -15.80 56.48 23.46
N SER D 85 -16.35 56.28 24.64
CA SER D 85 -16.74 54.93 25.07
C SER D 85 -18.12 54.57 24.53
N ARG D 86 -18.29 53.31 24.16
CA ARG D 86 -19.57 52.85 23.64
C ARG D 86 -20.65 52.98 24.70
N PRO D 87 -21.83 53.47 24.30
CA PRO D 87 -22.93 53.74 25.25
C PRO D 87 -23.40 52.48 25.96
N ALA D 88 -23.46 52.55 27.30
CA ALA D 88 -23.97 51.46 28.13
C ALA D 88 -23.29 50.11 27.86
N GLY D 89 -24.10 49.12 27.51
CA GLY D 89 -23.61 47.77 27.32
C GLY D 89 -23.43 47.40 25.85
N GLN D 90 -23.26 48.41 25.01
CA GLN D 90 -23.01 48.22 23.59
C GLN D 90 -21.65 47.55 23.32
N GLU D 91 -20.87 47.40 24.37
CA GLU D 91 -19.50 46.90 24.27
C GLU D 91 -19.42 45.53 23.62
N ASN D 92 -18.34 45.31 22.88
CA ASN D 92 -18.12 44.06 22.18
C ASN D 92 -16.80 43.43 22.61
N PRO D 93 -16.83 42.60 23.66
CA PRO D 93 -15.65 41.93 24.19
C PRO D 93 -14.94 41.03 23.18
N LYS D 94 -15.60 40.70 22.07
CA LYS D 94 -14.98 39.87 21.04
C LYS D 94 -13.88 40.60 20.26
N MET D 95 -13.97 41.93 20.18
CA MET D 95 -12.96 42.72 19.48
C MET D 95 -12.24 43.67 20.44
N PRO D 96 -10.93 43.91 20.21
CA PRO D 96 -10.09 44.61 21.18
C PRO D 96 -10.48 46.07 21.35
N THR D 97 -11.00 46.67 20.29
CA THR D 97 -11.41 48.06 20.29
C THR D 97 -12.86 48.17 20.76
N GLY D 98 -13.43 47.02 21.12
CA GLY D 98 -14.85 46.88 21.38
C GLY D 98 -15.45 47.71 22.50
N GLU D 99 -14.62 48.19 23.42
CA GLU D 99 -15.14 49.00 24.51
C GLU D 99 -15.28 50.46 24.09
N ILE D 100 -14.69 50.81 22.94
CA ILE D 100 -14.74 52.19 22.45
C ILE D 100 -15.12 52.34 20.98
N GLU D 101 -15.66 53.51 20.67
CA GLU D 101 -15.99 53.90 19.31
C GLU D 101 -15.42 55.30 19.06
N ILE D 102 -15.38 55.69 17.79
CA ILE D 102 -14.76 56.95 17.41
C ILE D 102 -15.75 57.88 16.73
N LYS D 103 -15.86 59.09 17.29
CA LYS D 103 -16.82 60.09 16.85
C LYS D 103 -16.20 61.04 15.84
N VAL D 104 -16.73 61.01 14.62
CA VAL D 104 -16.15 61.77 13.51
C VAL D 104 -16.23 63.28 13.71
N LYS D 105 -15.14 63.95 13.36
CA LYS D 105 -15.08 65.40 13.31
C LYS D 105 -15.07 65.76 11.83
N THR D 106 -14.03 65.30 11.13
CA THR D 106 -13.92 65.47 9.69
C THR D 106 -13.55 64.16 9.00
N ALA D 107 -13.64 64.15 7.67
CA ALA D 107 -13.27 62.96 6.89
C ALA D 107 -12.82 63.34 5.49
N GLU D 108 -12.55 62.32 4.67
CA GLU D 108 -12.13 62.49 3.29
C GLU D 108 -11.98 61.11 2.66
N LEU D 109 -12.07 61.06 1.33
CA LEU D 109 -12.03 59.79 0.62
C LEU D 109 -10.70 59.64 -0.09
N LEU D 110 -9.86 58.75 0.42
CA LEU D 110 -8.52 58.59 -0.13
C LEU D 110 -8.54 57.84 -1.46
N ASN D 111 -9.24 56.71 -1.50
CA ASN D 111 -9.48 56.02 -2.76
C ASN D 111 -10.74 55.18 -2.69
N ALA D 112 -11.44 55.05 -3.82
CA ALA D 112 -12.63 54.20 -3.88
C ALA D 112 -12.28 52.87 -4.54
N CYS D 113 -13.26 51.99 -4.62
CA CYS D 113 -13.04 50.69 -5.26
C CYS D 113 -14.32 50.16 -5.92
N LYS D 114 -14.16 49.30 -6.94
CA LYS D 114 -15.32 48.68 -7.58
C LYS D 114 -15.71 47.41 -6.82
N LYS D 115 -16.68 46.66 -7.35
CA LYS D 115 -17.06 45.43 -6.71
C LYS D 115 -15.87 44.47 -6.75
N LEU D 116 -15.42 44.04 -5.58
CA LEU D 116 -14.30 43.12 -5.50
C LEU D 116 -14.82 41.71 -5.24
N PRO D 117 -14.37 40.73 -6.04
CA PRO D 117 -14.95 39.39 -5.94
C PRO D 117 -14.42 38.56 -4.76
N PHE D 118 -14.41 39.16 -3.57
CA PHE D 118 -13.79 38.54 -2.40
C PHE D 118 -14.52 38.93 -1.12
N GLU D 119 -14.53 38.02 -0.15
CA GLU D 119 -15.04 38.35 1.18
C GLU D 119 -13.83 38.54 2.09
N ILE D 120 -13.57 39.78 2.46
CA ILE D 120 -12.37 40.09 3.24
C ILE D 120 -12.59 39.84 4.73
N LYS D 121 -13.86 39.82 5.15
CA LYS D 121 -14.22 39.68 6.56
C LYS D 121 -13.87 38.31 7.12
N ASN D 122 -14.19 37.26 6.36
CA ASN D 122 -14.06 35.89 6.83
C ASN D 122 -12.69 35.27 6.54
N PHE D 123 -11.76 36.10 6.07
CA PHE D 123 -10.47 35.64 5.56
C PHE D 123 -10.73 34.78 4.33
N VAL D 124 -11.59 35.35 3.48
CA VAL D 124 -12.06 34.73 2.22
C VAL D 124 -12.71 33.35 2.36
N LYS D 125 -12.39 32.47 1.42
CA LYS D 125 -12.98 31.16 1.29
C LYS D 125 -11.92 30.43 0.52
N LYS D 126 -11.93 29.10 0.50
CA LYS D 126 -10.78 28.45 -0.09
C LYS D 126 -11.02 28.20 -1.58
N THR D 127 -10.38 29.06 -2.38
CA THR D 127 -10.16 28.82 -3.79
C THR D 127 -8.74 29.27 -4.02
N GLU D 128 -7.87 28.34 -4.32
CA GLU D 128 -6.47 28.69 -4.45
C GLU D 128 -6.34 29.61 -5.66
N ALA D 129 -7.02 29.25 -6.74
CA ALA D 129 -6.99 30.00 -7.98
C ALA D 129 -7.37 31.46 -7.79
N LEU D 130 -8.44 31.70 -7.06
CA LEU D 130 -8.92 33.06 -6.88
C LEU D 130 -8.10 33.83 -5.87
N ARG D 131 -7.84 33.22 -4.72
CA ARG D 131 -7.02 33.83 -3.69
C ARG D 131 -5.67 34.28 -4.24
N LEU D 132 -5.12 33.48 -5.15
CA LEU D 132 -3.84 33.81 -5.77
C LEU D 132 -3.94 34.81 -6.91
N GLN D 133 -4.94 34.65 -7.78
CA GLN D 133 -5.14 35.58 -8.88
C GLN D 133 -5.29 37.01 -8.36
N TYR D 134 -6.02 37.15 -7.26
CA TYR D 134 -6.24 38.45 -6.64
C TYR D 134 -5.33 38.80 -5.46
N ARG D 135 -4.22 38.08 -5.33
CA ARG D 135 -3.41 38.03 -4.11
C ARG D 135 -3.20 39.37 -3.39
N TYR D 136 -2.99 40.45 -4.14
CA TYR D 136 -2.88 41.79 -3.53
C TYR D 136 -4.11 42.17 -2.70
N LEU D 137 -5.24 41.56 -3.02
CA LEU D 137 -6.46 41.67 -2.20
C LEU D 137 -6.34 40.77 -0.99
N ASP D 138 -6.15 39.47 -1.26
CA ASP D 138 -6.10 38.43 -0.25
C ASP D 138 -5.13 38.76 0.90
N LEU D 139 -4.09 39.53 0.61
CA LEU D 139 -3.11 39.92 1.62
C LEU D 139 -3.72 40.75 2.73
N ARG D 140 -4.84 41.41 2.44
CA ARG D 140 -5.56 42.20 3.44
C ARG D 140 -6.11 41.31 4.55
N SER D 141 -6.40 40.06 4.22
CA SER D 141 -6.99 39.12 5.16
C SER D 141 -6.08 38.92 6.38
N PHE D 142 -6.71 38.79 7.54
CA PHE D 142 -5.99 38.67 8.79
C PHE D 142 -5.10 37.42 8.83
N GLN D 143 -5.38 36.47 7.94
CA GLN D 143 -4.57 35.26 7.85
C GLN D 143 -3.22 35.57 7.24
N MET D 144 -3.22 36.01 5.98
CA MET D 144 -2.00 36.43 5.32
C MET D 144 -1.24 37.47 6.13
N GLN D 145 -1.98 38.37 6.77
CA GLN D 145 -1.36 39.37 7.65
C GLN D 145 -0.57 38.70 8.77
N TYR D 146 -1.26 37.84 9.54
CA TYR D 146 -0.61 37.11 10.64
C TYR D 146 0.59 36.29 10.19
N ASN D 147 0.43 35.57 9.09
CA ASN D 147 1.51 34.76 8.54
C ASN D 147 2.74 35.58 8.15
N LEU D 148 2.58 36.54 7.26
CA LEU D 148 3.72 37.29 6.78
C LEU D 148 4.38 38.10 7.89
N ARG D 149 3.56 38.63 8.79
CA ARG D 149 4.11 39.39 9.91
C ARG D 149 4.88 38.49 10.87
N LEU D 150 4.38 37.27 11.07
CA LEU D 150 5.08 36.28 11.91
C LEU D 150 6.42 35.95 11.28
N ARG D 151 6.40 35.62 9.99
CA ARG D 151 7.63 35.29 9.28
C ARG D 151 8.67 36.38 9.45
N SER D 152 8.30 37.62 9.09
CA SER D 152 9.19 38.76 9.23
C SER D 152 9.77 38.83 10.64
N GLN D 153 8.88 38.90 11.62
CA GLN D 153 9.27 38.95 13.04
C GLN D 153 10.30 37.88 13.42
N MET D 154 9.89 36.62 13.31
CA MET D 154 10.69 35.48 13.75
C MET D 154 12.04 35.45 13.04
N VAL D 155 12.02 35.61 11.72
CA VAL D 155 13.27 35.63 10.96
C VAL D 155 14.21 36.70 11.48
N MET D 156 13.67 37.89 11.74
CA MET D 156 14.47 38.99 12.25
C MET D 156 15.03 38.69 13.64
N LYS D 157 14.30 37.93 14.44
CA LYS D 157 14.82 37.50 15.74
C LYS D 157 15.94 36.49 15.61
N MET D 158 15.86 35.65 14.58
CA MET D 158 16.96 34.72 14.27
C MET D 158 18.19 35.51 13.85
N ARG D 159 17.95 36.53 13.04
CA ARG D 159 18.98 37.45 12.59
C ARG D 159 19.67 38.06 13.80
N GLU D 160 18.88 38.41 14.81
CA GLU D 160 19.43 38.89 16.07
C GLU D 160 20.27 37.83 16.77
N TYR D 161 19.72 36.64 16.94
CA TYR D 161 20.43 35.57 17.66
C TYR D 161 21.78 35.24 17.05
N LEU D 162 21.84 35.21 15.73
CA LEU D 162 23.10 34.94 15.05
C LEU D 162 24.03 36.15 15.05
N CYS D 163 23.61 37.22 14.38
CA CYS D 163 24.49 38.36 14.11
C CYS D 163 24.77 39.22 15.34
N ASN D 164 23.73 39.53 16.11
CA ASN D 164 23.88 40.33 17.33
C ASN D 164 24.48 39.51 18.45
N LEU D 165 23.80 38.44 18.79
CA LEU D 165 24.12 37.66 19.98
C LEU D 165 25.41 36.84 19.82
N HIS D 166 25.42 35.91 18.88
CA HIS D 166 26.56 35.01 18.73
C HIS D 166 27.63 35.39 17.69
N GLY D 167 27.47 36.56 17.09
CA GLY D 167 28.52 37.13 16.27
C GLY D 167 28.79 36.46 14.95
N PHE D 168 27.74 36.14 14.21
CA PHE D 168 27.90 35.65 12.85
C PHE D 168 28.03 36.85 11.91
N VAL D 169 28.24 36.59 10.63
CA VAL D 169 28.23 37.65 9.64
C VAL D 169 27.27 37.32 8.50
N ASP D 170 26.50 38.32 8.09
CA ASP D 170 25.50 38.18 7.05
C ASP D 170 26.25 38.36 5.73
N ILE D 171 26.31 37.29 4.95
CA ILE D 171 27.16 37.27 3.76
C ILE D 171 26.37 36.83 2.54
N GLU D 172 26.32 37.69 1.54
CA GLU D 172 25.55 37.37 0.36
C GLU D 172 26.43 36.72 -0.68
N THR D 173 26.15 35.45 -0.96
CA THR D 173 26.83 34.75 -2.03
C THR D 173 26.07 34.96 -3.33
N PRO D 174 26.77 35.03 -4.46
CA PRO D 174 26.14 35.36 -5.74
C PRO D 174 25.12 34.32 -6.18
N THR D 175 24.08 34.76 -6.87
CA THR D 175 23.06 33.84 -7.38
C THR D 175 23.48 33.25 -8.72
N LEU D 176 23.59 34.09 -9.76
CA LEU D 176 24.03 33.60 -11.08
C LEU D 176 25.47 33.09 -11.02
N PHE D 177 25.67 31.85 -11.45
CA PHE D 177 26.93 31.13 -11.21
C PHE D 177 27.06 29.92 -12.12
N LYS D 178 28.03 29.05 -11.84
CA LYS D 178 28.22 27.82 -12.61
C LYS D 178 27.52 26.60 -11.99
N ARG D 179 27.04 25.72 -12.85
CA ARG D 179 26.30 24.52 -12.46
C ARG D 179 27.20 23.43 -11.87
N THR D 180 26.84 22.93 -10.70
CA THR D 180 27.56 21.82 -10.08
C THR D 180 26.59 20.67 -9.87
N PRO D 181 26.47 19.79 -10.87
CA PRO D 181 25.38 18.80 -10.94
C PRO D 181 25.53 17.64 -9.95
N GLY D 182 25.80 17.92 -8.68
CA GLY D 182 25.81 16.87 -7.68
C GLY D 182 24.43 16.33 -7.32
N GLY D 183 23.58 17.19 -6.77
CA GLY D 183 22.24 16.80 -6.36
C GLY D 183 21.18 16.73 -7.45
N ALA D 184 21.07 17.81 -8.23
CA ALA D 184 20.03 17.94 -9.24
C ALA D 184 20.41 18.97 -10.30
N LYS D 185 19.74 18.93 -11.44
CA LYS D 185 20.00 19.92 -12.50
C LYS D 185 19.44 21.27 -12.10
N GLU D 186 20.01 22.34 -12.66
CA GLU D 186 19.64 23.70 -12.28
C GLU D 186 19.14 24.58 -13.42
N PHE D 187 18.39 25.61 -13.06
CA PHE D 187 17.91 26.60 -14.01
C PHE D 187 19.06 27.25 -14.75
N LEU D 188 18.87 27.56 -16.02
CA LEU D 188 19.90 28.23 -16.80
C LEU D 188 19.49 29.67 -17.11
N VAL D 189 20.49 30.56 -17.14
CA VAL D 189 20.26 31.97 -17.48
C VAL D 189 21.21 32.52 -18.55
N PRO D 190 20.73 32.59 -19.80
CA PRO D 190 21.46 33.08 -20.98
C PRO D 190 22.16 34.40 -20.74
N SER D 191 23.43 34.45 -21.14
CA SER D 191 24.27 35.63 -20.97
C SER D 191 24.44 36.34 -22.31
N ARG D 192 24.57 37.67 -22.25
CA ARG D 192 24.72 38.51 -23.42
C ARG D 192 25.80 37.97 -24.37
N GLU D 193 26.89 37.48 -23.78
CA GLU D 193 27.92 36.79 -24.53
C GLU D 193 27.45 35.40 -24.94
N PRO D 194 27.32 35.18 -26.25
CA PRO D 194 26.74 33.96 -26.83
C PRO D 194 27.50 32.67 -26.51
N GLY D 195 26.74 31.60 -26.27
CA GLY D 195 27.31 30.27 -26.06
C GLY D 195 27.58 29.91 -24.61
N LYS D 196 27.75 30.93 -23.78
CA LYS D 196 28.05 30.71 -22.37
C LYS D 196 27.04 31.43 -21.51
N PHE D 197 26.52 30.73 -20.50
CA PHE D 197 25.52 31.33 -19.61
C PHE D 197 25.52 30.79 -18.18
N TYR D 198 24.93 31.57 -17.27
CA TYR D 198 24.99 31.20 -15.85
C TYR D 198 23.94 30.16 -15.50
N SER D 199 23.96 29.72 -14.25
CA SER D 199 22.88 28.88 -13.73
C SER D 199 22.60 29.19 -12.25
N LEU D 200 21.32 29.30 -11.91
CA LEU D 200 20.92 29.61 -10.55
C LEU D 200 21.34 28.50 -9.60
N PRO D 201 21.77 28.87 -8.38
CA PRO D 201 22.30 27.89 -7.44
C PRO D 201 21.18 27.11 -6.76
N GLN D 202 21.47 25.87 -6.37
CA GLN D 202 20.50 25.06 -5.65
C GLN D 202 20.51 25.45 -4.17
N SER D 203 21.65 25.97 -3.73
CA SER D 203 21.86 26.39 -2.35
C SER D 203 23.28 26.94 -2.28
N PRO D 204 23.55 27.87 -1.35
CA PRO D 204 24.92 28.39 -1.29
C PRO D 204 25.87 27.43 -0.59
N GLN D 205 25.86 26.17 -1.01
CA GLN D 205 26.74 25.16 -0.44
C GLN D 205 28.12 25.19 -1.09
N GLN D 206 28.20 25.82 -2.26
CA GLN D 206 29.48 25.98 -2.94
C GLN D 206 30.35 26.88 -2.11
N PHE D 207 29.83 28.08 -1.83
CA PHE D 207 30.58 29.11 -1.11
C PHE D 207 30.71 28.79 0.38
N LYS D 208 30.05 27.71 0.80
CA LYS D 208 30.15 27.25 2.18
C LYS D 208 31.59 26.95 2.59
N GLN D 209 32.32 26.25 1.73
CA GLN D 209 33.71 25.90 2.00
C GLN D 209 34.60 27.15 1.92
N LEU D 210 34.51 27.85 0.79
CA LEU D 210 35.32 29.02 0.50
C LEU D 210 35.25 30.08 1.61
N LEU D 211 34.04 30.43 2.01
CA LEU D 211 33.87 31.44 3.05
C LEU D 211 34.48 31.02 4.39
N MET D 212 34.55 29.71 4.63
CA MET D 212 35.17 29.18 5.84
C MET D 212 36.69 29.20 5.74
N VAL D 213 37.20 28.99 4.53
CA VAL D 213 38.63 29.12 4.23
C VAL D 213 39.07 30.56 4.44
N GLY D 214 38.18 31.49 4.10
CA GLY D 214 38.52 32.90 4.09
C GLY D 214 38.37 33.62 5.41
N GLY D 215 38.45 32.90 6.52
CA GLY D 215 38.23 33.51 7.81
C GLY D 215 36.74 33.48 8.05
N LEU D 216 36.19 34.53 8.66
CA LEU D 216 34.75 34.62 8.93
C LEU D 216 34.33 33.40 9.73
N ASP D 217 34.76 33.34 10.98
CA ASP D 217 34.56 32.16 11.83
C ASP D 217 33.11 31.72 11.89
N ARG D 218 32.20 32.67 11.71
CA ARG D 218 30.77 32.39 11.71
C ARG D 218 30.05 33.06 10.56
N TYR D 219 29.51 32.27 9.64
CA TYR D 219 28.78 32.79 8.50
C TYR D 219 27.30 32.43 8.59
N PHE D 220 26.44 33.35 8.17
CA PHE D 220 25.03 33.01 7.97
C PHE D 220 24.39 33.83 6.87
N GLN D 221 23.39 33.26 6.22
CA GLN D 221 22.71 33.94 5.13
C GLN D 221 21.28 33.44 4.99
N VAL D 222 20.35 34.32 4.63
CA VAL D 222 19.05 33.85 4.18
C VAL D 222 19.04 33.95 2.66
N ALA D 223 19.17 32.81 2.01
CA ALA D 223 19.44 32.82 0.58
C ALA D 223 18.28 32.26 -0.20
N ARG D 224 18.05 32.82 -1.38
CA ARG D 224 16.96 32.37 -2.22
C ARG D 224 17.48 31.22 -3.07
N CYS D 225 16.95 30.05 -2.79
CA CYS D 225 17.38 28.82 -3.44
C CYS D 225 16.36 28.45 -4.49
N TYR D 226 16.86 28.19 -5.69
CA TYR D 226 16.00 27.87 -6.80
C TYR D 226 16.13 26.40 -7.11
N ARG D 227 14.99 25.71 -7.19
CA ARG D 227 15.01 24.30 -7.56
C ARG D 227 14.30 24.14 -8.89
N ASP D 228 14.77 23.18 -9.68
CA ASP D 228 14.01 22.75 -10.84
C ASP D 228 13.87 21.25 -10.73
N GLU D 229 12.64 20.81 -10.48
CA GLU D 229 12.36 19.39 -10.45
C GLU D 229 11.30 19.07 -11.50
N GLY D 230 11.72 18.38 -12.55
CA GLY D 230 10.82 18.00 -13.62
C GLY D 230 9.79 17.04 -13.07
N SER D 231 10.25 16.16 -12.18
CA SER D 231 9.38 15.32 -11.39
C SER D 231 9.96 15.25 -9.97
N ARG D 232 9.16 15.56 -8.96
CA ARG D 232 7.74 15.92 -9.12
C ARG D 232 7.50 17.41 -8.81
N PRO D 233 6.99 18.15 -9.81
CA PRO D 233 6.83 19.61 -9.76
C PRO D 233 5.54 20.10 -9.09
N ASP D 234 5.54 20.16 -7.76
CA ASP D 234 4.41 20.73 -7.04
C ASP D 234 4.83 22.00 -6.31
N ARG D 235 5.70 21.86 -5.32
CA ARG D 235 6.17 23.02 -4.55
C ARG D 235 7.13 23.89 -5.38
N GLN D 236 7.03 25.21 -5.19
CA GLN D 236 7.55 26.20 -6.15
C GLN D 236 9.05 26.17 -6.43
N PRO D 237 9.44 26.75 -7.59
CA PRO D 237 10.83 26.90 -8.02
C PRO D 237 11.75 27.57 -6.99
N GLU D 238 11.31 28.67 -6.38
CA GLU D 238 12.16 29.36 -5.42
C GLU D 238 11.66 29.31 -3.98
N PHE D 239 12.60 29.23 -3.04
CA PHE D 239 12.26 29.21 -1.62
C PHE D 239 13.40 29.79 -0.77
N THR D 240 13.09 30.16 0.47
CA THR D 240 14.09 30.76 1.33
C THR D 240 14.72 29.74 2.28
N GLN D 241 16.03 29.81 2.44
CA GLN D 241 16.74 28.95 3.39
C GLN D 241 17.58 29.82 4.31
N ILE D 242 17.78 29.35 5.53
CA ILE D 242 18.75 29.97 6.41
C ILE D 242 20.00 29.11 6.42
N ASP D 243 21.06 29.62 5.83
CA ASP D 243 22.26 28.84 5.65
C ASP D 243 23.28 29.20 6.73
N ILE D 244 23.64 28.23 7.55
CA ILE D 244 24.62 28.48 8.59
C ILE D 244 25.87 27.65 8.39
N GLU D 245 27.03 28.26 8.57
CA GLU D 245 28.32 27.55 8.51
C GLU D 245 29.25 28.04 9.60
N MET D 246 29.86 27.12 10.33
CA MET D 246 30.82 27.49 11.36
C MET D 246 32.18 26.86 11.16
N SER D 247 33.20 27.55 11.67
CA SER D 247 34.55 27.07 11.60
C SER D 247 34.90 26.49 12.97
N PHE D 248 35.67 25.40 12.99
CA PHE D 248 36.16 24.79 14.22
C PHE D 248 35.05 24.29 15.13
N VAL D 249 34.06 23.62 14.56
CA VAL D 249 32.93 23.14 15.35
C VAL D 249 32.62 21.67 15.09
N ASP D 250 32.24 20.99 16.16
CA ASP D 250 31.83 19.60 16.08
C ASP D 250 30.37 19.50 15.66
N GLN D 251 29.83 18.30 15.71
CA GLN D 251 28.42 18.10 15.42
C GLN D 251 27.57 18.65 16.57
N THR D 252 27.92 18.24 17.79
CA THR D 252 27.18 18.62 18.99
C THR D 252 27.04 20.13 19.13
N GLY D 253 28.05 20.86 18.65
CA GLY D 253 28.03 22.30 18.75
C GLY D 253 26.90 22.95 17.97
N ILE D 254 26.86 22.70 16.66
CA ILE D 254 25.83 23.35 15.85
C ILE D 254 24.49 22.73 16.20
N GLN D 255 24.56 21.50 16.71
CA GLN D 255 23.39 20.83 17.28
C GLN D 255 22.78 21.71 18.37
N SER D 256 23.63 22.30 19.22
CA SER D 256 23.14 23.25 20.22
C SER D 256 22.80 24.62 19.61
N LEU D 257 23.48 24.96 18.51
CA LEU D 257 23.29 26.25 17.87
C LEU D 257 21.86 26.41 17.37
N ILE D 258 21.38 25.43 16.62
CA ILE D 258 20.04 25.50 16.08
C ILE D 258 19.00 25.43 17.21
N GLU D 259 19.34 24.75 18.30
CA GLU D 259 18.48 24.69 19.47
C GLU D 259 18.27 26.08 20.07
N GLY D 260 19.36 26.77 20.36
CA GLY D 260 19.30 28.12 20.89
C GLY D 260 18.62 29.09 19.94
N LEU D 261 18.84 28.86 18.64
CA LEU D 261 18.25 29.66 17.59
C LEU D 261 16.73 29.56 17.57
N LEU D 262 16.24 28.33 17.55
CA LEU D 262 14.80 28.07 17.52
C LEU D 262 14.15 28.50 18.82
N GLN D 263 14.84 28.28 19.94
CA GLN D 263 14.31 28.72 21.22
C GLN D 263 14.16 30.24 21.31
N TYR D 264 15.20 30.95 20.90
CA TYR D 264 15.19 32.40 20.95
C TYR D 264 14.17 32.96 19.96
N SER D 265 14.05 32.28 18.82
CA SER D 265 13.23 32.78 17.73
C SER D 265 11.75 32.42 17.87
N TRP D 266 11.45 31.47 18.75
CA TRP D 266 10.08 30.94 18.88
C TRP D 266 9.06 32.06 19.16
N PRO D 267 8.01 32.10 18.33
CA PRO D 267 7.09 33.23 18.15
C PRO D 267 6.53 33.86 19.41
N ASN D 268 6.57 33.15 20.54
CA ASN D 268 6.17 33.70 21.84
C ASN D 268 4.65 33.86 21.93
N ASP D 269 4.02 33.84 20.76
CA ASP D 269 2.58 33.93 20.63
C ASP D 269 1.99 32.56 20.93
N LYS D 270 2.58 31.53 20.31
CA LYS D 270 2.09 30.17 20.48
C LYS D 270 3.16 29.25 21.06
N ASP D 271 2.96 28.85 22.30
CA ASP D 271 3.75 27.81 22.96
C ASP D 271 5.21 28.21 23.19
N PRO D 272 5.84 27.60 24.20
CA PRO D 272 7.30 27.71 24.26
C PRO D 272 7.89 26.58 23.44
N VAL D 273 9.21 26.49 23.39
CA VAL D 273 9.89 25.38 22.76
C VAL D 273 10.57 24.67 23.92
N VAL D 274 11.32 23.62 23.65
CA VAL D 274 11.91 22.84 24.73
C VAL D 274 13.43 22.95 24.74
N VAL D 275 14.01 22.67 25.90
CA VAL D 275 15.46 22.63 26.12
C VAL D 275 16.06 21.51 25.22
N PRO D 276 17.37 21.19 25.33
CA PRO D 276 17.97 20.47 24.18
C PRO D 276 17.18 19.30 23.60
N PHE D 277 17.06 19.33 22.27
CA PHE D 277 16.24 18.39 21.52
C PHE D 277 16.75 16.97 21.68
N PRO D 278 15.84 16.03 21.90
CA PRO D 278 16.24 14.62 21.96
C PRO D 278 16.87 14.21 20.64
N THR D 279 17.96 13.46 20.69
CA THR D 279 18.60 12.99 19.46
C THR D 279 18.26 11.52 19.21
N MET D 280 18.65 11.04 18.04
CA MET D 280 18.47 9.64 17.70
C MET D 280 19.38 9.30 16.54
N THR D 281 19.63 8.02 16.32
CA THR D 281 20.48 7.60 15.21
C THR D 281 19.59 7.14 14.06
N PHE D 282 20.07 7.30 12.84
CA PHE D 282 19.36 6.86 11.65
C PHE D 282 18.87 5.43 11.82
N ALA D 283 19.74 4.59 12.36
CA ALA D 283 19.40 3.22 12.70
C ALA D 283 18.21 3.19 13.64
N GLU D 284 18.33 3.93 14.75
CA GLU D 284 17.29 3.95 15.77
C GLU D 284 15.94 4.53 15.33
N VAL D 285 15.93 5.61 14.54
CA VAL D 285 14.66 6.12 14.05
C VAL D 285 14.05 5.20 13.02
N LEU D 286 14.88 4.70 12.11
CA LEU D 286 14.39 3.80 11.07
C LEU D 286 13.77 2.55 11.71
N ALA D 287 14.37 2.10 12.81
CA ALA D 287 13.90 0.92 13.53
C ALA D 287 12.68 1.16 14.40
N THR D 288 12.72 2.20 15.23
CA THR D 288 11.72 2.39 16.27
C THR D 288 10.59 3.33 15.86
N TYR D 289 10.67 3.82 14.63
CA TYR D 289 9.68 4.72 14.06
C TYR D 289 9.19 4.25 12.71
N GLY D 290 10.14 3.95 11.82
CA GLY D 290 9.81 3.39 10.52
C GLY D 290 10.11 4.35 9.40
N THR D 291 10.47 5.57 9.75
CA THR D 291 10.99 6.54 8.81
C THR D 291 11.94 7.49 9.55
N ASP D 292 12.86 8.11 8.81
CA ASP D 292 13.82 9.03 9.42
C ASP D 292 13.16 10.32 9.90
N LYS D 293 11.92 10.52 9.49
CA LYS D 293 11.16 11.71 9.88
C LYS D 293 9.90 11.32 10.65
N PRO D 294 10.06 10.97 11.94
CA PRO D 294 8.88 10.51 12.67
C PRO D 294 8.08 11.67 13.28
N ASP D 295 6.91 11.37 13.84
CA ASP D 295 6.09 12.41 14.45
C ASP D 295 6.45 12.75 15.90
N THR D 296 6.69 11.73 16.71
CA THR D 296 7.35 11.85 18.02
C THR D 296 6.48 12.49 19.11
N ARG D 297 5.46 13.24 18.71
CA ARG D 297 4.44 13.76 19.63
C ARG D 297 3.36 12.69 19.81
N PHE D 298 3.19 11.91 18.75
CA PHE D 298 2.30 10.77 18.71
C PHE D 298 2.69 9.78 19.81
N GLY D 299 3.83 9.10 19.65
CA GLY D 299 4.36 8.23 20.69
C GLY D 299 4.10 6.74 20.52
N MET D 300 3.67 6.32 19.33
CA MET D 300 3.30 4.95 19.07
C MET D 300 4.53 4.25 18.52
N LYS D 301 5.13 3.38 19.33
CA LYS D 301 6.48 2.88 19.04
C LYS D 301 6.52 1.49 18.40
N ILE D 302 7.44 1.30 17.47
CA ILE D 302 7.70 -0.01 16.91
C ILE D 302 8.67 -0.72 17.84
N ILE D 303 8.23 -1.83 18.42
CA ILE D 303 9.14 -2.60 19.28
C ILE D 303 9.21 -4.06 18.85
N ASP D 304 10.33 -4.71 19.17
CA ASP D 304 10.63 -6.04 18.66
C ASP D 304 10.34 -7.10 19.70
N ILE D 305 9.28 -7.87 19.46
CA ILE D 305 8.86 -8.94 20.37
C ILE D 305 9.31 -10.34 19.96
N SER D 306 10.12 -10.44 18.90
CA SER D 306 10.53 -11.73 18.35
C SER D 306 11.10 -12.71 19.38
N ASP D 307 11.68 -12.17 20.45
CA ASP D 307 12.33 -12.98 21.48
C ASP D 307 11.36 -13.93 22.17
N VAL D 308 10.10 -13.53 22.28
CA VAL D 308 9.11 -14.38 22.92
C VAL D 308 8.49 -15.37 21.93
N PHE D 309 8.84 -15.22 20.66
CA PHE D 309 8.32 -16.12 19.62
C PHE D 309 9.23 -17.27 19.17
N ARG D 310 10.36 -17.49 19.84
CA ARG D 310 11.21 -18.64 19.55
C ARG D 310 10.42 -19.95 19.63
N ASN D 311 9.64 -20.08 20.70
CA ASN D 311 8.68 -21.16 20.84
C ASN D 311 7.41 -20.80 20.09
N THR D 312 6.31 -21.50 20.37
CA THR D 312 5.03 -21.17 19.73
C THR D 312 5.10 -21.33 18.20
N GLU D 313 5.05 -22.58 17.76
CA GLU D 313 5.29 -22.99 16.38
C GLU D 313 4.11 -22.71 15.46
N ILE D 314 3.22 -21.83 15.90
CA ILE D 314 2.14 -21.34 15.06
C ILE D 314 2.67 -20.91 13.68
N GLY D 315 1.96 -21.37 12.65
CA GLY D 315 2.41 -21.30 11.28
C GLY D 315 2.87 -19.93 10.80
N PHE D 316 2.10 -18.90 11.15
CA PHE D 316 2.42 -17.54 10.74
C PHE D 316 3.84 -17.12 11.15
N LEU D 317 4.08 -17.08 12.45
CA LEU D 317 5.36 -16.65 12.98
C LEU D 317 6.50 -17.62 12.61
N GLN D 318 6.15 -18.89 12.39
CA GLN D 318 7.15 -19.89 11.98
C GLN D 318 8.03 -19.45 10.81
N ASP D 319 7.42 -19.23 9.65
CA ASP D 319 8.16 -18.85 8.45
C ASP D 319 8.79 -17.47 8.58
N ALA D 320 8.26 -16.67 9.50
CA ALA D 320 8.81 -15.34 9.75
C ALA D 320 10.18 -15.45 10.41
N LEU D 321 10.28 -16.29 11.43
CA LEU D 321 11.55 -16.48 12.11
C LEU D 321 12.57 -17.25 11.25
N SER D 322 12.14 -17.70 10.07
CA SER D 322 12.94 -18.56 9.22
C SER D 322 14.14 -17.84 8.55
N LYS D 323 13.85 -16.90 7.65
CA LYS D 323 14.92 -16.14 6.98
C LYS D 323 15.85 -15.51 8.00
N PRO D 324 17.18 -15.56 7.74
CA PRO D 324 18.15 -14.98 8.67
C PRO D 324 17.91 -13.49 8.92
N HIS D 325 17.27 -12.82 7.97
CA HIS D 325 16.96 -11.40 8.11
C HIS D 325 15.54 -11.15 8.61
N GLY D 326 14.80 -12.22 8.91
CA GLY D 326 13.41 -12.10 9.32
C GLY D 326 13.20 -11.81 10.79
N THR D 327 12.06 -11.20 11.10
CA THR D 327 11.72 -10.83 12.48
C THR D 327 10.21 -10.63 12.65
N VAL D 328 9.76 -10.59 13.91
CA VAL D 328 8.36 -10.25 14.20
C VAL D 328 8.22 -9.13 15.21
N LYS D 329 7.69 -7.99 14.75
CA LYS D 329 7.58 -6.79 15.58
C LYS D 329 6.14 -6.34 15.78
N ALA D 330 5.95 -5.32 16.61
CA ALA D 330 4.61 -4.83 16.91
C ALA D 330 4.56 -3.38 17.38
N ILE D 331 3.41 -2.75 17.19
CA ILE D 331 3.12 -1.43 17.75
C ILE D 331 1.88 -1.51 18.63
N CYS D 332 1.83 -0.68 19.66
CA CYS D 332 0.69 -0.68 20.57
C CYS D 332 -0.11 0.62 20.50
N ILE D 333 -1.32 0.56 19.97
CA ILE D 333 -2.19 1.73 20.00
C ILE D 333 -2.98 1.79 21.31
N PRO D 334 -2.75 2.88 22.08
CA PRO D 334 -3.33 3.17 23.39
C PRO D 334 -4.78 3.64 23.30
N GLU D 335 -5.61 3.16 24.24
CA GLU D 335 -7.02 3.55 24.33
C GLU D 335 -7.83 3.12 23.11
N GLY D 336 -7.14 2.58 22.11
CA GLY D 336 -7.77 2.16 20.88
C GLY D 336 -8.71 1.00 21.10
N ALA D 337 -8.54 0.30 22.22
CA ALA D 337 -9.36 -0.85 22.55
C ALA D 337 -10.83 -0.47 22.52
N LYS D 338 -11.23 0.51 23.34
CA LYS D 338 -12.47 1.19 22.98
C LYS D 338 -12.22 2.66 22.71
N TYR D 339 -11.99 2.96 21.44
CA TYR D 339 -12.27 4.26 20.84
C TYR D 339 -12.78 3.95 19.43
N LEU D 340 -11.90 3.35 18.66
CA LEU D 340 -12.22 2.81 17.35
C LEU D 340 -13.30 1.75 17.47
N LYS D 341 -14.23 1.73 16.53
CA LYS D 341 -15.23 0.67 16.47
C LYS D 341 -14.55 -0.60 15.97
N ARG D 342 -15.17 -1.75 16.23
CA ARG D 342 -14.65 -3.02 15.74
C ARG D 342 -14.62 -3.04 14.21
N LYS D 343 -15.29 -2.06 13.61
CA LYS D 343 -15.37 -1.91 12.17
C LYS D 343 -14.05 -1.38 11.58
N ASP D 344 -13.66 -0.17 11.99
CA ASP D 344 -12.51 0.51 11.38
C ASP D 344 -11.14 -0.16 11.59
N ILE D 345 -11.06 -1.20 12.42
CA ILE D 345 -9.82 -1.96 12.54
C ILE D 345 -9.66 -2.86 11.32
N GLU D 346 -10.78 -3.19 10.68
CA GLU D 346 -10.77 -3.90 9.41
C GLU D 346 -10.17 -3.01 8.31
N SER D 347 -10.11 -1.71 8.58
CA SER D 347 -9.44 -0.78 7.68
C SER D 347 -7.93 -0.90 7.89
N ILE D 348 -7.52 -1.10 9.14
CA ILE D 348 -6.11 -1.31 9.45
C ILE D 348 -5.65 -2.59 8.76
N ARG D 349 -6.46 -3.64 8.89
CA ARG D 349 -6.18 -4.91 8.23
C ARG D 349 -6.16 -4.74 6.71
N ASN D 350 -7.11 -3.96 6.19
CA ASN D 350 -7.18 -3.69 4.76
C ASN D 350 -5.98 -2.89 4.25
N PHE D 351 -5.35 -2.15 5.14
CA PHE D 351 -4.22 -1.32 4.78
C PHE D 351 -3.02 -2.16 4.38
N ALA D 352 -3.05 -3.43 4.80
CA ALA D 352 -2.09 -4.41 4.31
C ALA D 352 -2.07 -4.39 2.80
N ALA D 353 -3.25 -4.55 2.20
CA ALA D 353 -3.41 -4.52 0.75
C ALA D 353 -2.82 -3.25 0.14
N ASP D 354 -3.11 -2.10 0.76
CA ASP D 354 -2.60 -0.82 0.29
C ASP D 354 -1.07 -0.77 0.24
N HIS D 355 -0.42 -0.99 1.38
CA HIS D 355 1.02 -0.91 1.44
C HIS D 355 1.66 -2.28 1.47
N PHE D 356 2.26 -2.68 0.34
CA PHE D 356 3.13 -3.86 0.25
C PHE D 356 2.58 -5.07 1.02
N ASN D 357 1.53 -5.70 0.48
CA ASN D 357 0.61 -6.52 1.28
C ASN D 357 1.28 -7.52 2.20
N GLN D 358 0.93 -7.39 3.47
CA GLN D 358 1.55 -8.17 4.53
C GLN D 358 0.54 -8.31 5.65
N GLU D 359 0.49 -9.47 6.29
CA GLU D 359 -0.51 -9.68 7.33
C GLU D 359 -0.21 -8.84 8.57
N ILE D 360 -1.20 -8.08 8.99
CA ILE D 360 -1.14 -7.40 10.28
C ILE D 360 -2.21 -7.97 11.22
N LEU D 361 -1.81 -8.29 12.44
CA LEU D 361 -2.68 -9.00 13.38
C LEU D 361 -3.06 -8.14 14.59
N PRO D 362 -4.34 -7.77 14.67
CA PRO D 362 -4.93 -7.00 15.77
C PRO D 362 -5.15 -7.83 17.04
N VAL D 363 -4.12 -7.98 17.87
CA VAL D 363 -4.26 -8.67 19.15
C VAL D 363 -4.91 -7.77 20.21
N PHE D 364 -6.04 -8.21 20.75
CA PHE D 364 -6.60 -7.56 21.93
C PHE D 364 -6.29 -8.45 23.12
N LEU D 365 -5.33 -8.04 23.95
CA LEU D 365 -4.92 -8.87 25.07
C LEU D 365 -5.53 -8.48 26.42
N ASN D 366 -6.29 -7.38 26.45
CA ASN D 366 -6.92 -6.95 27.70
C ASN D 366 -8.40 -6.61 27.55
N ALA D 367 -8.67 -5.52 26.84
CA ALA D 367 -10.05 -5.05 26.68
C ALA D 367 -10.65 -5.64 25.41
N ASN D 368 -11.94 -5.96 25.47
CA ASN D 368 -12.62 -6.68 24.41
C ASN D 368 -11.97 -8.03 24.15
N ARG D 369 -11.34 -8.57 25.19
CA ARG D 369 -10.65 -9.84 25.14
C ARG D 369 -11.64 -10.96 24.89
N ASN D 370 -11.22 -11.95 24.12
CA ASN D 370 -12.03 -13.13 23.78
C ASN D 370 -13.26 -12.80 22.91
N TRP D 371 -13.52 -11.50 22.73
CA TRP D 371 -14.57 -11.04 21.84
C TRP D 371 -13.93 -10.76 20.48
N ASN D 372 -12.61 -10.89 20.43
CA ASN D 372 -11.83 -10.61 19.23
C ASN D 372 -10.63 -11.54 19.12
N SER D 373 -9.72 -11.21 18.21
CA SER D 373 -8.45 -11.92 18.05
C SER D 373 -8.60 -13.40 17.69
N PRO D 374 -9.06 -13.70 16.46
CA PRO D 374 -9.31 -15.09 16.07
C PRO D 374 -8.07 -15.98 16.08
N VAL D 375 -6.99 -15.53 15.45
CA VAL D 375 -5.71 -16.22 15.50
C VAL D 375 -4.98 -15.87 16.78
N ALA D 376 -5.11 -14.62 17.14
CA ALA D 376 -4.38 -14.04 18.25
C ALA D 376 -4.94 -14.44 19.61
N ASN D 377 -6.05 -15.15 19.63
CA ASN D 377 -6.58 -15.60 20.91
C ASN D 377 -5.61 -16.56 21.57
N PHE D 378 -4.94 -17.36 20.76
CA PHE D 378 -3.92 -18.27 21.27
C PHE D 378 -2.72 -17.48 21.77
N ILE D 379 -2.31 -16.48 21.01
CA ILE D 379 -1.17 -15.65 21.40
C ILE D 379 -1.46 -14.94 22.71
N MET D 380 -2.70 -14.50 22.86
CA MET D 380 -3.15 -13.82 24.07
C MET D 380 -3.14 -14.79 25.25
N GLU D 381 -3.82 -15.92 25.11
CA GLU D 381 -3.93 -16.88 26.20
C GLU D 381 -2.60 -17.58 26.52
N SER D 382 -1.63 -17.47 25.62
CA SER D 382 -0.31 -18.05 25.83
C SER D 382 0.63 -17.04 26.47
N GLN D 383 0.91 -15.98 25.70
CA GLN D 383 1.91 -14.98 26.07
C GLN D 383 1.42 -13.71 26.78
N ARG D 384 0.15 -13.66 27.18
CA ARG D 384 -0.49 -12.41 27.66
C ARG D 384 0.39 -11.56 28.54
N LEU D 385 0.71 -12.05 29.74
CA LEU D 385 1.55 -11.32 30.70
C LEU D 385 2.87 -10.84 30.07
N GLU D 386 3.47 -11.69 29.26
CA GLU D 386 4.74 -11.36 28.60
C GLU D 386 4.59 -10.20 27.61
N LEU D 387 3.51 -10.20 26.85
CA LEU D 387 3.25 -9.11 25.92
C LEU D 387 2.82 -7.84 26.65
N ILE D 388 2.25 -8.01 27.85
CA ILE D 388 1.95 -6.88 28.72
C ILE D 388 3.26 -6.21 29.10
N ARG D 389 4.23 -7.01 29.53
CA ARG D 389 5.54 -6.47 29.89
C ARG D 389 6.24 -5.83 28.69
N LEU D 390 6.42 -6.61 27.63
CA LEU D 390 7.09 -6.14 26.41
C LEU D 390 6.43 -4.92 25.80
N MET D 391 5.22 -5.09 25.25
CA MET D 391 4.53 -3.99 24.59
C MET D 391 4.15 -2.88 25.55
N GLU D 392 4.19 -3.19 26.85
CA GLU D 392 3.81 -2.25 27.90
C GLU D 392 2.43 -1.68 27.61
N THR D 393 1.41 -2.53 27.74
CA THR D 393 0.06 -2.13 27.41
C THR D 393 -0.72 -1.66 28.62
N GLN D 394 -1.94 -1.21 28.39
CA GLN D 394 -2.78 -0.66 29.45
C GLN D 394 -4.12 -1.38 29.48
N GLU D 395 -5.00 -0.90 30.35
CA GLU D 395 -6.35 -1.48 30.50
C GLU D 395 -7.05 -1.66 29.16
N GLU D 396 -7.34 -0.56 28.49
CA GLU D 396 -7.84 -0.64 27.13
C GLU D 396 -6.73 -0.26 26.16
N ASP D 397 -6.22 -1.27 25.47
CA ASP D 397 -5.12 -1.11 24.53
C ASP D 397 -5.27 -2.14 23.43
N VAL D 398 -4.67 -1.89 22.27
CA VAL D 398 -4.64 -2.94 21.24
C VAL D 398 -3.29 -2.96 20.52
N VAL D 399 -2.68 -4.15 20.39
CA VAL D 399 -1.38 -4.26 19.76
C VAL D 399 -1.44 -4.81 18.33
N LEU D 400 -0.98 -4.02 17.38
CA LEU D 400 -0.84 -4.47 15.99
C LEU D 400 0.46 -5.27 15.84
N LEU D 401 0.32 -6.50 15.36
CA LEU D 401 1.42 -7.45 15.36
C LEU D 401 1.75 -7.92 13.94
N THR D 402 2.95 -7.60 13.46
CA THR D 402 3.35 -8.05 12.13
C THR D 402 4.66 -8.82 12.12
N ALA D 403 4.86 -9.59 11.07
CA ALA D 403 6.07 -10.41 10.93
C ALA D 403 6.56 -10.43 9.49
N GLY D 404 7.87 -10.52 9.32
CA GLY D 404 8.49 -10.46 8.00
C GLY D 404 9.92 -9.97 8.09
N GLU D 405 10.43 -9.41 6.99
CA GLU D 405 11.77 -8.83 6.99
C GLU D 405 11.81 -7.65 7.95
N HIS D 406 12.99 -7.36 8.50
CA HIS D 406 13.16 -6.26 9.43
C HIS D 406 12.71 -4.94 8.82
N ASN D 407 13.32 -4.60 7.69
CA ASN D 407 13.04 -3.34 7.00
C ASN D 407 11.58 -3.24 6.55
N LYS D 408 11.09 -4.31 5.94
CA LYS D 408 9.73 -4.35 5.40
C LYS D 408 8.70 -4.10 6.49
N ALA D 409 8.79 -4.88 7.56
CA ALA D 409 7.87 -4.75 8.68
C ALA D 409 8.01 -3.41 9.39
N CYS D 410 9.24 -2.89 9.45
CA CYS D 410 9.44 -1.59 10.07
C CYS D 410 8.78 -0.48 9.28
N SER D 411 8.90 -0.53 7.96
CA SER D 411 8.25 0.43 7.08
C SER D 411 6.74 0.31 7.22
N LEU D 412 6.26 -0.94 7.26
CA LEU D 412 4.83 -1.22 7.44
C LEU D 412 4.27 -0.58 8.69
N LEU D 413 4.75 -1.00 9.86
CA LEU D 413 4.27 -0.44 11.12
C LEU D 413 4.53 1.05 11.20
N GLY D 414 5.54 1.50 10.47
CA GLY D 414 5.87 2.92 10.40
C GLY D 414 4.77 3.75 9.75
N LYS D 415 4.23 3.26 8.65
CA LYS D 415 3.14 3.93 7.96
C LYS D 415 1.83 3.67 8.72
N LEU D 416 1.79 2.52 9.38
CA LEU D 416 0.57 2.04 10.01
C LEU D 416 0.26 2.78 11.29
N ARG D 417 1.30 3.30 11.94
CA ARG D 417 1.05 4.11 13.13
C ARG D 417 0.43 5.43 12.71
N LEU D 418 0.83 5.93 11.54
CA LEU D 418 0.21 7.11 10.96
C LEU D 418 -1.25 6.79 10.63
N GLU D 419 -1.47 5.59 10.13
CA GLU D 419 -2.83 5.13 9.87
C GLU D 419 -3.65 5.17 11.16
N CYS D 420 -3.09 4.65 12.24
CA CYS D 420 -3.73 4.66 13.56
C CYS D 420 -3.92 6.08 14.08
N ALA D 421 -3.11 7.01 13.57
CA ALA D 421 -3.24 8.41 13.96
C ALA D 421 -4.47 8.98 13.32
N ASP D 422 -4.46 9.00 11.99
CA ASP D 422 -5.57 9.55 11.21
C ASP D 422 -6.89 8.82 11.48
N LEU D 423 -6.79 7.59 11.97
CA LEU D 423 -7.97 6.83 12.39
C LEU D 423 -8.44 7.26 13.77
N LEU D 424 -7.61 7.01 14.78
CA LEU D 424 -7.96 7.30 16.17
C LEU D 424 -8.31 8.78 16.41
N GLU D 425 -7.86 9.67 15.53
CA GLU D 425 -8.17 11.10 15.69
C GLU D 425 -9.61 11.43 15.28
N THR D 426 -10.05 10.90 14.14
CA THR D 426 -11.45 10.97 13.78
C THR D 426 -12.18 9.98 14.68
N ARG D 427 -13.47 10.18 14.88
CA ARG D 427 -14.24 9.31 15.76
C ARG D 427 -13.59 9.16 17.14
N GLY D 428 -12.98 10.22 17.64
CA GLY D 428 -12.32 10.18 18.93
C GLY D 428 -11.33 11.29 19.20
N VAL D 429 -10.38 11.02 20.12
CA VAL D 429 -9.38 11.99 20.52
C VAL D 429 -8.26 12.10 19.49
N VAL D 430 -7.69 13.30 19.36
CA VAL D 430 -6.55 13.53 18.48
C VAL D 430 -5.25 13.64 19.29
N LEU D 431 -4.30 12.76 18.98
CA LEU D 431 -3.07 12.71 19.75
C LEU D 431 -1.99 13.65 19.22
N ARG D 432 -2.20 14.15 18.00
CA ARG D 432 -1.26 15.05 17.37
C ARG D 432 -1.88 16.43 17.15
N ASP D 433 -1.52 17.39 17.97
CA ASP D 433 -2.07 18.76 17.88
C ASP D 433 -1.04 19.79 17.43
N PRO D 434 -1.37 20.57 16.40
CA PRO D 434 -0.47 21.63 15.92
C PRO D 434 -0.13 22.63 17.02
N THR D 435 -0.89 22.61 18.10
CA THR D 435 -0.58 23.41 19.27
C THR D 435 0.83 23.12 19.81
N LEU D 436 1.18 21.83 19.94
CA LEU D 436 2.48 21.44 20.47
C LEU D 436 3.49 20.98 19.40
N PHE D 437 4.76 21.29 19.62
CA PHE D 437 5.82 20.97 18.68
C PHE D 437 6.85 20.05 19.30
N SER D 438 7.20 18.99 18.56
CA SER D 438 8.25 18.06 18.98
C SER D 438 9.40 18.02 17.98
N PHE D 439 10.58 18.44 18.43
CA PHE D 439 11.78 18.39 17.59
C PHE D 439 12.59 17.13 17.87
N LEU D 440 13.22 16.57 16.84
CA LEU D 440 14.11 15.42 16.98
C LEU D 440 15.36 15.52 16.10
N TRP D 441 16.52 15.23 16.66
CA TRP D 441 17.76 15.16 15.89
C TRP D 441 17.94 13.76 15.31
N VAL D 442 18.31 13.69 14.04
CA VAL D 442 18.61 12.42 13.41
C VAL D 442 20.04 12.42 12.90
N VAL D 443 20.88 11.59 13.52
CA VAL D 443 22.30 11.61 13.25
C VAL D 443 22.77 10.32 12.59
N ASP D 444 24.06 10.26 12.27
CA ASP D 444 24.71 9.03 11.82
C ASP D 444 24.11 8.39 10.57
N PHE D 445 23.69 9.22 9.61
CA PHE D 445 23.17 8.71 8.35
C PHE D 445 24.25 7.94 7.58
N PRO D 446 23.83 7.10 6.62
CA PRO D 446 24.82 6.47 5.72
C PRO D 446 25.60 7.50 4.92
N LEU D 447 26.85 7.19 4.59
CA LEU D 447 27.67 8.06 3.76
C LEU D 447 27.44 7.89 2.25
N PHE D 448 27.11 6.67 1.83
CA PHE D 448 26.97 6.36 0.41
C PHE D 448 25.78 5.45 0.13
N LEU D 449 25.14 5.63 -1.02
CA LEU D 449 24.02 4.78 -1.44
C LEU D 449 24.11 4.44 -2.94
N PRO D 450 23.75 3.19 -3.31
CA PRO D 450 24.12 2.51 -4.57
C PRO D 450 23.62 3.01 -5.93
N LYS D 451 22.35 3.42 -6.02
CA LYS D 451 21.70 3.64 -7.33
C LYS D 451 21.79 5.12 -7.78
N GLU D 452 21.25 5.55 -8.95
CA GLU D 452 20.39 4.80 -9.89
C GLU D 452 21.09 3.97 -10.96
N GLU D 453 22.38 4.21 -11.18
CA GLU D 453 23.13 3.33 -12.07
C GLU D 453 23.26 2.01 -11.32
N ASN D 454 23.52 0.94 -12.04
CA ASN D 454 23.63 -0.37 -11.42
C ASN D 454 24.62 -0.34 -10.25
N PRO D 455 24.17 -0.78 -9.07
CA PRO D 455 25.10 -0.88 -7.94
C PRO D 455 26.30 -1.73 -8.31
N ARG D 456 27.51 -1.18 -8.08
CA ARG D 456 27.64 0.10 -7.42
C ARG D 456 28.49 1.13 -8.18
N GLU D 457 27.84 2.18 -8.66
CA GLU D 457 28.53 3.42 -9.03
C GLU D 457 28.35 4.39 -7.87
N LEU D 458 27.67 3.86 -6.85
CA LEU D 458 27.28 4.59 -5.65
C LEU D 458 26.54 5.89 -5.95
N GLU D 459 26.78 6.86 -5.06
CA GLU D 459 26.19 8.18 -5.09
C GLU D 459 26.64 8.79 -3.78
N SER D 460 26.57 10.11 -3.66
CA SER D 460 26.77 10.73 -2.37
C SER D 460 25.45 10.65 -1.62
N ALA D 461 25.51 10.24 -0.35
CA ALA D 461 24.32 10.12 0.49
C ALA D 461 23.47 11.38 0.40
N HIS D 462 24.04 12.49 0.86
CA HIS D 462 23.42 13.79 0.76
C HIS D 462 24.32 14.75 0.00
N HIS D 463 25.49 15.02 0.57
CA HIS D 463 26.45 15.93 -0.03
C HIS D 463 27.73 15.15 -0.34
N PRO D 464 28.39 15.49 -1.46
CA PRO D 464 29.65 14.85 -1.85
C PRO D 464 30.67 14.96 -0.74
N PHE D 465 30.79 16.13 -0.11
CA PHE D 465 31.76 16.30 0.96
C PHE D 465 31.02 16.23 2.29
N THR D 466 31.16 15.10 2.97
CA THR D 466 30.55 14.90 4.26
C THR D 466 31.50 14.10 5.13
N ALA D 467 31.80 14.62 6.32
CA ALA D 467 32.74 13.94 7.20
C ALA D 467 32.15 12.65 7.73
N PRO D 468 32.81 11.52 7.43
CA PRO D 468 32.37 10.23 7.97
C PRO D 468 32.57 10.16 9.49
N HIS D 469 31.60 9.61 10.21
CA HIS D 469 31.73 9.38 11.64
C HIS D 469 33.01 8.61 11.76
N PRO D 470 33.96 9.09 12.58
CA PRO D 470 35.33 8.59 12.39
C PRO D 470 35.43 7.08 12.40
N SER D 471 34.98 6.39 13.45
CA SER D 471 34.74 4.94 13.43
C SER D 471 35.71 4.19 12.50
N ASP D 472 37.01 4.33 12.77
CA ASP D 472 38.08 3.75 11.94
C ASP D 472 38.24 4.36 10.52
N ILE D 473 37.21 5.06 10.03
CA ILE D 473 37.22 5.85 8.76
C ILE D 473 37.45 5.02 7.50
N HIS D 474 37.93 3.79 7.69
CA HIS D 474 38.49 2.99 6.61
C HIS D 474 37.45 2.10 5.96
N LEU D 475 36.28 2.05 6.58
CA LEU D 475 35.18 1.28 6.03
C LEU D 475 34.85 1.82 4.64
N LEU D 476 35.27 3.05 4.38
CA LEU D 476 35.22 3.64 3.05
C LEU D 476 35.88 2.74 2.03
N TYR D 477 37.13 2.40 2.30
CA TYR D 477 37.93 1.59 1.40
C TYR D 477 37.56 0.12 1.47
N THR D 478 37.39 -0.40 2.68
CA THR D 478 36.99 -1.79 2.83
C THR D 478 35.65 -2.06 2.15
N GLU D 479 34.59 -1.54 2.74
CA GLU D 479 33.22 -1.74 2.25
C GLU D 479 32.41 -0.45 2.27
N PRO D 480 32.41 0.31 1.15
CA PRO D 480 31.61 1.54 1.16
C PRO D 480 30.13 1.22 1.30
N LYS D 481 29.34 2.25 1.59
CA LYS D 481 27.92 2.12 1.91
C LYS D 481 27.71 1.55 3.32
N LYS D 482 28.76 0.97 3.89
CA LYS D 482 28.70 0.43 5.23
C LYS D 482 29.30 1.43 6.22
N ALA D 483 29.82 2.53 5.69
CA ALA D 483 30.43 3.56 6.52
C ALA D 483 29.46 4.69 6.68
N ARG D 484 29.31 5.18 7.91
CA ARG D 484 28.36 6.25 8.18
C ARG D 484 28.99 7.64 8.06
N SER D 485 28.18 8.68 8.23
CA SER D 485 28.65 10.05 8.11
C SER D 485 28.27 10.89 9.32
N GLN D 486 28.70 12.14 9.31
CA GLN D 486 28.34 13.06 10.37
C GLN D 486 27.13 13.91 9.98
N HIS D 487 26.56 13.61 8.82
CA HIS D 487 25.34 14.30 8.37
C HIS D 487 24.22 14.20 9.41
N TYR D 488 23.48 15.30 9.57
CA TYR D 488 22.40 15.35 10.55
C TYR D 488 21.16 15.98 9.93
N ASP D 489 20.00 15.60 10.46
CA ASP D 489 18.74 16.19 10.02
C ASP D 489 17.90 16.58 11.24
N LEU D 490 17.34 17.78 11.20
CA LEU D 490 16.40 18.20 12.22
C LEU D 490 15.01 17.88 11.71
N VAL D 491 14.22 17.17 12.52
CA VAL D 491 12.83 16.90 12.16
C VAL D 491 11.86 17.54 13.15
N LEU D 492 10.82 18.17 12.62
CA LEU D 492 9.80 18.81 13.43
C LEU D 492 8.42 18.29 13.02
N ASN D 493 7.78 17.58 13.95
CA ASN D 493 6.45 17.02 13.73
C ASN D 493 6.32 16.27 12.40
N GLY D 494 7.27 15.36 12.14
CA GLY D 494 7.20 14.51 10.97
C GLY D 494 7.68 15.17 9.68
N ASN D 495 8.22 16.37 9.79
CA ASN D 495 8.74 17.08 8.63
C ASN D 495 10.24 17.24 8.72
N GLU D 496 10.89 17.39 7.57
CA GLU D 496 12.30 17.72 7.63
C GLU D 496 12.37 19.23 7.61
N ILE D 497 12.67 19.79 8.77
CA ILE D 497 12.69 21.24 8.95
C ILE D 497 14.03 21.80 8.45
N GLY D 498 15.10 21.06 8.72
CA GLY D 498 16.42 21.44 8.24
C GLY D 498 17.39 20.28 8.28
N GLY D 499 18.52 20.44 7.58
CA GLY D 499 19.55 19.42 7.55
C GLY D 499 20.89 19.98 7.14
N GLY D 500 21.95 19.22 7.40
CA GLY D 500 23.30 19.62 7.03
C GLY D 500 24.29 18.56 7.41
N SER D 501 25.58 18.89 7.31
CA SER D 501 26.63 17.95 7.68
C SER D 501 27.88 18.70 8.13
N ILE D 502 28.90 17.94 8.54
CA ILE D 502 30.21 18.52 8.75
C ILE D 502 30.95 18.31 7.44
N ARG D 503 31.19 19.40 6.72
CA ARG D 503 31.86 19.33 5.44
C ARG D 503 33.29 18.91 5.74
N ILE D 504 33.91 18.13 4.86
CA ILE D 504 35.24 17.58 5.16
C ILE D 504 36.39 18.44 4.62
N HIS D 505 37.41 18.62 5.45
CA HIS D 505 38.61 19.39 5.10
C HIS D 505 39.72 18.47 4.63
N ASN D 506 40.91 19.02 4.39
CA ASN D 506 42.07 18.20 4.00
C ASN D 506 41.93 17.38 2.70
N ALA D 507 42.15 18.04 1.57
CA ALA D 507 41.85 17.50 0.24
C ALA D 507 42.34 16.07 0.00
N GLU D 508 43.31 15.62 0.79
CA GLU D 508 43.78 14.24 0.75
C GLU D 508 42.61 13.25 0.78
N LEU D 509 41.69 13.45 1.72
CA LEU D 509 40.54 12.57 1.89
C LEU D 509 39.54 12.75 0.75
N GLN D 510 39.30 14.01 0.39
CA GLN D 510 38.35 14.38 -0.65
C GLN D 510 38.67 13.73 -1.99
N ARG D 511 39.96 13.73 -2.31
CA ARG D 511 40.47 13.30 -3.60
C ARG D 511 39.90 11.96 -4.03
N TYR D 512 40.08 10.94 -3.19
CA TYR D 512 39.70 9.61 -3.61
C TYR D 512 38.20 9.34 -3.55
N ILE D 513 37.48 10.10 -2.72
CA ILE D 513 36.03 9.97 -2.69
C ILE D 513 35.48 10.46 -4.02
N LEU D 514 35.98 11.61 -4.47
CA LEU D 514 35.65 12.10 -5.81
C LEU D 514 36.20 11.18 -6.91
N ALA D 515 37.29 10.46 -6.62
CA ALA D 515 37.87 9.54 -7.59
C ALA D 515 37.01 8.30 -7.83
N THR D 516 36.54 7.68 -6.74
CA THR D 516 35.61 6.55 -6.85
C THR D 516 34.30 7.02 -7.46
N LEU D 517 33.82 8.20 -7.04
CA LEU D 517 32.56 8.70 -7.58
C LEU D 517 32.63 8.94 -9.09
N LEU D 518 33.52 9.82 -9.54
CA LEU D 518 33.78 10.04 -10.97
C LEU D 518 34.85 11.10 -11.21
N LYS D 519 35.43 11.09 -12.41
CA LYS D 519 36.54 11.99 -12.74
C LYS D 519 36.20 12.88 -13.92
N GLU D 520 37.00 13.93 -14.10
CA GLU D 520 36.71 15.06 -14.99
C GLU D 520 35.69 15.98 -14.32
N ASP D 521 35.22 15.55 -13.15
CA ASP D 521 34.46 16.39 -12.23
C ASP D 521 35.47 17.32 -11.59
N VAL D 522 36.74 16.95 -11.73
CA VAL D 522 37.86 17.75 -11.26
C VAL D 522 37.87 19.10 -11.98
N LYS D 523 37.31 19.15 -13.18
CA LYS D 523 37.11 20.41 -13.89
C LYS D 523 36.39 21.39 -12.99
N MET D 524 35.23 20.95 -12.51
CA MET D 524 34.39 21.76 -11.65
C MET D 524 35.03 22.01 -10.29
N LEU D 525 35.42 20.93 -9.62
CA LEU D 525 35.75 21.02 -8.19
C LEU D 525 37.23 21.17 -7.82
N SER D 526 38.12 21.28 -8.81
CA SER D 526 39.54 21.51 -8.48
C SER D 526 39.72 22.91 -7.87
N HIS D 527 38.82 23.83 -8.22
CA HIS D 527 38.86 25.16 -7.63
C HIS D 527 38.53 25.10 -6.14
N LEU D 528 37.72 24.11 -5.77
CA LEU D 528 37.36 23.89 -4.38
C LEU D 528 38.42 23.11 -3.60
N LEU D 529 38.91 22.02 -4.18
CA LEU D 529 39.92 21.20 -3.51
C LEU D 529 41.23 21.99 -3.41
N GLN D 530 41.40 22.96 -4.30
CA GLN D 530 42.50 23.91 -4.20
C GLN D 530 42.40 24.64 -2.87
N ALA D 531 41.19 25.12 -2.58
CA ALA D 531 40.93 25.81 -1.32
C ALA D 531 41.06 24.85 -0.14
N LEU D 532 40.94 23.56 -0.43
CA LEU D 532 41.17 22.56 0.60
C LEU D 532 42.66 22.43 0.92
N ASP D 533 43.50 22.62 -0.10
CA ASP D 533 44.95 22.53 0.09
C ASP D 533 45.59 23.86 0.50
N TYR D 534 44.77 24.90 0.63
CA TYR D 534 45.22 26.23 1.06
C TYR D 534 45.09 26.47 2.57
N GLY D 535 44.85 25.40 3.31
CA GLY D 535 44.65 25.46 4.75
C GLY D 535 43.25 25.82 5.20
N ALA D 536 42.26 25.13 4.63
CA ALA D 536 40.89 25.17 5.10
C ALA D 536 40.79 24.59 6.51
N PRO D 537 40.12 25.30 7.43
CA PRO D 537 39.92 24.82 8.79
C PRO D 537 38.84 23.75 8.84
N PRO D 538 38.78 22.99 9.94
CA PRO D 538 37.60 22.11 10.09
C PRO D 538 36.33 22.96 10.20
N HIS D 539 35.33 22.63 9.41
CA HIS D 539 34.13 23.45 9.37
C HIS D 539 32.87 22.61 9.12
N GLY D 540 31.76 23.04 9.73
CA GLY D 540 30.49 22.37 9.49
C GLY D 540 29.31 23.30 9.70
N GLY D 541 28.20 22.99 9.04
CA GLY D 541 27.03 23.84 9.11
C GLY D 541 25.75 23.12 8.73
N ILE D 542 24.65 23.87 8.73
CA ILE D 542 23.34 23.29 8.51
C ILE D 542 22.45 24.25 7.71
N ALA D 543 21.56 23.69 6.90
CA ALA D 543 20.57 24.48 6.19
C ALA D 543 19.22 24.33 6.89
N LEU D 544 18.43 25.39 6.88
CA LEU D 544 17.13 25.37 7.54
C LEU D 544 16.07 25.83 6.54
N GLY D 545 15.16 24.94 6.17
CA GLY D 545 14.09 25.32 5.26
C GLY D 545 13.18 26.33 5.93
N LEU D 546 13.12 27.53 5.36
CA LEU D 546 12.41 28.62 6.02
C LEU D 546 10.92 28.54 5.83
N ASP D 547 10.51 28.34 4.57
CA ASP D 547 9.09 28.29 4.20
C ASP D 547 8.42 27.11 4.89
N ARG D 548 9.21 26.07 5.09
CA ARG D 548 8.72 24.85 5.72
C ARG D 548 8.47 25.11 7.19
N LEU D 549 9.53 25.44 7.93
CA LEU D 549 9.40 25.77 9.35
C LEU D 549 8.29 26.81 9.62
N ILE D 550 8.24 27.89 8.85
CA ILE D 550 7.23 28.91 9.08
C ILE D 550 5.82 28.36 8.80
N CYS D 551 5.67 27.55 7.75
CA CYS D 551 4.39 26.91 7.49
C CYS D 551 3.98 26.06 8.70
N LEU D 552 4.89 25.20 9.14
CA LEU D 552 4.68 24.30 10.26
C LEU D 552 4.28 25.04 11.53
N VAL D 553 4.88 26.21 11.76
CA VAL D 553 4.58 26.95 12.98
C VAL D 553 3.27 27.73 12.89
N THR D 554 2.94 28.23 11.70
CA THR D 554 1.67 28.95 11.52
C THR D 554 0.49 28.01 11.38
N GLY D 555 0.76 26.74 11.14
CA GLY D 555 -0.29 25.73 11.03
C GLY D 555 -1.02 25.82 9.71
N SER D 556 -0.39 26.45 8.72
CA SER D 556 -0.99 26.61 7.40
C SER D 556 -1.12 25.28 6.67
N PRO D 557 -2.14 25.16 5.81
CA PRO D 557 -2.34 23.97 4.96
C PRO D 557 -1.18 23.74 4.00
N SER D 558 -0.71 24.80 3.35
CA SER D 558 0.40 24.72 2.41
C SER D 558 1.41 25.83 2.65
N ILE D 559 2.63 25.63 2.16
CA ILE D 559 3.68 26.63 2.35
C ILE D 559 3.44 27.88 1.52
N ARG D 560 2.40 27.84 0.68
CA ARG D 560 2.05 28.99 -0.14
C ARG D 560 1.25 30.01 0.67
N ASP D 561 0.87 29.65 1.89
CA ASP D 561 0.17 30.58 2.76
C ASP D 561 1.14 31.38 3.62
N VAL D 562 2.40 30.92 3.67
CA VAL D 562 3.47 31.66 4.36
C VAL D 562 4.37 32.50 3.41
N ILE D 563 4.01 32.53 2.14
CA ILE D 563 4.76 33.27 1.13
C ILE D 563 3.95 34.44 0.58
N ALA D 564 4.59 35.59 0.43
CA ALA D 564 3.94 36.79 -0.09
C ALA D 564 3.21 36.58 -1.42
N PHE D 565 3.96 36.26 -2.47
CA PHE D 565 3.36 36.03 -3.78
C PHE D 565 3.78 34.69 -4.37
N PRO D 566 3.27 33.60 -3.79
CA PRO D 566 3.72 32.26 -4.21
C PRO D 566 3.29 31.90 -5.62
N LYS D 567 3.73 30.74 -6.08
CA LYS D 567 3.40 30.29 -7.43
C LYS D 567 2.90 28.86 -7.33
N SER D 568 1.67 28.65 -7.78
CA SER D 568 1.04 27.36 -7.64
C SER D 568 1.24 26.52 -8.88
N PHE D 569 1.55 25.23 -8.66
CA PHE D 569 1.55 24.28 -9.76
C PHE D 569 2.49 24.61 -10.93
N ARG D 570 3.78 24.34 -10.74
CA ARG D 570 4.78 24.53 -11.79
C ARG D 570 4.86 26.00 -12.20
N GLY D 571 5.42 26.81 -11.30
CA GLY D 571 5.54 28.23 -11.53
C GLY D 571 4.17 28.83 -11.75
N HIS D 572 4.01 29.52 -12.87
CA HIS D 572 2.73 30.08 -13.26
C HIS D 572 2.04 30.87 -12.16
N ASP D 573 2.60 32.02 -11.81
CA ASP D 573 1.95 32.93 -10.88
C ASP D 573 0.59 33.25 -11.49
N LEU D 574 -0.47 33.06 -10.71
CA LEU D 574 -1.82 33.20 -11.24
C LEU D 574 -2.22 34.67 -11.34
N MET D 575 -1.48 35.52 -10.65
CA MET D 575 -1.79 36.95 -10.60
C MET D 575 -1.35 37.69 -11.85
N SER D 576 -0.14 37.39 -12.31
CA SER D 576 0.38 37.98 -13.52
C SER D 576 0.75 36.86 -14.46
N ASN D 577 0.71 37.09 -15.77
CA ASN D 577 0.99 36.01 -16.70
C ASN D 577 2.50 35.79 -16.78
N THR D 578 2.92 34.60 -16.35
CA THR D 578 4.33 34.25 -16.20
C THR D 578 4.43 32.82 -15.67
N PRO D 579 5.37 32.01 -16.20
CA PRO D 579 6.30 32.32 -17.29
C PRO D 579 5.58 32.47 -18.62
N ASP D 580 6.00 33.47 -19.41
CA ASP D 580 5.32 33.80 -20.65
C ASP D 580 6.30 33.75 -21.81
N SER D 581 5.77 33.72 -23.03
CA SER D 581 6.61 33.79 -24.22
C SER D 581 7.08 35.22 -24.45
N VAL D 582 7.69 35.47 -25.61
CA VAL D 582 8.33 36.74 -25.89
C VAL D 582 8.83 36.77 -27.34
N PRO D 583 8.64 37.92 -28.02
CA PRO D 583 9.03 38.11 -29.43
C PRO D 583 10.48 37.73 -29.72
N PRO D 584 10.74 37.11 -30.89
CA PRO D 584 12.01 36.47 -31.24
C PRO D 584 13.22 37.40 -31.16
N GLU D 585 13.05 38.68 -31.44
CA GLU D 585 14.15 39.63 -31.41
C GLU D 585 14.67 39.86 -29.99
N GLU D 586 13.95 39.35 -29.00
CA GLU D 586 14.40 39.42 -27.62
C GLU D 586 15.30 38.22 -27.27
N LEU D 587 15.28 37.19 -28.11
CA LEU D 587 16.18 36.06 -27.95
C LEU D 587 17.50 36.34 -28.68
N LYS D 588 17.49 37.37 -29.53
CA LYS D 588 18.64 37.72 -30.37
C LYS D 588 19.93 38.06 -29.62
N PRO D 589 19.86 38.89 -28.55
CA PRO D 589 21.10 39.21 -27.82
C PRO D 589 21.80 37.99 -27.22
N TYR D 590 21.12 36.87 -27.12
CA TYR D 590 21.70 35.70 -26.48
C TYR D 590 21.95 34.56 -27.48
N HIS D 591 20.87 33.86 -27.83
CA HIS D 591 20.90 32.72 -28.74
C HIS D 591 19.50 32.14 -28.93
#